data_1UGN
# 
_entry.id   1UGN 
# 
_audit_conform.dict_name       mmcif_pdbx.dic 
_audit_conform.dict_version    5.398 
_audit_conform.dict_location   http://mmcif.pdb.org/dictionaries/ascii/mmcif_pdbx.dic 
# 
loop_
_database_2.database_id 
_database_2.database_code 
_database_2.pdbx_database_accession 
_database_2.pdbx_DOI 
PDB   1UGN         pdb_00001ugn 10.2210/pdb1ugn/pdb 
RCSB  RCSB005801   ?            ?                   
WWPDB D_1000005801 ?            ?                   
# 
loop_
_pdbx_audit_revision_history.ordinal 
_pdbx_audit_revision_history.data_content_type 
_pdbx_audit_revision_history.major_revision 
_pdbx_audit_revision_history.minor_revision 
_pdbx_audit_revision_history.revision_date 
1 'Structure model' 1 0 2004-08-10 
2 'Structure model' 1 1 2008-04-27 
3 'Structure model' 1 2 2011-07-13 
4 'Structure model' 1 3 2017-10-04 
5 'Structure model' 1 4 2021-11-10 
6 'Structure model' 1 5 2023-10-25 
7 'Structure model' 1 6 2024-11-06 
# 
_pdbx_audit_revision_details.ordinal             1 
_pdbx_audit_revision_details.revision_ordinal    1 
_pdbx_audit_revision_details.data_content_type   'Structure model' 
_pdbx_audit_revision_details.provider            repository 
_pdbx_audit_revision_details.type                'Initial release' 
_pdbx_audit_revision_details.description         ? 
_pdbx_audit_revision_details.details             ? 
# 
loop_
_pdbx_audit_revision_group.ordinal 
_pdbx_audit_revision_group.revision_ordinal 
_pdbx_audit_revision_group.data_content_type 
_pdbx_audit_revision_group.group 
1 2 'Structure model' 'Version format compliance' 
2 3 'Structure model' 'Version format compliance' 
3 4 'Structure model' 'Refinement description'    
4 5 'Structure model' 'Database references'       
5 6 'Structure model' 'Data collection'           
6 6 'Structure model' 'Refinement description'    
7 7 'Structure model' 'Structure summary'         
# 
loop_
_pdbx_audit_revision_category.ordinal 
_pdbx_audit_revision_category.revision_ordinal 
_pdbx_audit_revision_category.data_content_type 
_pdbx_audit_revision_category.category 
1 4 'Structure model' software                      
2 5 'Structure model' database_2                    
3 5 'Structure model' struct_ref_seq_dif            
4 6 'Structure model' chem_comp_atom                
5 6 'Structure model' chem_comp_bond                
6 6 'Structure model' pdbx_initial_refinement_model 
7 7 'Structure model' pdbx_entry_details            
8 7 'Structure model' pdbx_modification_feature     
# 
loop_
_pdbx_audit_revision_item.ordinal 
_pdbx_audit_revision_item.revision_ordinal 
_pdbx_audit_revision_item.data_content_type 
_pdbx_audit_revision_item.item 
1 5 'Structure model' '_database_2.pdbx_DOI'                
2 5 'Structure model' '_database_2.pdbx_database_accession' 
3 5 'Structure model' '_struct_ref_seq_dif.details'         
# 
_pdbx_database_status.status_code                     REL 
_pdbx_database_status.entry_id                        1UGN 
_pdbx_database_status.recvd_initial_deposition_date   2003-06-17 
_pdbx_database_status.deposit_site                    PDBJ 
_pdbx_database_status.process_site                    PDBJ 
_pdbx_database_status.status_code_sf                  REL 
_pdbx_database_status.SG_entry                        . 
_pdbx_database_status.pdb_format_compatible           Y 
_pdbx_database_status.status_code_mr                  ? 
_pdbx_database_status.status_code_cs                  ? 
_pdbx_database_status.methods_development_category    ? 
_pdbx_database_status.status_code_nmr_data            ? 
# 
loop_
_pdbx_database_related.db_name 
_pdbx_database_related.db_id 
_pdbx_database_related.details 
_pdbx_database_related.content_type 
PDB 1G0X 'The structure of LIR1.03 from the different form of crystal from this crystal.' unspecified 
PDB 1UFU 'The structure of LIR1.03 from the same form of crystal as this crystal.'        unspecified 
# 
loop_
_audit_author.name 
_audit_author.pdbx_ordinal 
'Shiroishi, M.' 1 
'Rasubala, L.'  2 
'Kuroki, K.'    3 
'Amano, K.'     4 
'Tsuchiya, N.'  5 
'Tokunaga, K.'  6 
'Kohda, D.'     7 
'Maenaka, K.'   8 
# 
_citation.id                        primary 
_citation.title                     
'Extensive polymorphisms of LILRB1 (ILT2, LIR1) and their association with HLA-DRB1 shared epitope negative rheumatoid arthritis.' 
_citation.journal_abbrev            Hum.Mol.Genet. 
_citation.journal_volume            14 
_citation.page_first                2469 
_citation.page_last                 2480 
_citation.year                      2005 
_citation.journal_id_ASTM           ? 
_citation.country                   UK 
_citation.journal_id_ISSN           0964-6906 
_citation.journal_id_CSD            ? 
_citation.book_publisher            ? 
_citation.pdbx_database_id_PubMed   16014635 
_citation.pdbx_database_id_DOI      10.1093/hmg/ddi247 
# 
loop_
_citation_author.citation_id 
_citation_author.name 
_citation_author.ordinal 
_citation_author.identifier_ORCID 
primary 'Kuroki, K.'    1  ? 
primary 'Tsuchiya, N.'  2  ? 
primary 'Shiroishi, M.' 3  ? 
primary 'Rasubala, L.'  4  ? 
primary 'Yamashita, Y.' 5  ? 
primary 'Matsuta, K.'   6  ? 
primary 'Fukazawa, T.'  7  ? 
primary 'Kusaoi, M.'    8  ? 
primary 'Murakami, Y.'  9  ? 
primary 'Takiguchi, M.' 10 ? 
primary 'Juji, T.'      11 ? 
primary 'Hashimoto, H.' 12 ? 
primary 'Kohda, D.'     13 ? 
primary 'Maenaka, K.'   14 ? 
primary 'Tokunaga, K.'  15 ? 
# 
loop_
_entity.id 
_entity.type 
_entity.src_method 
_entity.pdbx_description 
_entity.formula_weight 
_entity.pdbx_number_of_molecules 
_entity.pdbx_ec 
_entity.pdbx_mutation 
_entity.pdbx_fragment 
_entity.details 
1 polymer man 'Leukocyte immunoglobulin-like receptor 1' 22085.723 1   ? A70T 'Ligand binding domain (domain1 and 2)' ? 
2 water   nat water                                      18.015    175 ? ?    ?                                       ? 
# 
_entity_name_com.entity_id   1 
_entity_name_com.name        LIR1 
# 
_entity_poly.entity_id                      1 
_entity_poly.type                           'polypeptide(L)' 
_entity_poly.nstd_linkage                   no 
_entity_poly.nstd_monomer                   no 
_entity_poly.pdbx_seq_one_letter_code       
;GHLPKPTLWAEPGSVITQGSPVTLRCQGGQETQEYRLYREKKTAPWITRIPQELVKKGQFPIPSITWEHTGRYRCYYGSD
TAGRSESSDPLELVVTGAYIKPTLSAQPSPVVNSGGNVTLQCDSQVAFDGFILCKEGEDEHPQCLNSQPHARGSSRAIFS
VGPVSPSRRWWYRCYAYDSNSPYEWSLPSDLLELLVLG
;
_entity_poly.pdbx_seq_one_letter_code_can   
;GHLPKPTLWAEPGSVITQGSPVTLRCQGGQETQEYRLYREKKTAPWITRIPQELVKKGQFPIPSITWEHTGRYRCYYGSD
TAGRSESSDPLELVVTGAYIKPTLSAQPSPVVNSGGNVTLQCDSQVAFDGFILCKEGEDEHPQCLNSQPHARGSSRAIFS
VGPVSPSRRWWYRCYAYDSNSPYEWSLPSDLLELLVLG
;
_entity_poly.pdbx_strand_id                 A 
_entity_poly.pdbx_target_identifier         ? 
# 
_pdbx_entity_nonpoly.entity_id   2 
_pdbx_entity_nonpoly.name        water 
_pdbx_entity_nonpoly.comp_id     HOH 
# 
loop_
_entity_poly_seq.entity_id 
_entity_poly_seq.num 
_entity_poly_seq.mon_id 
_entity_poly_seq.hetero 
1 1   GLY n 
1 2   HIS n 
1 3   LEU n 
1 4   PRO n 
1 5   LYS n 
1 6   PRO n 
1 7   THR n 
1 8   LEU n 
1 9   TRP n 
1 10  ALA n 
1 11  GLU n 
1 12  PRO n 
1 13  GLY n 
1 14  SER n 
1 15  VAL n 
1 16  ILE n 
1 17  THR n 
1 18  GLN n 
1 19  GLY n 
1 20  SER n 
1 21  PRO n 
1 22  VAL n 
1 23  THR n 
1 24  LEU n 
1 25  ARG n 
1 26  CYS n 
1 27  GLN n 
1 28  GLY n 
1 29  GLY n 
1 30  GLN n 
1 31  GLU n 
1 32  THR n 
1 33  GLN n 
1 34  GLU n 
1 35  TYR n 
1 36  ARG n 
1 37  LEU n 
1 38  TYR n 
1 39  ARG n 
1 40  GLU n 
1 41  LYS n 
1 42  LYS n 
1 43  THR n 
1 44  ALA n 
1 45  PRO n 
1 46  TRP n 
1 47  ILE n 
1 48  THR n 
1 49  ARG n 
1 50  ILE n 
1 51  PRO n 
1 52  GLN n 
1 53  GLU n 
1 54  LEU n 
1 55  VAL n 
1 56  LYS n 
1 57  LYS n 
1 58  GLY n 
1 59  GLN n 
1 60  PHE n 
1 61  PRO n 
1 62  ILE n 
1 63  PRO n 
1 64  SER n 
1 65  ILE n 
1 66  THR n 
1 67  TRP n 
1 68  GLU n 
1 69  HIS n 
1 70  THR n 
1 71  GLY n 
1 72  ARG n 
1 73  TYR n 
1 74  ARG n 
1 75  CYS n 
1 76  TYR n 
1 77  TYR n 
1 78  GLY n 
1 79  SER n 
1 80  ASP n 
1 81  THR n 
1 82  ALA n 
1 83  GLY n 
1 84  ARG n 
1 85  SER n 
1 86  GLU n 
1 87  SER n 
1 88  SER n 
1 89  ASP n 
1 90  PRO n 
1 91  LEU n 
1 92  GLU n 
1 93  LEU n 
1 94  VAL n 
1 95  VAL n 
1 96  THR n 
1 97  GLY n 
1 98  ALA n 
1 99  TYR n 
1 100 ILE n 
1 101 LYS n 
1 102 PRO n 
1 103 THR n 
1 104 LEU n 
1 105 SER n 
1 106 ALA n 
1 107 GLN n 
1 108 PRO n 
1 109 SER n 
1 110 PRO n 
1 111 VAL n 
1 112 VAL n 
1 113 ASN n 
1 114 SER n 
1 115 GLY n 
1 116 GLY n 
1 117 ASN n 
1 118 VAL n 
1 119 THR n 
1 120 LEU n 
1 121 GLN n 
1 122 CYS n 
1 123 ASP n 
1 124 SER n 
1 125 GLN n 
1 126 VAL n 
1 127 ALA n 
1 128 PHE n 
1 129 ASP n 
1 130 GLY n 
1 131 PHE n 
1 132 ILE n 
1 133 LEU n 
1 134 CYS n 
1 135 LYS n 
1 136 GLU n 
1 137 GLY n 
1 138 GLU n 
1 139 ASP n 
1 140 GLU n 
1 141 HIS n 
1 142 PRO n 
1 143 GLN n 
1 144 CYS n 
1 145 LEU n 
1 146 ASN n 
1 147 SER n 
1 148 GLN n 
1 149 PRO n 
1 150 HIS n 
1 151 ALA n 
1 152 ARG n 
1 153 GLY n 
1 154 SER n 
1 155 SER n 
1 156 ARG n 
1 157 ALA n 
1 158 ILE n 
1 159 PHE n 
1 160 SER n 
1 161 VAL n 
1 162 GLY n 
1 163 PRO n 
1 164 VAL n 
1 165 SER n 
1 166 PRO n 
1 167 SER n 
1 168 ARG n 
1 169 ARG n 
1 170 TRP n 
1 171 TRP n 
1 172 TYR n 
1 173 ARG n 
1 174 CYS n 
1 175 TYR n 
1 176 ALA n 
1 177 TYR n 
1 178 ASP n 
1 179 SER n 
1 180 ASN n 
1 181 SER n 
1 182 PRO n 
1 183 TYR n 
1 184 GLU n 
1 185 TRP n 
1 186 SER n 
1 187 LEU n 
1 188 PRO n 
1 189 SER n 
1 190 ASP n 
1 191 LEU n 
1 192 LEU n 
1 193 GLU n 
1 194 LEU n 
1 195 LEU n 
1 196 VAL n 
1 197 LEU n 
1 198 GLY n 
# 
_entity_src_gen.entity_id                          1 
_entity_src_gen.pdbx_src_id                        1 
_entity_src_gen.pdbx_alt_source_flag               sample 
_entity_src_gen.pdbx_seq_type                      ? 
_entity_src_gen.pdbx_beg_seq_num                   ? 
_entity_src_gen.pdbx_end_seq_num                   ? 
_entity_src_gen.gene_src_common_name               human 
_entity_src_gen.gene_src_genus                     Homo 
_entity_src_gen.pdbx_gene_src_gene                 ? 
_entity_src_gen.gene_src_species                   ? 
_entity_src_gen.gene_src_strain                    ? 
_entity_src_gen.gene_src_tissue                    ? 
_entity_src_gen.gene_src_tissue_fraction           ? 
_entity_src_gen.gene_src_details                   ? 
_entity_src_gen.pdbx_gene_src_fragment             ? 
_entity_src_gen.pdbx_gene_src_scientific_name      'Homo sapiens' 
_entity_src_gen.pdbx_gene_src_ncbi_taxonomy_id     9606 
_entity_src_gen.pdbx_gene_src_variant              ? 
_entity_src_gen.pdbx_gene_src_cell_line            ? 
_entity_src_gen.pdbx_gene_src_atcc                 ? 
_entity_src_gen.pdbx_gene_src_organ                ? 
_entity_src_gen.pdbx_gene_src_organelle            ? 
_entity_src_gen.pdbx_gene_src_cell                 ? 
_entity_src_gen.pdbx_gene_src_cellular_location    ? 
_entity_src_gen.host_org_common_name               ? 
_entity_src_gen.pdbx_host_org_scientific_name      'Escherichia coli BL21(DE3)' 
_entity_src_gen.pdbx_host_org_ncbi_taxonomy_id     469008 
_entity_src_gen.host_org_genus                     Escherichia 
_entity_src_gen.pdbx_host_org_gene                 ? 
_entity_src_gen.pdbx_host_org_organ                ? 
_entity_src_gen.host_org_species                   'Escherichia coli' 
_entity_src_gen.pdbx_host_org_tissue               ? 
_entity_src_gen.pdbx_host_org_tissue_fraction      ? 
_entity_src_gen.pdbx_host_org_strain               'BL21(DE3)' 
_entity_src_gen.pdbx_host_org_variant              ? 
_entity_src_gen.pdbx_host_org_cell_line            ? 
_entity_src_gen.pdbx_host_org_atcc                 ? 
_entity_src_gen.pdbx_host_org_culture_collection   ? 
_entity_src_gen.pdbx_host_org_cell                 ? 
_entity_src_gen.pdbx_host_org_organelle            ? 
_entity_src_gen.pdbx_host_org_cellular_location    ? 
_entity_src_gen.pdbx_host_org_vector_type          plasmid 
_entity_src_gen.pdbx_host_org_vector               ? 
_entity_src_gen.host_org_details                   ? 
_entity_src_gen.expression_system_id               ? 
_entity_src_gen.plasmid_name                       pGMT7 
_entity_src_gen.plasmid_details                    ? 
_entity_src_gen.pdbx_description                   ? 
# 
loop_
_chem_comp.id 
_chem_comp.type 
_chem_comp.mon_nstd_flag 
_chem_comp.name 
_chem_comp.pdbx_synonyms 
_chem_comp.formula 
_chem_comp.formula_weight 
ALA 'L-peptide linking' y ALANINE         ? 'C3 H7 N O2'     89.093  
ARG 'L-peptide linking' y ARGININE        ? 'C6 H15 N4 O2 1' 175.209 
ASN 'L-peptide linking' y ASPARAGINE      ? 'C4 H8 N2 O3'    132.118 
ASP 'L-peptide linking' y 'ASPARTIC ACID' ? 'C4 H7 N O4'     133.103 
CYS 'L-peptide linking' y CYSTEINE        ? 'C3 H7 N O2 S'   121.158 
GLN 'L-peptide linking' y GLUTAMINE       ? 'C5 H10 N2 O3'   146.144 
GLU 'L-peptide linking' y 'GLUTAMIC ACID' ? 'C5 H9 N O4'     147.129 
GLY 'peptide linking'   y GLYCINE         ? 'C2 H5 N O2'     75.067  
HIS 'L-peptide linking' y HISTIDINE       ? 'C6 H10 N3 O2 1' 156.162 
HOH non-polymer         . WATER           ? 'H2 O'           18.015  
ILE 'L-peptide linking' y ISOLEUCINE      ? 'C6 H13 N O2'    131.173 
LEU 'L-peptide linking' y LEUCINE         ? 'C6 H13 N O2'    131.173 
LYS 'L-peptide linking' y LYSINE          ? 'C6 H15 N2 O2 1' 147.195 
PHE 'L-peptide linking' y PHENYLALANINE   ? 'C9 H11 N O2'    165.189 
PRO 'L-peptide linking' y PROLINE         ? 'C5 H9 N O2'     115.130 
SER 'L-peptide linking' y SERINE          ? 'C3 H7 N O3'     105.093 
THR 'L-peptide linking' y THREONINE       ? 'C4 H9 N O3'     119.119 
TRP 'L-peptide linking' y TRYPTOPHAN      ? 'C11 H12 N2 O2'  204.225 
TYR 'L-peptide linking' y TYROSINE        ? 'C9 H11 N O3'    181.189 
VAL 'L-peptide linking' y VALINE          ? 'C5 H11 N O2'    117.146 
# 
loop_
_pdbx_poly_seq_scheme.asym_id 
_pdbx_poly_seq_scheme.entity_id 
_pdbx_poly_seq_scheme.seq_id 
_pdbx_poly_seq_scheme.mon_id 
_pdbx_poly_seq_scheme.ndb_seq_num 
_pdbx_poly_seq_scheme.pdb_seq_num 
_pdbx_poly_seq_scheme.auth_seq_num 
_pdbx_poly_seq_scheme.pdb_mon_id 
_pdbx_poly_seq_scheme.auth_mon_id 
_pdbx_poly_seq_scheme.pdb_strand_id 
_pdbx_poly_seq_scheme.pdb_ins_code 
_pdbx_poly_seq_scheme.hetero 
A 1 1   GLY 1   1   1   GLY GLY A . n 
A 1 2   HIS 2   2   2   HIS HIS A . n 
A 1 3   LEU 3   3   3   LEU LEU A . n 
A 1 4   PRO 4   4   4   PRO PRO A . n 
A 1 5   LYS 5   5   5   LYS LYS A . n 
A 1 6   PRO 6   6   6   PRO PRO A . n 
A 1 7   THR 7   7   7   THR THR A . n 
A 1 8   LEU 8   8   8   LEU LEU A . n 
A 1 9   TRP 9   9   9   TRP TRP A . n 
A 1 10  ALA 10  10  10  ALA ALA A . n 
A 1 11  GLU 11  11  11  GLU GLU A . n 
A 1 12  PRO 12  12  12  PRO PRO A . n 
A 1 13  GLY 13  13  13  GLY GLY A . n 
A 1 14  SER 14  14  14  SER SER A . n 
A 1 15  VAL 15  15  15  VAL VAL A . n 
A 1 16  ILE 16  16  16  ILE ILE A . n 
A 1 17  THR 17  17  17  THR THR A . n 
A 1 18  GLN 18  18  18  GLN GLN A . n 
A 1 19  GLY 19  19  19  GLY GLY A . n 
A 1 20  SER 20  20  20  SER SER A . n 
A 1 21  PRO 21  21  21  PRO PRO A . n 
A 1 22  VAL 22  22  22  VAL VAL A . n 
A 1 23  THR 23  23  23  THR THR A . n 
A 1 24  LEU 24  24  24  LEU LEU A . n 
A 1 25  ARG 25  25  25  ARG ARG A . n 
A 1 26  CYS 26  26  26  CYS CYS A . n 
A 1 27  GLN 27  27  27  GLN GLN A . n 
A 1 28  GLY 28  28  28  GLY GLY A . n 
A 1 29  GLY 29  29  29  GLY GLY A . n 
A 1 30  GLN 30  30  30  GLN GLN A . n 
A 1 31  GLU 31  31  31  GLU GLU A . n 
A 1 32  THR 32  32  32  THR THR A . n 
A 1 33  GLN 33  33  33  GLN GLN A . n 
A 1 34  GLU 34  34  34  GLU GLU A . n 
A 1 35  TYR 35  35  35  TYR TYR A . n 
A 1 36  ARG 36  36  36  ARG ARG A . n 
A 1 37  LEU 37  37  37  LEU LEU A . n 
A 1 38  TYR 38  38  38  TYR TYR A . n 
A 1 39  ARG 39  39  39  ARG ARG A . n 
A 1 40  GLU 40  40  40  GLU GLU A . n 
A 1 41  LYS 41  41  41  LYS LYS A . n 
A 1 42  LYS 42  42  42  LYS LYS A . n 
A 1 43  THR 43  43  43  THR THR A . n 
A 1 44  ALA 44  44  44  ALA ALA A . n 
A 1 45  PRO 45  45  45  PRO PRO A . n 
A 1 46  TRP 46  46  46  TRP TRP A . n 
A 1 47  ILE 47  47  47  ILE ILE A . n 
A 1 48  THR 48  48  48  THR THR A . n 
A 1 49  ARG 49  49  49  ARG ARG A . n 
A 1 50  ILE 50  50  50  ILE ILE A . n 
A 1 51  PRO 51  51  51  PRO PRO A . n 
A 1 52  GLN 52  52  52  GLN GLN A . n 
A 1 53  GLU 53  53  53  GLU GLU A . n 
A 1 54  LEU 54  54  54  LEU LEU A . n 
A 1 55  VAL 55  55  55  VAL VAL A . n 
A 1 56  LYS 56  56  56  LYS LYS A . n 
A 1 57  LYS 57  57  57  LYS LYS A . n 
A 1 58  GLY 58  58  58  GLY GLY A . n 
A 1 59  GLN 59  59  59  GLN GLN A . n 
A 1 60  PHE 60  60  60  PHE PHE A . n 
A 1 61  PRO 61  61  61  PRO PRO A . n 
A 1 62  ILE 62  62  62  ILE ILE A . n 
A 1 63  PRO 63  63  63  PRO PRO A . n 
A 1 64  SER 64  64  64  SER SER A . n 
A 1 65  ILE 65  65  65  ILE ILE A . n 
A 1 66  THR 66  66  66  THR THR A . n 
A 1 67  TRP 67  67  67  TRP TRP A . n 
A 1 68  GLU 68  68  68  GLU GLU A . n 
A 1 69  HIS 69  69  69  HIS HIS A . n 
A 1 70  THR 70  70  70  THR THR A . n 
A 1 71  GLY 71  71  71  GLY GLY A . n 
A 1 72  ARG 72  72  72  ARG ARG A . n 
A 1 73  TYR 73  73  73  TYR TYR A . n 
A 1 74  ARG 74  74  74  ARG ARG A . n 
A 1 75  CYS 75  75  75  CYS CYS A . n 
A 1 76  TYR 76  76  76  TYR TYR A . n 
A 1 77  TYR 77  77  77  TYR TYR A . n 
A 1 78  GLY 78  78  78  GLY GLY A . n 
A 1 79  SER 79  79  79  SER SER A . n 
A 1 80  ASP 80  80  80  ASP ASP A . n 
A 1 81  THR 81  81  81  THR THR A . n 
A 1 82  ALA 82  82  82  ALA ALA A . n 
A 1 83  GLY 83  83  83  GLY GLY A . n 
A 1 84  ARG 84  84  84  ARG ARG A . n 
A 1 85  SER 85  85  85  SER SER A . n 
A 1 86  GLU 86  86  86  GLU GLU A . n 
A 1 87  SER 87  87  87  SER SER A . n 
A 1 88  SER 88  88  88  SER SER A . n 
A 1 89  ASP 89  89  89  ASP ASP A . n 
A 1 90  PRO 90  90  90  PRO PRO A . n 
A 1 91  LEU 91  91  91  LEU LEU A . n 
A 1 92  GLU 92  92  92  GLU GLU A . n 
A 1 93  LEU 93  93  93  LEU LEU A . n 
A 1 94  VAL 94  94  94  VAL VAL A . n 
A 1 95  VAL 95  95  95  VAL VAL A . n 
A 1 96  THR 96  96  96  THR THR A . n 
A 1 97  GLY 97  97  97  GLY GLY A . n 
A 1 98  ALA 98  98  98  ALA ALA A . n 
A 1 99  TYR 99  99  99  TYR TYR A . n 
A 1 100 ILE 100 100 100 ILE ILE A . n 
A 1 101 LYS 101 101 101 LYS LYS A . n 
A 1 102 PRO 102 102 102 PRO PRO A . n 
A 1 103 THR 103 103 103 THR THR A . n 
A 1 104 LEU 104 104 104 LEU LEU A . n 
A 1 105 SER 105 105 105 SER SER A . n 
A 1 106 ALA 106 106 106 ALA ALA A . n 
A 1 107 GLN 107 107 107 GLN GLN A . n 
A 1 108 PRO 108 108 108 PRO PRO A . n 
A 1 109 SER 109 109 109 SER SER A . n 
A 1 110 PRO 110 110 110 PRO PRO A . n 
A 1 111 VAL 111 111 111 VAL VAL A . n 
A 1 112 VAL 112 112 112 VAL VAL A . n 
A 1 113 ASN 113 113 113 ASN ASN A . n 
A 1 114 SER 114 114 114 SER SER A . n 
A 1 115 GLY 115 115 115 GLY GLY A . n 
A 1 116 GLY 116 116 116 GLY GLY A . n 
A 1 117 ASN 117 117 117 ASN ASN A . n 
A 1 118 VAL 118 118 118 VAL VAL A . n 
A 1 119 THR 119 119 119 THR THR A . n 
A 1 120 LEU 120 120 120 LEU LEU A . n 
A 1 121 GLN 121 121 121 GLN GLN A . n 
A 1 122 CYS 122 122 122 CYS CYS A . n 
A 1 123 ASP 123 123 123 ASP ASP A . n 
A 1 124 SER 124 124 124 SER SER A . n 
A 1 125 GLN 125 125 125 GLN GLN A . n 
A 1 126 VAL 126 126 126 VAL VAL A . n 
A 1 127 ALA 127 127 127 ALA ALA A . n 
A 1 128 PHE 128 128 128 PHE PHE A . n 
A 1 129 ASP 129 129 129 ASP ASP A . n 
A 1 130 GLY 130 130 130 GLY GLY A . n 
A 1 131 PHE 131 131 131 PHE PHE A . n 
A 1 132 ILE 132 132 132 ILE ILE A . n 
A 1 133 LEU 133 133 133 LEU LEU A . n 
A 1 134 CYS 134 134 134 CYS CYS A . n 
A 1 135 LYS 135 135 135 LYS LYS A . n 
A 1 136 GLU 136 136 136 GLU GLU A . n 
A 1 137 GLY 137 137 ?   ?   ?   A . n 
A 1 138 GLU 138 138 ?   ?   ?   A . n 
A 1 139 ASP 139 139 ?   ?   ?   A . n 
A 1 140 GLU 140 140 ?   ?   ?   A . n 
A 1 141 HIS 141 141 ?   ?   ?   A . n 
A 1 142 PRO 142 142 ?   ?   ?   A . n 
A 1 143 GLN 143 143 143 GLN GLN A . n 
A 1 144 CYS 144 144 144 CYS CYS A . n 
A 1 145 LEU 145 145 145 LEU LEU A . n 
A 1 146 ASN 146 146 146 ASN ASN A . n 
A 1 147 SER 147 147 147 SER SER A . n 
A 1 148 GLN 148 148 ?   ?   ?   A . n 
A 1 149 PRO 149 149 ?   ?   ?   A . n 
A 1 150 HIS 150 150 ?   ?   ?   A . n 
A 1 151 ALA 151 151 ?   ?   ?   A . n 
A 1 152 ARG 152 152 ?   ?   ?   A . n 
A 1 153 GLY 153 153 ?   ?   ?   A . n 
A 1 154 SER 154 154 154 SER SER A . n 
A 1 155 SER 155 155 155 SER SER A . n 
A 1 156 ARG 156 156 156 ARG ARG A . n 
A 1 157 ALA 157 157 157 ALA ALA A . n 
A 1 158 ILE 158 158 158 ILE ILE A . n 
A 1 159 PHE 159 159 159 PHE PHE A . n 
A 1 160 SER 160 160 160 SER SER A . n 
A 1 161 VAL 161 161 161 VAL VAL A . n 
A 1 162 GLY 162 162 162 GLY GLY A . n 
A 1 163 PRO 163 163 163 PRO PRO A . n 
A 1 164 VAL 164 164 164 VAL VAL A . n 
A 1 165 SER 165 165 165 SER SER A . n 
A 1 166 PRO 166 166 166 PRO PRO A . n 
A 1 167 SER 167 167 167 SER SER A . n 
A 1 168 ARG 168 168 168 ARG ARG A . n 
A 1 169 ARG 169 169 169 ARG ARG A . n 
A 1 170 TRP 170 170 170 TRP TRP A . n 
A 1 171 TRP 171 171 171 TRP TRP A . n 
A 1 172 TYR 172 172 172 TYR TYR A . n 
A 1 173 ARG 173 173 173 ARG ARG A . n 
A 1 174 CYS 174 174 174 CYS CYS A . n 
A 1 175 TYR 175 175 175 TYR TYR A . n 
A 1 176 ALA 176 176 176 ALA ALA A . n 
A 1 177 TYR 177 177 177 TYR TYR A . n 
A 1 178 ASP 178 178 178 ASP ASP A . n 
A 1 179 SER 179 179 179 SER SER A . n 
A 1 180 ASN 180 180 180 ASN ASN A . n 
A 1 181 SER 181 181 181 SER SER A . n 
A 1 182 PRO 182 182 182 PRO PRO A . n 
A 1 183 TYR 183 183 183 TYR TYR A . n 
A 1 184 GLU 184 184 184 GLU GLU A . n 
A 1 185 TRP 185 185 185 TRP TRP A . n 
A 1 186 SER 186 186 186 SER SER A . n 
A 1 187 LEU 187 187 187 LEU LEU A . n 
A 1 188 PRO 188 188 188 PRO PRO A . n 
A 1 189 SER 189 189 189 SER SER A . n 
A 1 190 ASP 190 190 190 ASP ASP A . n 
A 1 191 LEU 191 191 191 LEU LEU A . n 
A 1 192 LEU 192 192 192 LEU LEU A . n 
A 1 193 GLU 193 193 193 GLU GLU A . n 
A 1 194 LEU 194 194 194 LEU LEU A . n 
A 1 195 LEU 195 195 195 LEU LEU A . n 
A 1 196 VAL 196 196 196 VAL VAL A . n 
A 1 197 LEU 197 197 197 LEU LEU A . n 
A 1 198 GLY 198 198 198 GLY GLY A . n 
# 
loop_
_pdbx_nonpoly_scheme.asym_id 
_pdbx_nonpoly_scheme.entity_id 
_pdbx_nonpoly_scheme.mon_id 
_pdbx_nonpoly_scheme.ndb_seq_num 
_pdbx_nonpoly_scheme.pdb_seq_num 
_pdbx_nonpoly_scheme.auth_seq_num 
_pdbx_nonpoly_scheme.pdb_mon_id 
_pdbx_nonpoly_scheme.auth_mon_id 
_pdbx_nonpoly_scheme.pdb_strand_id 
_pdbx_nonpoly_scheme.pdb_ins_code 
B 2 HOH 1   199 1   HOH WAT A . 
B 2 HOH 2   200 2   HOH WAT A . 
B 2 HOH 3   201 3   HOH WAT A . 
B 2 HOH 4   202 4   HOH WAT A . 
B 2 HOH 5   203 5   HOH WAT A . 
B 2 HOH 6   204 6   HOH WAT A . 
B 2 HOH 7   205 7   HOH WAT A . 
B 2 HOH 8   206 8   HOH WAT A . 
B 2 HOH 9   207 9   HOH WAT A . 
B 2 HOH 10  208 10  HOH WAT A . 
B 2 HOH 11  209 11  HOH WAT A . 
B 2 HOH 12  210 12  HOH WAT A . 
B 2 HOH 13  211 13  HOH WAT A . 
B 2 HOH 14  212 14  HOH WAT A . 
B 2 HOH 15  213 15  HOH WAT A . 
B 2 HOH 16  214 16  HOH WAT A . 
B 2 HOH 17  215 17  HOH WAT A . 
B 2 HOH 18  216 18  HOH WAT A . 
B 2 HOH 19  217 19  HOH WAT A . 
B 2 HOH 20  218 20  HOH WAT A . 
B 2 HOH 21  219 21  HOH WAT A . 
B 2 HOH 22  220 22  HOH WAT A . 
B 2 HOH 23  221 23  HOH WAT A . 
B 2 HOH 24  222 24  HOH WAT A . 
B 2 HOH 25  223 25  HOH WAT A . 
B 2 HOH 26  224 26  HOH WAT A . 
B 2 HOH 27  225 27  HOH WAT A . 
B 2 HOH 28  226 28  HOH WAT A . 
B 2 HOH 29  227 29  HOH WAT A . 
B 2 HOH 30  228 30  HOH WAT A . 
B 2 HOH 31  229 31  HOH WAT A . 
B 2 HOH 32  230 32  HOH WAT A . 
B 2 HOH 33  231 33  HOH WAT A . 
B 2 HOH 34  232 34  HOH WAT A . 
B 2 HOH 35  233 35  HOH WAT A . 
B 2 HOH 36  234 36  HOH WAT A . 
B 2 HOH 37  235 37  HOH WAT A . 
B 2 HOH 38  236 38  HOH WAT A . 
B 2 HOH 39  237 39  HOH WAT A . 
B 2 HOH 40  238 40  HOH WAT A . 
B 2 HOH 41  239 41  HOH WAT A . 
B 2 HOH 42  240 42  HOH WAT A . 
B 2 HOH 43  241 43  HOH WAT A . 
B 2 HOH 44  242 44  HOH WAT A . 
B 2 HOH 45  243 45  HOH WAT A . 
B 2 HOH 46  244 46  HOH WAT A . 
B 2 HOH 47  245 47  HOH WAT A . 
B 2 HOH 48  246 48  HOH WAT A . 
B 2 HOH 49  247 49  HOH WAT A . 
B 2 HOH 50  248 50  HOH WAT A . 
B 2 HOH 51  249 51  HOH WAT A . 
B 2 HOH 52  250 52  HOH WAT A . 
B 2 HOH 53  251 53  HOH WAT A . 
B 2 HOH 54  252 54  HOH WAT A . 
B 2 HOH 55  253 55  HOH WAT A . 
B 2 HOH 56  254 56  HOH WAT A . 
B 2 HOH 57  255 57  HOH WAT A . 
B 2 HOH 58  256 58  HOH WAT A . 
B 2 HOH 59  257 59  HOH WAT A . 
B 2 HOH 60  258 60  HOH WAT A . 
B 2 HOH 61  259 61  HOH WAT A . 
B 2 HOH 62  260 62  HOH WAT A . 
B 2 HOH 63  261 63  HOH WAT A . 
B 2 HOH 64  262 64  HOH WAT A . 
B 2 HOH 65  263 65  HOH WAT A . 
B 2 HOH 66  264 66  HOH WAT A . 
B 2 HOH 67  265 67  HOH WAT A . 
B 2 HOH 68  266 68  HOH WAT A . 
B 2 HOH 69  267 69  HOH WAT A . 
B 2 HOH 70  268 70  HOH WAT A . 
B 2 HOH 71  269 71  HOH WAT A . 
B 2 HOH 72  270 72  HOH WAT A . 
B 2 HOH 73  271 73  HOH WAT A . 
B 2 HOH 74  272 74  HOH WAT A . 
B 2 HOH 75  273 75  HOH WAT A . 
B 2 HOH 76  274 76  HOH WAT A . 
B 2 HOH 77  275 77  HOH WAT A . 
B 2 HOH 78  276 78  HOH WAT A . 
B 2 HOH 79  277 79  HOH WAT A . 
B 2 HOH 80  278 80  HOH WAT A . 
B 2 HOH 81  279 81  HOH WAT A . 
B 2 HOH 82  280 82  HOH WAT A . 
B 2 HOH 83  281 83  HOH WAT A . 
B 2 HOH 84  282 84  HOH WAT A . 
B 2 HOH 85  283 85  HOH WAT A . 
B 2 HOH 86  284 86  HOH WAT A . 
B 2 HOH 87  285 87  HOH WAT A . 
B 2 HOH 88  286 88  HOH WAT A . 
B 2 HOH 89  287 89  HOH WAT A . 
B 2 HOH 90  288 90  HOH WAT A . 
B 2 HOH 91  289 91  HOH WAT A . 
B 2 HOH 92  290 92  HOH WAT A . 
B 2 HOH 93  291 93  HOH WAT A . 
B 2 HOH 94  292 94  HOH WAT A . 
B 2 HOH 95  293 95  HOH WAT A . 
B 2 HOH 96  294 96  HOH WAT A . 
B 2 HOH 97  295 97  HOH WAT A . 
B 2 HOH 98  296 98  HOH WAT A . 
B 2 HOH 99  297 99  HOH WAT A . 
B 2 HOH 100 298 100 HOH WAT A . 
B 2 HOH 101 299 101 HOH WAT A . 
B 2 HOH 102 300 102 HOH WAT A . 
B 2 HOH 103 301 103 HOH WAT A . 
B 2 HOH 104 302 104 HOH WAT A . 
B 2 HOH 105 303 105 HOH WAT A . 
B 2 HOH 106 304 106 HOH WAT A . 
B 2 HOH 107 305 107 HOH WAT A . 
B 2 HOH 108 306 108 HOH WAT A . 
B 2 HOH 109 307 109 HOH WAT A . 
B 2 HOH 110 308 110 HOH WAT A . 
B 2 HOH 111 309 111 HOH WAT A . 
B 2 HOH 112 310 112 HOH WAT A . 
B 2 HOH 113 311 113 HOH WAT A . 
B 2 HOH 114 312 114 HOH WAT A . 
B 2 HOH 115 313 115 HOH WAT A . 
B 2 HOH 116 314 116 HOH WAT A . 
B 2 HOH 117 315 117 HOH WAT A . 
B 2 HOH 118 316 118 HOH WAT A . 
B 2 HOH 119 317 119 HOH WAT A . 
B 2 HOH 120 318 120 HOH WAT A . 
B 2 HOH 121 319 121 HOH WAT A . 
B 2 HOH 122 320 122 HOH WAT A . 
B 2 HOH 123 321 123 HOH WAT A . 
B 2 HOH 124 322 124 HOH WAT A . 
B 2 HOH 125 323 125 HOH WAT A . 
B 2 HOH 126 324 126 HOH WAT A . 
B 2 HOH 127 325 127 HOH WAT A . 
B 2 HOH 128 326 128 HOH WAT A . 
B 2 HOH 129 327 129 HOH WAT A . 
B 2 HOH 130 328 130 HOH WAT A . 
B 2 HOH 131 329 131 HOH WAT A . 
B 2 HOH 132 330 132 HOH WAT A . 
B 2 HOH 133 331 133 HOH WAT A . 
B 2 HOH 134 332 134 HOH WAT A . 
B 2 HOH 135 333 135 HOH WAT A . 
B 2 HOH 136 334 136 HOH WAT A . 
B 2 HOH 137 335 137 HOH WAT A . 
B 2 HOH 138 336 138 HOH WAT A . 
B 2 HOH 139 337 139 HOH WAT A . 
B 2 HOH 140 338 140 HOH WAT A . 
B 2 HOH 141 339 141 HOH WAT A . 
B 2 HOH 142 340 142 HOH WAT A . 
B 2 HOH 143 341 143 HOH WAT A . 
B 2 HOH 144 342 144 HOH WAT A . 
B 2 HOH 145 343 145 HOH WAT A . 
B 2 HOH 146 344 146 HOH WAT A . 
B 2 HOH 147 345 147 HOH WAT A . 
B 2 HOH 148 346 148 HOH WAT A . 
B 2 HOH 149 347 149 HOH WAT A . 
B 2 HOH 150 348 150 HOH WAT A . 
B 2 HOH 151 349 151 HOH WAT A . 
B 2 HOH 152 350 152 HOH WAT A . 
B 2 HOH 153 351 153 HOH WAT A . 
B 2 HOH 154 352 154 HOH WAT A . 
B 2 HOH 155 353 155 HOH WAT A . 
B 2 HOH 156 354 156 HOH WAT A . 
B 2 HOH 157 355 157 HOH WAT A . 
B 2 HOH 158 356 158 HOH WAT A . 
B 2 HOH 159 357 159 HOH WAT A . 
B 2 HOH 160 358 160 HOH WAT A . 
B 2 HOH 161 359 161 HOH WAT A . 
B 2 HOH 162 360 162 HOH WAT A . 
B 2 HOH 163 361 163 HOH WAT A . 
B 2 HOH 164 362 164 HOH WAT A . 
B 2 HOH 165 363 165 HOH WAT A . 
B 2 HOH 166 364 166 HOH WAT A . 
B 2 HOH 167 365 167 HOH WAT A . 
B 2 HOH 168 366 168 HOH WAT A . 
B 2 HOH 169 367 169 HOH WAT A . 
B 2 HOH 170 368 170 HOH WAT A . 
B 2 HOH 171 369 171 HOH WAT A . 
B 2 HOH 172 370 172 HOH WAT A . 
B 2 HOH 173 371 173 HOH WAT A . 
B 2 HOH 174 372 174 HOH WAT A . 
B 2 HOH 175 373 175 HOH WAT A . 
# 
loop_
_software.name 
_software.classification 
_software.version 
_software.citation_id 
_software.pdbx_ordinal 
HKL-2000  'data collection' .   ? 1 
SCALEPACK 'data scaling'    .   ? 2 
CNS       refinement        .   ? 3 
HKL-2000  'data reduction'  .   ? 4 
CNS       phasing           1.1 ? 5 
# 
_cell.entry_id           1UGN 
_cell.length_a           36.437 
_cell.length_b           103.414 
_cell.length_c           53.022 
_cell.angle_alpha        90.00 
_cell.angle_beta         90.00 
_cell.angle_gamma        90.00 
_cell.Z_PDB              4 
_cell.pdbx_unique_axis   ? 
# 
_symmetry.entry_id                         1UGN 
_symmetry.space_group_name_H-M             'P 21 21 2' 
_symmetry.pdbx_full_space_group_name_H-M   ? 
_symmetry.cell_setting                     ? 
_symmetry.Int_Tables_number                18 
# 
_exptl.entry_id          1UGN 
_exptl.method            'X-RAY DIFFRACTION' 
_exptl.crystals_number   1 
# 
_exptl_crystal.id                    1 
_exptl_crystal.density_meas          ? 
_exptl_crystal.density_Matthews      2.18 
_exptl_crystal.density_percent_sol   43.05 
_exptl_crystal.description           ? 
# 
_exptl_crystal_grow.crystal_id      1 
_exptl_crystal_grow.method          'VAPOR DIFFUSION, SITTING DROP' 
_exptl_crystal_grow.temp            298 
_exptl_crystal_grow.temp_details    ? 
_exptl_crystal_grow.pH              8.5 
_exptl_crystal_grow.pdbx_details    
'0.1M Tris chloride, 0.7M potassium sodium tartrate, pH 8.5, VAPOR DIFFUSION, SITTING DROP, temperature 298K' 
_exptl_crystal_grow.pdbx_pH_range   . 
# 
_diffrn.id                     1 
_diffrn.ambient_temp           100 
_diffrn.ambient_temp_details   ? 
_diffrn.crystal_id             1 
# 
_diffrn_detector.diffrn_id              1 
_diffrn_detector.detector               CCD 
_diffrn_detector.type                   MARRESEARCH 
_diffrn_detector.pdbx_collection_date   ? 
_diffrn_detector.details                ? 
# 
_diffrn_radiation.diffrn_id                        1 
_diffrn_radiation.wavelength_id                    1 
_diffrn_radiation.pdbx_monochromatic_or_laue_m_l   M 
_diffrn_radiation.monochromator                    ? 
_diffrn_radiation.pdbx_diffrn_protocol             'SINGLE WAVELENGTH' 
_diffrn_radiation.pdbx_scattering_type             x-ray 
# 
_diffrn_radiation_wavelength.id           1 
_diffrn_radiation_wavelength.wavelength   0.984 
_diffrn_radiation_wavelength.wt           1.0 
# 
_diffrn_source.diffrn_id                   1 
_diffrn_source.source                      SYNCHROTRON 
_diffrn_source.type                        'SPRING-8 BEAMLINE BL41XU' 
_diffrn_source.pdbx_synchrotron_site       SPring-8 
_diffrn_source.pdbx_synchrotron_beamline   BL41XU 
_diffrn_source.pdbx_wavelength             ? 
_diffrn_source.pdbx_wavelength_list        0.984 
# 
_reflns.entry_id                     1UGN 
_reflns.observed_criterion_sigma_F   ? 
_reflns.observed_criterion_sigma_I   1.0 
_reflns.d_resolution_high            1.8 
_reflns.d_resolution_low             50.0 
_reflns.number_all                   ? 
_reflns.number_obs                   18378 
_reflns.percent_possible_obs         95.9 
_reflns.pdbx_Rmerge_I_obs            0.097 
_reflns.pdbx_Rsym_value              ? 
_reflns.pdbx_netI_over_sigmaI        6.9 
_reflns.B_iso_Wilson_estimate        17.8 
_reflns.pdbx_redundancy              5.8 
_reflns.R_free_details               ? 
_reflns.limit_h_max                  ? 
_reflns.limit_h_min                  ? 
_reflns.limit_k_max                  ? 
_reflns.limit_k_min                  ? 
_reflns.limit_l_max                  ? 
_reflns.limit_l_min                  ? 
_reflns.observed_criterion_F_max     ? 
_reflns.observed_criterion_F_min     ? 
_reflns.pdbx_diffrn_id               1 
_reflns.pdbx_ordinal                 1 
# 
_reflns_shell.d_res_high             1.80 
_reflns_shell.d_res_low              1.86 
_reflns_shell.percent_possible_all   83.1 
_reflns_shell.Rmerge_I_obs           0.465 
_reflns_shell.pdbx_Rsym_value        ? 
_reflns_shell.meanI_over_sigI_obs    2.03 
_reflns_shell.pdbx_redundancy        3.6 
_reflns_shell.percent_possible_obs   ? 
_reflns_shell.number_unique_all      1539 
_reflns_shell.pdbx_diffrn_id         ? 
_reflns_shell.pdbx_ordinal           1 
# 
_refine.entry_id                                 1UGN 
_refine.ls_d_res_high                            1.8 
_refine.ls_d_res_low                             8.0 
_refine.pdbx_ls_sigma_F                          0.0 
_refine.pdbx_ls_sigma_I                          ? 
_refine.ls_number_reflns_all                     ? 
_refine.ls_number_reflns_obs                     18080 
_refine.ls_number_reflns_R_free                  922 
_refine.ls_percent_reflns_obs                    95.4 
_refine.ls_R_factor_all                          ? 
_refine.ls_R_factor_obs                          0.205 
_refine.ls_R_factor_R_work                       0.205 
_refine.ls_R_factor_R_free                       0.239 
_refine.ls_redundancy_reflns_obs                 ? 
_refine.pdbx_data_cutoff_high_absF               ? 
_refine.pdbx_data_cutoff_low_absF                ? 
_refine.ls_number_parameters                     ? 
_refine.ls_number_restraints                     ? 
_refine.ls_percent_reflns_R_free                 ? 
_refine.ls_R_factor_R_free_error                 ? 
_refine.ls_R_factor_R_free_error_details         ? 
_refine.pdbx_method_to_determine_struct          'MOLECULAR REPLACEMENT' 
_refine.pdbx_starting_model                      'PDB entry 1UFU' 
_refine.pdbx_ls_cross_valid_method               ? 
_refine.pdbx_R_Free_selection_details            random 
_refine.pdbx_stereochem_target_val_spec_case     ? 
_refine.pdbx_stereochemistry_target_values       'Engh & Huber' 
_refine.solvent_model_details                    ? 
_refine.solvent_model_param_bsol                 ? 
_refine.solvent_model_param_ksol                 ? 
_refine.occupancy_max                            ? 
_refine.occupancy_min                            ? 
_refine.pdbx_isotropic_thermal_model             isotropic 
_refine.B_iso_mean                               21.6 
_refine.aniso_B[1][1]                            ? 
_refine.aniso_B[1][2]                            ? 
_refine.aniso_B[1][3]                            ? 
_refine.aniso_B[2][2]                            ? 
_refine.aniso_B[2][3]                            ? 
_refine.aniso_B[3][3]                            ? 
_refine.details                                  ? 
_refine.B_iso_min                                ? 
_refine.B_iso_max                                ? 
_refine.correlation_coeff_Fo_to_Fc               ? 
_refine.correlation_coeff_Fo_to_Fc_free          ? 
_refine.pdbx_solvent_vdw_probe_radii             ? 
_refine.pdbx_solvent_ion_probe_radii             ? 
_refine.pdbx_solvent_shrinkage_radii             ? 
_refine.overall_SU_R_Cruickshank_DPI             ? 
_refine.overall_SU_R_free                        ? 
_refine.overall_SU_B                             ? 
_refine.overall_SU_ML                            ? 
_refine.pdbx_overall_ESU_R                       ? 
_refine.pdbx_overall_ESU_R_Free                  ? 
_refine.pdbx_data_cutoff_high_rms_absF           ? 
_refine.pdbx_refine_id                           'X-RAY DIFFRACTION' 
_refine.pdbx_diffrn_id                           1 
_refine.pdbx_TLS_residual_ADP_flag               ? 
_refine.pdbx_overall_phase_error                 ? 
_refine.pdbx_overall_SU_R_free_Cruickshank_DPI   ? 
_refine.pdbx_overall_SU_R_Blow_DPI               ? 
_refine.pdbx_overall_SU_R_free_Blow_DPI          ? 
# 
_refine_analyze.entry_id                        1UGN 
_refine_analyze.Luzzati_coordinate_error_obs    0.21 
_refine_analyze.Luzzati_sigma_a_obs             0.15 
_refine_analyze.Luzzati_d_res_low_obs           5.00 
_refine_analyze.Luzzati_coordinate_error_free   0.25 
_refine_analyze.Luzzati_sigma_a_free            0.26 
_refine_analyze.Luzzati_d_res_low_free          ? 
_refine_analyze.number_disordered_residues      ? 
_refine_analyze.occupancy_sum_non_hydrogen      ? 
_refine_analyze.occupancy_sum_hydrogen          ? 
_refine_analyze.pdbx_Luzzati_d_res_high_obs     ? 
_refine_analyze.pdbx_refine_id                  'X-RAY DIFFRACTION' 
# 
_refine_hist.pdbx_refine_id                   'X-RAY DIFFRACTION' 
_refine_hist.cycle_id                         LAST 
_refine_hist.pdbx_number_atoms_protein        1464 
_refine_hist.pdbx_number_atoms_nucleic_acid   0 
_refine_hist.pdbx_number_atoms_ligand         0 
_refine_hist.number_atoms_solvent             175 
_refine_hist.number_atoms_total               1639 
_refine_hist.d_res_high                       1.8 
_refine_hist.d_res_low                        8.0 
# 
loop_
_refine_ls_restr.type 
_refine_ls_restr.dev_ideal 
_refine_ls_restr.dev_ideal_target 
_refine_ls_restr.weight 
_refine_ls_restr.number 
_refine_ls_restr.pdbx_refine_id 
_refine_ls_restr.pdbx_restraint_function 
c_angle_deg 1.3   ? ? ? 'X-RAY DIFFRACTION' ? 
c_bond_d    0.005 ? ? ? 'X-RAY DIFFRACTION' ? 
# 
_refine_ls_shell.pdbx_total_number_of_bins_used   ? 
_refine_ls_shell.d_res_high                       1.80 
_refine_ls_shell.d_res_low                        1.91 
_refine_ls_shell.number_reflns_R_work             ? 
_refine_ls_shell.R_factor_R_work                  0.256 
_refine_ls_shell.percent_reflns_obs               81.3 
_refine_ls_shell.R_factor_R_free                  0.318 
_refine_ls_shell.R_factor_R_free_error            0.027 
_refine_ls_shell.percent_reflns_R_free            ? 
_refine_ls_shell.number_reflns_R_free             136 
_refine_ls_shell.number_reflns_obs                2394 
_refine_ls_shell.redundancy_reflns_obs            ? 
_refine_ls_shell.number_reflns_all                ? 
_refine_ls_shell.pdbx_refine_id                   'X-RAY DIFFRACTION' 
_refine_ls_shell.R_factor_all                     ? 
# 
_struct.entry_id                  1UGN 
_struct.title                     'Crystal structure of LIR1.02, one of the alleles of LIR1' 
_struct.pdbx_model_details        ? 
_struct.pdbx_CASP_flag            ? 
_struct.pdbx_model_type_details   ? 
# 
_struct_keywords.entry_id        1UGN 
_struct_keywords.pdbx_keywords   'IMMUNE SYSTEM' 
_struct_keywords.text            'immunoglobulin-like folds, IMMUNE SYSTEM' 
# 
loop_
_struct_asym.id 
_struct_asym.pdbx_blank_PDB_chainid_flag 
_struct_asym.pdbx_modified 
_struct_asym.entity_id 
_struct_asym.details 
A N N 1 ? 
B N N 2 ? 
# 
_struct_ref.id                         1 
_struct_ref.db_name                    UNP 
_struct_ref.db_code                    LIRB1_HUMAN 
_struct_ref.entity_id                  1 
_struct_ref.pdbx_seq_one_letter_code   
;GHLPKPTLWAEPGSVITQGSPVTLRCQGGQETQEYRLYREKKTAPWITRIPQELVKKGQFPIPSITWEHAGRYRCYYGSD
TAGRSESSDPLELVVTGAYIKPTLSAQPSPVVNSGGNVTLQCDSQVAFDGFILCKEGEDEHPQCLNSQPHARGSSRAIFS
VGPVSPSRRWWYRCYAYDSNSPYEWSLPSDLLELLVLG
;
_struct_ref.pdbx_align_begin           24 
_struct_ref.pdbx_db_accession          Q8NHL6 
_struct_ref.pdbx_db_isoform            ? 
# 
_struct_ref_seq.align_id                      1 
_struct_ref_seq.ref_id                        1 
_struct_ref_seq.pdbx_PDB_id_code              1UGN 
_struct_ref_seq.pdbx_strand_id                A 
_struct_ref_seq.seq_align_beg                 1 
_struct_ref_seq.pdbx_seq_align_beg_ins_code   ? 
_struct_ref_seq.seq_align_end                 198 
_struct_ref_seq.pdbx_seq_align_end_ins_code   ? 
_struct_ref_seq.pdbx_db_accession             Q8NHL6 
_struct_ref_seq.db_align_beg                  24 
_struct_ref_seq.pdbx_db_align_beg_ins_code    ? 
_struct_ref_seq.db_align_end                  221 
_struct_ref_seq.pdbx_db_align_end_ins_code    ? 
_struct_ref_seq.pdbx_auth_seq_align_beg       1 
_struct_ref_seq.pdbx_auth_seq_align_end       198 
# 
_struct_ref_seq_dif.align_id                     1 
_struct_ref_seq_dif.pdbx_pdb_id_code             1UGN 
_struct_ref_seq_dif.mon_id                       THR 
_struct_ref_seq_dif.pdbx_pdb_strand_id           A 
_struct_ref_seq_dif.seq_num                      70 
_struct_ref_seq_dif.pdbx_pdb_ins_code            ? 
_struct_ref_seq_dif.pdbx_seq_db_name             UNP 
_struct_ref_seq_dif.pdbx_seq_db_accession_code   Q8NHL6 
_struct_ref_seq_dif.db_mon_id                    ALA 
_struct_ref_seq_dif.pdbx_seq_db_seq_num          93 
_struct_ref_seq_dif.details                      'engineered mutation' 
_struct_ref_seq_dif.pdbx_auth_seq_num            70 
_struct_ref_seq_dif.pdbx_ordinal                 1 
# 
_pdbx_struct_assembly.id                   1 
_pdbx_struct_assembly.details              author_defined_assembly 
_pdbx_struct_assembly.method_details       ? 
_pdbx_struct_assembly.oligomeric_details   monomeric 
_pdbx_struct_assembly.oligomeric_count     1 
# 
_pdbx_struct_assembly_gen.assembly_id       1 
_pdbx_struct_assembly_gen.oper_expression   1 
_pdbx_struct_assembly_gen.asym_id_list      A,B 
# 
_pdbx_struct_oper_list.id                   1 
_pdbx_struct_oper_list.type                 'identity operation' 
_pdbx_struct_oper_list.name                 1_555 
_pdbx_struct_oper_list.symmetry_operation   x,y,z 
_pdbx_struct_oper_list.matrix[1][1]         1.0000000000 
_pdbx_struct_oper_list.matrix[1][2]         0.0000000000 
_pdbx_struct_oper_list.matrix[1][3]         0.0000000000 
_pdbx_struct_oper_list.vector[1]            0.0000000000 
_pdbx_struct_oper_list.matrix[2][1]         0.0000000000 
_pdbx_struct_oper_list.matrix[2][2]         1.0000000000 
_pdbx_struct_oper_list.matrix[2][3]         0.0000000000 
_pdbx_struct_oper_list.vector[2]            0.0000000000 
_pdbx_struct_oper_list.matrix[3][1]         0.0000000000 
_pdbx_struct_oper_list.matrix[3][2]         0.0000000000 
_pdbx_struct_oper_list.matrix[3][3]         1.0000000000 
_pdbx_struct_oper_list.vector[3]            0.0000000000 
# 
loop_
_struct_conf.conf_type_id 
_struct_conf.id 
_struct_conf.pdbx_PDB_helix_id 
_struct_conf.beg_label_comp_id 
_struct_conf.beg_label_asym_id 
_struct_conf.beg_label_seq_id 
_struct_conf.pdbx_beg_PDB_ins_code 
_struct_conf.end_label_comp_id 
_struct_conf.end_label_asym_id 
_struct_conf.end_label_seq_id 
_struct_conf.pdbx_end_PDB_ins_code 
_struct_conf.beg_auth_comp_id 
_struct_conf.beg_auth_asym_id 
_struct_conf.beg_auth_seq_id 
_struct_conf.end_auth_comp_id 
_struct_conf.end_auth_asym_id 
_struct_conf.end_auth_seq_id 
_struct_conf.pdbx_PDB_helix_class 
_struct_conf.details 
_struct_conf.pdbx_PDB_helix_length 
HELX_P HELX_P1 1 ALA A 44 ? ARG A 49 ? ALA A 44 ARG A 49 1 ? 6 
HELX_P HELX_P2 2 PRO A 51 ? LYS A 56 ? PRO A 51 LYS A 56 1 ? 6 
HELX_P HELX_P3 3 THR A 66 ? THR A 70 ? THR A 66 THR A 70 5 ? 5 
# 
_struct_conf_type.id          HELX_P 
_struct_conf_type.criteria    ? 
_struct_conf_type.reference   ? 
# 
loop_
_struct_conn.id 
_struct_conn.conn_type_id 
_struct_conn.pdbx_leaving_atom_flag 
_struct_conn.pdbx_PDB_id 
_struct_conn.ptnr1_label_asym_id 
_struct_conn.ptnr1_label_comp_id 
_struct_conn.ptnr1_label_seq_id 
_struct_conn.ptnr1_label_atom_id 
_struct_conn.pdbx_ptnr1_label_alt_id 
_struct_conn.pdbx_ptnr1_PDB_ins_code 
_struct_conn.pdbx_ptnr1_standard_comp_id 
_struct_conn.ptnr1_symmetry 
_struct_conn.ptnr2_label_asym_id 
_struct_conn.ptnr2_label_comp_id 
_struct_conn.ptnr2_label_seq_id 
_struct_conn.ptnr2_label_atom_id 
_struct_conn.pdbx_ptnr2_label_alt_id 
_struct_conn.pdbx_ptnr2_PDB_ins_code 
_struct_conn.ptnr1_auth_asym_id 
_struct_conn.ptnr1_auth_comp_id 
_struct_conn.ptnr1_auth_seq_id 
_struct_conn.ptnr2_auth_asym_id 
_struct_conn.ptnr2_auth_comp_id 
_struct_conn.ptnr2_auth_seq_id 
_struct_conn.ptnr2_symmetry 
_struct_conn.pdbx_ptnr3_label_atom_id 
_struct_conn.pdbx_ptnr3_label_seq_id 
_struct_conn.pdbx_ptnr3_label_comp_id 
_struct_conn.pdbx_ptnr3_label_asym_id 
_struct_conn.pdbx_ptnr3_label_alt_id 
_struct_conn.pdbx_ptnr3_PDB_ins_code 
_struct_conn.details 
_struct_conn.pdbx_dist_value 
_struct_conn.pdbx_value_order 
_struct_conn.pdbx_role 
disulf1 disulf ? ? A CYS 26  SG ? ? ? 1_555 A CYS 75  SG ? ? A CYS 26  A CYS 75  1_555 ? ? ? ? ? ? ? 2.041 ? ? 
disulf2 disulf ? ? A CYS 122 SG ? ? ? 1_555 A CYS 174 SG ? ? A CYS 122 A CYS 174 1_555 ? ? ? ? ? ? ? 2.037 ? ? 
disulf3 disulf ? ? A CYS 134 SG ? ? ? 1_555 A CYS 144 SG ? ? A CYS 134 A CYS 144 1_555 ? ? ? ? ? ? ? 2.041 ? ? 
# 
_struct_conn_type.id          disulf 
_struct_conn_type.criteria    ? 
_struct_conn_type.reference   ? 
# 
loop_
_pdbx_modification_feature.ordinal 
_pdbx_modification_feature.label_comp_id 
_pdbx_modification_feature.label_asym_id 
_pdbx_modification_feature.label_seq_id 
_pdbx_modification_feature.label_alt_id 
_pdbx_modification_feature.modified_residue_label_comp_id 
_pdbx_modification_feature.modified_residue_label_asym_id 
_pdbx_modification_feature.modified_residue_label_seq_id 
_pdbx_modification_feature.modified_residue_label_alt_id 
_pdbx_modification_feature.auth_comp_id 
_pdbx_modification_feature.auth_asym_id 
_pdbx_modification_feature.auth_seq_id 
_pdbx_modification_feature.PDB_ins_code 
_pdbx_modification_feature.symmetry 
_pdbx_modification_feature.modified_residue_auth_comp_id 
_pdbx_modification_feature.modified_residue_auth_asym_id 
_pdbx_modification_feature.modified_residue_auth_seq_id 
_pdbx_modification_feature.modified_residue_PDB_ins_code 
_pdbx_modification_feature.modified_residue_symmetry 
_pdbx_modification_feature.comp_id_linking_atom 
_pdbx_modification_feature.modified_residue_id_linking_atom 
_pdbx_modification_feature.modified_residue_id 
_pdbx_modification_feature.ref_pcm_id 
_pdbx_modification_feature.ref_comp_id 
_pdbx_modification_feature.type 
_pdbx_modification_feature.category 
1 CYS A 26  ? CYS A 75  ? CYS A 26  ? 1_555 CYS A 75  ? 1_555 SG SG . . . None 'Disulfide bridge' 
2 CYS A 122 ? CYS A 174 ? CYS A 122 ? 1_555 CYS A 174 ? 1_555 SG SG . . . None 'Disulfide bridge' 
3 CYS A 134 ? CYS A 144 ? CYS A 134 ? 1_555 CYS A 144 ? 1_555 SG SG . . . None 'Disulfide bridge' 
# 
loop_
_struct_mon_prot_cis.pdbx_id 
_struct_mon_prot_cis.label_comp_id 
_struct_mon_prot_cis.label_seq_id 
_struct_mon_prot_cis.label_asym_id 
_struct_mon_prot_cis.label_alt_id 
_struct_mon_prot_cis.pdbx_PDB_ins_code 
_struct_mon_prot_cis.auth_comp_id 
_struct_mon_prot_cis.auth_seq_id 
_struct_mon_prot_cis.auth_asym_id 
_struct_mon_prot_cis.pdbx_label_comp_id_2 
_struct_mon_prot_cis.pdbx_label_seq_id_2 
_struct_mon_prot_cis.pdbx_label_asym_id_2 
_struct_mon_prot_cis.pdbx_PDB_ins_code_2 
_struct_mon_prot_cis.pdbx_auth_comp_id_2 
_struct_mon_prot_cis.pdbx_auth_seq_id_2 
_struct_mon_prot_cis.pdbx_auth_asym_id_2 
_struct_mon_prot_cis.pdbx_PDB_model_num 
_struct_mon_prot_cis.pdbx_omega_angle 
1 GLU 11  A . ? GLU 11  A PRO 12  A ? PRO 12  A 1 0.14 
2 GLN 107 A . ? GLN 107 A PRO 108 A ? PRO 108 A 1 0.10 
3 GLY 162 A . ? GLY 162 A PRO 163 A ? PRO 163 A 1 0.02 
# 
loop_
_struct_sheet.id 
_struct_sheet.type 
_struct_sheet.number_strands 
_struct_sheet.details 
A ? 3 ? 
B ? 4 ? 
C ? 4 ? 
D ? 3 ? 
E ? 5 ? 
# 
loop_
_struct_sheet_order.sheet_id 
_struct_sheet_order.range_id_1 
_struct_sheet_order.range_id_2 
_struct_sheet_order.offset 
_struct_sheet_order.sense 
A 1 2 ? anti-parallel 
A 2 3 ? anti-parallel 
B 1 2 ? parallel      
B 2 3 ? anti-parallel 
B 3 4 ? anti-parallel 
C 1 2 ? anti-parallel 
C 2 3 ? anti-parallel 
C 3 4 ? parallel      
D 1 2 ? anti-parallel 
D 2 3 ? anti-parallel 
E 1 2 ? parallel      
E 2 3 ? anti-parallel 
E 3 4 ? anti-parallel 
E 4 5 ? anti-parallel 
# 
loop_
_struct_sheet_range.sheet_id 
_struct_sheet_range.id 
_struct_sheet_range.beg_label_comp_id 
_struct_sheet_range.beg_label_asym_id 
_struct_sheet_range.beg_label_seq_id 
_struct_sheet_range.pdbx_beg_PDB_ins_code 
_struct_sheet_range.end_label_comp_id 
_struct_sheet_range.end_label_asym_id 
_struct_sheet_range.end_label_seq_id 
_struct_sheet_range.pdbx_end_PDB_ins_code 
_struct_sheet_range.beg_auth_comp_id 
_struct_sheet_range.beg_auth_asym_id 
_struct_sheet_range.beg_auth_seq_id 
_struct_sheet_range.end_auth_comp_id 
_struct_sheet_range.end_auth_asym_id 
_struct_sheet_range.end_auth_seq_id 
A 1 THR A 7   ? GLU A 11  ? THR A 7   GLU A 11  
A 2 VAL A 22  ? GLN A 27  ? VAL A 22  GLN A 27  
A 3 GLN A 59  ? ILE A 62  ? GLN A 59  ILE A 62  
B 1 VAL A 15  ? THR A 17  ? VAL A 15  THR A 17  
B 2 LEU A 91  ? THR A 96  ? LEU A 91  THR A 96  
B 3 GLY A 71  ? SER A 79  ? GLY A 71  SER A 79  
B 4 GLY A 83  ? ARG A 84  ? GLY A 83  ARG A 84  
C 1 TYR A 35  ? ARG A 39  ? TYR A 35  ARG A 39  
C 2 GLY A 71  ? SER A 79  ? GLY A 71  SER A 79  
C 3 LEU A 91  ? THR A 96  ? LEU A 91  THR A 96  
C 4 GLU A 184 ? TRP A 185 ? GLU A 184 TRP A 185 
D 1 THR A 103 ? GLN A 107 ? THR A 103 GLN A 107 
D 2 VAL A 118 ? ASP A 123 ? VAL A 118 ASP A 123 
D 3 ARG A 156 ? VAL A 161 ? ARG A 156 VAL A 161 
E 1 VAL A 111 ? ASN A 113 ? VAL A 111 ASN A 113 
E 2 LEU A 192 ? LEU A 197 ? LEU A 192 LEU A 197 
E 3 TRP A 170 ? TYR A 177 ? TRP A 170 TYR A 177 
E 4 GLY A 130 ? GLU A 136 ? GLY A 130 GLU A 136 
E 5 CYS A 144 ? ASN A 146 ? CYS A 144 ASN A 146 
# 
loop_
_pdbx_struct_sheet_hbond.sheet_id 
_pdbx_struct_sheet_hbond.range_id_1 
_pdbx_struct_sheet_hbond.range_id_2 
_pdbx_struct_sheet_hbond.range_1_label_atom_id 
_pdbx_struct_sheet_hbond.range_1_label_comp_id 
_pdbx_struct_sheet_hbond.range_1_label_asym_id 
_pdbx_struct_sheet_hbond.range_1_label_seq_id 
_pdbx_struct_sheet_hbond.range_1_PDB_ins_code 
_pdbx_struct_sheet_hbond.range_1_auth_atom_id 
_pdbx_struct_sheet_hbond.range_1_auth_comp_id 
_pdbx_struct_sheet_hbond.range_1_auth_asym_id 
_pdbx_struct_sheet_hbond.range_1_auth_seq_id 
_pdbx_struct_sheet_hbond.range_2_label_atom_id 
_pdbx_struct_sheet_hbond.range_2_label_comp_id 
_pdbx_struct_sheet_hbond.range_2_label_asym_id 
_pdbx_struct_sheet_hbond.range_2_label_seq_id 
_pdbx_struct_sheet_hbond.range_2_PDB_ins_code 
_pdbx_struct_sheet_hbond.range_2_auth_atom_id 
_pdbx_struct_sheet_hbond.range_2_auth_comp_id 
_pdbx_struct_sheet_hbond.range_2_auth_asym_id 
_pdbx_struct_sheet_hbond.range_2_auth_seq_id 
A 1 2 N TRP A 9   ? N TRP A 9   O ARG A 25  ? O ARG A 25  
A 2 3 N VAL A 22  ? N VAL A 22  O ILE A 62  ? O ILE A 62  
B 1 2 N ILE A 16  ? N ILE A 16  O VAL A 94  ? O VAL A 94  
B 2 3 O LEU A 91  ? O LEU A 91  N TYR A 73  ? N TYR A 73  
B 3 4 N SER A 79  ? N SER A 79  O GLY A 83  ? O GLY A 83  
C 1 2 N ARG A 36  ? N ARG A 36  O TYR A 76  ? O TYR A 76  
C 2 3 N TYR A 73  ? N TYR A 73  O LEU A 91  ? O LEU A 91  
C 3 4 N VAL A 95  ? N VAL A 95  O TRP A 185 ? O TRP A 185 
D 1 2 N SER A 105 ? N SER A 105 O GLN A 121 ? O GLN A 121 
D 2 3 N LEU A 120 ? N LEU A 120 O PHE A 159 ? O PHE A 159 
E 1 2 N VAL A 112 ? N VAL A 112 O LEU A 197 ? O LEU A 197 
E 2 3 O LEU A 192 ? O LEU A 192 N TYR A 172 ? N TYR A 172 
E 3 4 O ARG A 173 ? O ARG A 173 N CYS A 134 ? N CYS A 134 
E 4 5 N LEU A 133 ? N LEU A 133 O LEU A 145 ? O LEU A 145 
# 
_pdbx_entry_details.entry_id                   1UGN 
_pdbx_entry_details.compound_details           ? 
_pdbx_entry_details.source_details             ? 
_pdbx_entry_details.nonpolymer_details         ? 
_pdbx_entry_details.sequence_details           ? 
_pdbx_entry_details.has_ligand_of_interest     ? 
_pdbx_entry_details.has_protein_modification   Y 
# 
loop_
_pdbx_validate_torsion.id 
_pdbx_validate_torsion.PDB_model_num 
_pdbx_validate_torsion.auth_comp_id 
_pdbx_validate_torsion.auth_asym_id 
_pdbx_validate_torsion.auth_seq_id 
_pdbx_validate_torsion.PDB_ins_code 
_pdbx_validate_torsion.label_alt_id 
_pdbx_validate_torsion.phi 
_pdbx_validate_torsion.psi 
1 1 LYS A 41  ? ? 70.17   -44.44 
2 1 SER A 181 ? ? -151.82 70.17  
# 
loop_
_pdbx_unobs_or_zero_occ_residues.id 
_pdbx_unobs_or_zero_occ_residues.PDB_model_num 
_pdbx_unobs_or_zero_occ_residues.polymer_flag 
_pdbx_unobs_or_zero_occ_residues.occupancy_flag 
_pdbx_unobs_or_zero_occ_residues.auth_asym_id 
_pdbx_unobs_or_zero_occ_residues.auth_comp_id 
_pdbx_unobs_or_zero_occ_residues.auth_seq_id 
_pdbx_unobs_or_zero_occ_residues.PDB_ins_code 
_pdbx_unobs_or_zero_occ_residues.label_asym_id 
_pdbx_unobs_or_zero_occ_residues.label_comp_id 
_pdbx_unobs_or_zero_occ_residues.label_seq_id 
1  1 Y 1 A GLY 137 ? A GLY 137 
2  1 Y 1 A GLU 138 ? A GLU 138 
3  1 Y 1 A ASP 139 ? A ASP 139 
4  1 Y 1 A GLU 140 ? A GLU 140 
5  1 Y 1 A HIS 141 ? A HIS 141 
6  1 Y 1 A PRO 142 ? A PRO 142 
7  1 Y 1 A GLN 148 ? A GLN 148 
8  1 Y 1 A PRO 149 ? A PRO 149 
9  1 Y 1 A HIS 150 ? A HIS 150 
10 1 Y 1 A ALA 151 ? A ALA 151 
11 1 Y 1 A ARG 152 ? A ARG 152 
12 1 Y 1 A GLY 153 ? A GLY 153 
# 
loop_
_chem_comp_atom.comp_id 
_chem_comp_atom.atom_id 
_chem_comp_atom.type_symbol 
_chem_comp_atom.pdbx_aromatic_flag 
_chem_comp_atom.pdbx_stereo_config 
_chem_comp_atom.pdbx_ordinal 
ALA N    N N N 1   
ALA CA   C N S 2   
ALA C    C N N 3   
ALA O    O N N 4   
ALA CB   C N N 5   
ALA OXT  O N N 6   
ALA H    H N N 7   
ALA H2   H N N 8   
ALA HA   H N N 9   
ALA HB1  H N N 10  
ALA HB2  H N N 11  
ALA HB3  H N N 12  
ALA HXT  H N N 13  
ARG N    N N N 14  
ARG CA   C N S 15  
ARG C    C N N 16  
ARG O    O N N 17  
ARG CB   C N N 18  
ARG CG   C N N 19  
ARG CD   C N N 20  
ARG NE   N N N 21  
ARG CZ   C N N 22  
ARG NH1  N N N 23  
ARG NH2  N N N 24  
ARG OXT  O N N 25  
ARG H    H N N 26  
ARG H2   H N N 27  
ARG HA   H N N 28  
ARG HB2  H N N 29  
ARG HB3  H N N 30  
ARG HG2  H N N 31  
ARG HG3  H N N 32  
ARG HD2  H N N 33  
ARG HD3  H N N 34  
ARG HE   H N N 35  
ARG HH11 H N N 36  
ARG HH12 H N N 37  
ARG HH21 H N N 38  
ARG HH22 H N N 39  
ARG HXT  H N N 40  
ASN N    N N N 41  
ASN CA   C N S 42  
ASN C    C N N 43  
ASN O    O N N 44  
ASN CB   C N N 45  
ASN CG   C N N 46  
ASN OD1  O N N 47  
ASN ND2  N N N 48  
ASN OXT  O N N 49  
ASN H    H N N 50  
ASN H2   H N N 51  
ASN HA   H N N 52  
ASN HB2  H N N 53  
ASN HB3  H N N 54  
ASN HD21 H N N 55  
ASN HD22 H N N 56  
ASN HXT  H N N 57  
ASP N    N N N 58  
ASP CA   C N S 59  
ASP C    C N N 60  
ASP O    O N N 61  
ASP CB   C N N 62  
ASP CG   C N N 63  
ASP OD1  O N N 64  
ASP OD2  O N N 65  
ASP OXT  O N N 66  
ASP H    H N N 67  
ASP H2   H N N 68  
ASP HA   H N N 69  
ASP HB2  H N N 70  
ASP HB3  H N N 71  
ASP HD2  H N N 72  
ASP HXT  H N N 73  
CYS N    N N N 74  
CYS CA   C N R 75  
CYS C    C N N 76  
CYS O    O N N 77  
CYS CB   C N N 78  
CYS SG   S N N 79  
CYS OXT  O N N 80  
CYS H    H N N 81  
CYS H2   H N N 82  
CYS HA   H N N 83  
CYS HB2  H N N 84  
CYS HB3  H N N 85  
CYS HG   H N N 86  
CYS HXT  H N N 87  
GLN N    N N N 88  
GLN CA   C N S 89  
GLN C    C N N 90  
GLN O    O N N 91  
GLN CB   C N N 92  
GLN CG   C N N 93  
GLN CD   C N N 94  
GLN OE1  O N N 95  
GLN NE2  N N N 96  
GLN OXT  O N N 97  
GLN H    H N N 98  
GLN H2   H N N 99  
GLN HA   H N N 100 
GLN HB2  H N N 101 
GLN HB3  H N N 102 
GLN HG2  H N N 103 
GLN HG3  H N N 104 
GLN HE21 H N N 105 
GLN HE22 H N N 106 
GLN HXT  H N N 107 
GLU N    N N N 108 
GLU CA   C N S 109 
GLU C    C N N 110 
GLU O    O N N 111 
GLU CB   C N N 112 
GLU CG   C N N 113 
GLU CD   C N N 114 
GLU OE1  O N N 115 
GLU OE2  O N N 116 
GLU OXT  O N N 117 
GLU H    H N N 118 
GLU H2   H N N 119 
GLU HA   H N N 120 
GLU HB2  H N N 121 
GLU HB3  H N N 122 
GLU HG2  H N N 123 
GLU HG3  H N N 124 
GLU HE2  H N N 125 
GLU HXT  H N N 126 
GLY N    N N N 127 
GLY CA   C N N 128 
GLY C    C N N 129 
GLY O    O N N 130 
GLY OXT  O N N 131 
GLY H    H N N 132 
GLY H2   H N N 133 
GLY HA2  H N N 134 
GLY HA3  H N N 135 
GLY HXT  H N N 136 
HIS N    N N N 137 
HIS CA   C N S 138 
HIS C    C N N 139 
HIS O    O N N 140 
HIS CB   C N N 141 
HIS CG   C Y N 142 
HIS ND1  N Y N 143 
HIS CD2  C Y N 144 
HIS CE1  C Y N 145 
HIS NE2  N Y N 146 
HIS OXT  O N N 147 
HIS H    H N N 148 
HIS H2   H N N 149 
HIS HA   H N N 150 
HIS HB2  H N N 151 
HIS HB3  H N N 152 
HIS HD1  H N N 153 
HIS HD2  H N N 154 
HIS HE1  H N N 155 
HIS HE2  H N N 156 
HIS HXT  H N N 157 
HOH O    O N N 158 
HOH H1   H N N 159 
HOH H2   H N N 160 
ILE N    N N N 161 
ILE CA   C N S 162 
ILE C    C N N 163 
ILE O    O N N 164 
ILE CB   C N S 165 
ILE CG1  C N N 166 
ILE CG2  C N N 167 
ILE CD1  C N N 168 
ILE OXT  O N N 169 
ILE H    H N N 170 
ILE H2   H N N 171 
ILE HA   H N N 172 
ILE HB   H N N 173 
ILE HG12 H N N 174 
ILE HG13 H N N 175 
ILE HG21 H N N 176 
ILE HG22 H N N 177 
ILE HG23 H N N 178 
ILE HD11 H N N 179 
ILE HD12 H N N 180 
ILE HD13 H N N 181 
ILE HXT  H N N 182 
LEU N    N N N 183 
LEU CA   C N S 184 
LEU C    C N N 185 
LEU O    O N N 186 
LEU CB   C N N 187 
LEU CG   C N N 188 
LEU CD1  C N N 189 
LEU CD2  C N N 190 
LEU OXT  O N N 191 
LEU H    H N N 192 
LEU H2   H N N 193 
LEU HA   H N N 194 
LEU HB2  H N N 195 
LEU HB3  H N N 196 
LEU HG   H N N 197 
LEU HD11 H N N 198 
LEU HD12 H N N 199 
LEU HD13 H N N 200 
LEU HD21 H N N 201 
LEU HD22 H N N 202 
LEU HD23 H N N 203 
LEU HXT  H N N 204 
LYS N    N N N 205 
LYS CA   C N S 206 
LYS C    C N N 207 
LYS O    O N N 208 
LYS CB   C N N 209 
LYS CG   C N N 210 
LYS CD   C N N 211 
LYS CE   C N N 212 
LYS NZ   N N N 213 
LYS OXT  O N N 214 
LYS H    H N N 215 
LYS H2   H N N 216 
LYS HA   H N N 217 
LYS HB2  H N N 218 
LYS HB3  H N N 219 
LYS HG2  H N N 220 
LYS HG3  H N N 221 
LYS HD2  H N N 222 
LYS HD3  H N N 223 
LYS HE2  H N N 224 
LYS HE3  H N N 225 
LYS HZ1  H N N 226 
LYS HZ2  H N N 227 
LYS HZ3  H N N 228 
LYS HXT  H N N 229 
PHE N    N N N 230 
PHE CA   C N S 231 
PHE C    C N N 232 
PHE O    O N N 233 
PHE CB   C N N 234 
PHE CG   C Y N 235 
PHE CD1  C Y N 236 
PHE CD2  C Y N 237 
PHE CE1  C Y N 238 
PHE CE2  C Y N 239 
PHE CZ   C Y N 240 
PHE OXT  O N N 241 
PHE H    H N N 242 
PHE H2   H N N 243 
PHE HA   H N N 244 
PHE HB2  H N N 245 
PHE HB3  H N N 246 
PHE HD1  H N N 247 
PHE HD2  H N N 248 
PHE HE1  H N N 249 
PHE HE2  H N N 250 
PHE HZ   H N N 251 
PHE HXT  H N N 252 
PRO N    N N N 253 
PRO CA   C N S 254 
PRO C    C N N 255 
PRO O    O N N 256 
PRO CB   C N N 257 
PRO CG   C N N 258 
PRO CD   C N N 259 
PRO OXT  O N N 260 
PRO H    H N N 261 
PRO HA   H N N 262 
PRO HB2  H N N 263 
PRO HB3  H N N 264 
PRO HG2  H N N 265 
PRO HG3  H N N 266 
PRO HD2  H N N 267 
PRO HD3  H N N 268 
PRO HXT  H N N 269 
SER N    N N N 270 
SER CA   C N S 271 
SER C    C N N 272 
SER O    O N N 273 
SER CB   C N N 274 
SER OG   O N N 275 
SER OXT  O N N 276 
SER H    H N N 277 
SER H2   H N N 278 
SER HA   H N N 279 
SER HB2  H N N 280 
SER HB3  H N N 281 
SER HG   H N N 282 
SER HXT  H N N 283 
THR N    N N N 284 
THR CA   C N S 285 
THR C    C N N 286 
THR O    O N N 287 
THR CB   C N R 288 
THR OG1  O N N 289 
THR CG2  C N N 290 
THR OXT  O N N 291 
THR H    H N N 292 
THR H2   H N N 293 
THR HA   H N N 294 
THR HB   H N N 295 
THR HG1  H N N 296 
THR HG21 H N N 297 
THR HG22 H N N 298 
THR HG23 H N N 299 
THR HXT  H N N 300 
TRP N    N N N 301 
TRP CA   C N S 302 
TRP C    C N N 303 
TRP O    O N N 304 
TRP CB   C N N 305 
TRP CG   C Y N 306 
TRP CD1  C Y N 307 
TRP CD2  C Y N 308 
TRP NE1  N Y N 309 
TRP CE2  C Y N 310 
TRP CE3  C Y N 311 
TRP CZ2  C Y N 312 
TRP CZ3  C Y N 313 
TRP CH2  C Y N 314 
TRP OXT  O N N 315 
TRP H    H N N 316 
TRP H2   H N N 317 
TRP HA   H N N 318 
TRP HB2  H N N 319 
TRP HB3  H N N 320 
TRP HD1  H N N 321 
TRP HE1  H N N 322 
TRP HE3  H N N 323 
TRP HZ2  H N N 324 
TRP HZ3  H N N 325 
TRP HH2  H N N 326 
TRP HXT  H N N 327 
TYR N    N N N 328 
TYR CA   C N S 329 
TYR C    C N N 330 
TYR O    O N N 331 
TYR CB   C N N 332 
TYR CG   C Y N 333 
TYR CD1  C Y N 334 
TYR CD2  C Y N 335 
TYR CE1  C Y N 336 
TYR CE2  C Y N 337 
TYR CZ   C Y N 338 
TYR OH   O N N 339 
TYR OXT  O N N 340 
TYR H    H N N 341 
TYR H2   H N N 342 
TYR HA   H N N 343 
TYR HB2  H N N 344 
TYR HB3  H N N 345 
TYR HD1  H N N 346 
TYR HD2  H N N 347 
TYR HE1  H N N 348 
TYR HE2  H N N 349 
TYR HH   H N N 350 
TYR HXT  H N N 351 
VAL N    N N N 352 
VAL CA   C N S 353 
VAL C    C N N 354 
VAL O    O N N 355 
VAL CB   C N N 356 
VAL CG1  C N N 357 
VAL CG2  C N N 358 
VAL OXT  O N N 359 
VAL H    H N N 360 
VAL H2   H N N 361 
VAL HA   H N N 362 
VAL HB   H N N 363 
VAL HG11 H N N 364 
VAL HG12 H N N 365 
VAL HG13 H N N 366 
VAL HG21 H N N 367 
VAL HG22 H N N 368 
VAL HG23 H N N 369 
VAL HXT  H N N 370 
# 
loop_
_chem_comp_bond.comp_id 
_chem_comp_bond.atom_id_1 
_chem_comp_bond.atom_id_2 
_chem_comp_bond.value_order 
_chem_comp_bond.pdbx_aromatic_flag 
_chem_comp_bond.pdbx_stereo_config 
_chem_comp_bond.pdbx_ordinal 
ALA N   CA   sing N N 1   
ALA N   H    sing N N 2   
ALA N   H2   sing N N 3   
ALA CA  C    sing N N 4   
ALA CA  CB   sing N N 5   
ALA CA  HA   sing N N 6   
ALA C   O    doub N N 7   
ALA C   OXT  sing N N 8   
ALA CB  HB1  sing N N 9   
ALA CB  HB2  sing N N 10  
ALA CB  HB3  sing N N 11  
ALA OXT HXT  sing N N 12  
ARG N   CA   sing N N 13  
ARG N   H    sing N N 14  
ARG N   H2   sing N N 15  
ARG CA  C    sing N N 16  
ARG CA  CB   sing N N 17  
ARG CA  HA   sing N N 18  
ARG C   O    doub N N 19  
ARG C   OXT  sing N N 20  
ARG CB  CG   sing N N 21  
ARG CB  HB2  sing N N 22  
ARG CB  HB3  sing N N 23  
ARG CG  CD   sing N N 24  
ARG CG  HG2  sing N N 25  
ARG CG  HG3  sing N N 26  
ARG CD  NE   sing N N 27  
ARG CD  HD2  sing N N 28  
ARG CD  HD3  sing N N 29  
ARG NE  CZ   sing N N 30  
ARG NE  HE   sing N N 31  
ARG CZ  NH1  sing N N 32  
ARG CZ  NH2  doub N N 33  
ARG NH1 HH11 sing N N 34  
ARG NH1 HH12 sing N N 35  
ARG NH2 HH21 sing N N 36  
ARG NH2 HH22 sing N N 37  
ARG OXT HXT  sing N N 38  
ASN N   CA   sing N N 39  
ASN N   H    sing N N 40  
ASN N   H2   sing N N 41  
ASN CA  C    sing N N 42  
ASN CA  CB   sing N N 43  
ASN CA  HA   sing N N 44  
ASN C   O    doub N N 45  
ASN C   OXT  sing N N 46  
ASN CB  CG   sing N N 47  
ASN CB  HB2  sing N N 48  
ASN CB  HB3  sing N N 49  
ASN CG  OD1  doub N N 50  
ASN CG  ND2  sing N N 51  
ASN ND2 HD21 sing N N 52  
ASN ND2 HD22 sing N N 53  
ASN OXT HXT  sing N N 54  
ASP N   CA   sing N N 55  
ASP N   H    sing N N 56  
ASP N   H2   sing N N 57  
ASP CA  C    sing N N 58  
ASP CA  CB   sing N N 59  
ASP CA  HA   sing N N 60  
ASP C   O    doub N N 61  
ASP C   OXT  sing N N 62  
ASP CB  CG   sing N N 63  
ASP CB  HB2  sing N N 64  
ASP CB  HB3  sing N N 65  
ASP CG  OD1  doub N N 66  
ASP CG  OD2  sing N N 67  
ASP OD2 HD2  sing N N 68  
ASP OXT HXT  sing N N 69  
CYS N   CA   sing N N 70  
CYS N   H    sing N N 71  
CYS N   H2   sing N N 72  
CYS CA  C    sing N N 73  
CYS CA  CB   sing N N 74  
CYS CA  HA   sing N N 75  
CYS C   O    doub N N 76  
CYS C   OXT  sing N N 77  
CYS CB  SG   sing N N 78  
CYS CB  HB2  sing N N 79  
CYS CB  HB3  sing N N 80  
CYS SG  HG   sing N N 81  
CYS OXT HXT  sing N N 82  
GLN N   CA   sing N N 83  
GLN N   H    sing N N 84  
GLN N   H2   sing N N 85  
GLN CA  C    sing N N 86  
GLN CA  CB   sing N N 87  
GLN CA  HA   sing N N 88  
GLN C   O    doub N N 89  
GLN C   OXT  sing N N 90  
GLN CB  CG   sing N N 91  
GLN CB  HB2  sing N N 92  
GLN CB  HB3  sing N N 93  
GLN CG  CD   sing N N 94  
GLN CG  HG2  sing N N 95  
GLN CG  HG3  sing N N 96  
GLN CD  OE1  doub N N 97  
GLN CD  NE2  sing N N 98  
GLN NE2 HE21 sing N N 99  
GLN NE2 HE22 sing N N 100 
GLN OXT HXT  sing N N 101 
GLU N   CA   sing N N 102 
GLU N   H    sing N N 103 
GLU N   H2   sing N N 104 
GLU CA  C    sing N N 105 
GLU CA  CB   sing N N 106 
GLU CA  HA   sing N N 107 
GLU C   O    doub N N 108 
GLU C   OXT  sing N N 109 
GLU CB  CG   sing N N 110 
GLU CB  HB2  sing N N 111 
GLU CB  HB3  sing N N 112 
GLU CG  CD   sing N N 113 
GLU CG  HG2  sing N N 114 
GLU CG  HG3  sing N N 115 
GLU CD  OE1  doub N N 116 
GLU CD  OE2  sing N N 117 
GLU OE2 HE2  sing N N 118 
GLU OXT HXT  sing N N 119 
GLY N   CA   sing N N 120 
GLY N   H    sing N N 121 
GLY N   H2   sing N N 122 
GLY CA  C    sing N N 123 
GLY CA  HA2  sing N N 124 
GLY CA  HA3  sing N N 125 
GLY C   O    doub N N 126 
GLY C   OXT  sing N N 127 
GLY OXT HXT  sing N N 128 
HIS N   CA   sing N N 129 
HIS N   H    sing N N 130 
HIS N   H2   sing N N 131 
HIS CA  C    sing N N 132 
HIS CA  CB   sing N N 133 
HIS CA  HA   sing N N 134 
HIS C   O    doub N N 135 
HIS C   OXT  sing N N 136 
HIS CB  CG   sing N N 137 
HIS CB  HB2  sing N N 138 
HIS CB  HB3  sing N N 139 
HIS CG  ND1  sing Y N 140 
HIS CG  CD2  doub Y N 141 
HIS ND1 CE1  doub Y N 142 
HIS ND1 HD1  sing N N 143 
HIS CD2 NE2  sing Y N 144 
HIS CD2 HD2  sing N N 145 
HIS CE1 NE2  sing Y N 146 
HIS CE1 HE1  sing N N 147 
HIS NE2 HE2  sing N N 148 
HIS OXT HXT  sing N N 149 
HOH O   H1   sing N N 150 
HOH O   H2   sing N N 151 
ILE N   CA   sing N N 152 
ILE N   H    sing N N 153 
ILE N   H2   sing N N 154 
ILE CA  C    sing N N 155 
ILE CA  CB   sing N N 156 
ILE CA  HA   sing N N 157 
ILE C   O    doub N N 158 
ILE C   OXT  sing N N 159 
ILE CB  CG1  sing N N 160 
ILE CB  CG2  sing N N 161 
ILE CB  HB   sing N N 162 
ILE CG1 CD1  sing N N 163 
ILE CG1 HG12 sing N N 164 
ILE CG1 HG13 sing N N 165 
ILE CG2 HG21 sing N N 166 
ILE CG2 HG22 sing N N 167 
ILE CG2 HG23 sing N N 168 
ILE CD1 HD11 sing N N 169 
ILE CD1 HD12 sing N N 170 
ILE CD1 HD13 sing N N 171 
ILE OXT HXT  sing N N 172 
LEU N   CA   sing N N 173 
LEU N   H    sing N N 174 
LEU N   H2   sing N N 175 
LEU CA  C    sing N N 176 
LEU CA  CB   sing N N 177 
LEU CA  HA   sing N N 178 
LEU C   O    doub N N 179 
LEU C   OXT  sing N N 180 
LEU CB  CG   sing N N 181 
LEU CB  HB2  sing N N 182 
LEU CB  HB3  sing N N 183 
LEU CG  CD1  sing N N 184 
LEU CG  CD2  sing N N 185 
LEU CG  HG   sing N N 186 
LEU CD1 HD11 sing N N 187 
LEU CD1 HD12 sing N N 188 
LEU CD1 HD13 sing N N 189 
LEU CD2 HD21 sing N N 190 
LEU CD2 HD22 sing N N 191 
LEU CD2 HD23 sing N N 192 
LEU OXT HXT  sing N N 193 
LYS N   CA   sing N N 194 
LYS N   H    sing N N 195 
LYS N   H2   sing N N 196 
LYS CA  C    sing N N 197 
LYS CA  CB   sing N N 198 
LYS CA  HA   sing N N 199 
LYS C   O    doub N N 200 
LYS C   OXT  sing N N 201 
LYS CB  CG   sing N N 202 
LYS CB  HB2  sing N N 203 
LYS CB  HB3  sing N N 204 
LYS CG  CD   sing N N 205 
LYS CG  HG2  sing N N 206 
LYS CG  HG3  sing N N 207 
LYS CD  CE   sing N N 208 
LYS CD  HD2  sing N N 209 
LYS CD  HD3  sing N N 210 
LYS CE  NZ   sing N N 211 
LYS CE  HE2  sing N N 212 
LYS CE  HE3  sing N N 213 
LYS NZ  HZ1  sing N N 214 
LYS NZ  HZ2  sing N N 215 
LYS NZ  HZ3  sing N N 216 
LYS OXT HXT  sing N N 217 
PHE N   CA   sing N N 218 
PHE N   H    sing N N 219 
PHE N   H2   sing N N 220 
PHE CA  C    sing N N 221 
PHE CA  CB   sing N N 222 
PHE CA  HA   sing N N 223 
PHE C   O    doub N N 224 
PHE C   OXT  sing N N 225 
PHE CB  CG   sing N N 226 
PHE CB  HB2  sing N N 227 
PHE CB  HB3  sing N N 228 
PHE CG  CD1  doub Y N 229 
PHE CG  CD2  sing Y N 230 
PHE CD1 CE1  sing Y N 231 
PHE CD1 HD1  sing N N 232 
PHE CD2 CE2  doub Y N 233 
PHE CD2 HD2  sing N N 234 
PHE CE1 CZ   doub Y N 235 
PHE CE1 HE1  sing N N 236 
PHE CE2 CZ   sing Y N 237 
PHE CE2 HE2  sing N N 238 
PHE CZ  HZ   sing N N 239 
PHE OXT HXT  sing N N 240 
PRO N   CA   sing N N 241 
PRO N   CD   sing N N 242 
PRO N   H    sing N N 243 
PRO CA  C    sing N N 244 
PRO CA  CB   sing N N 245 
PRO CA  HA   sing N N 246 
PRO C   O    doub N N 247 
PRO C   OXT  sing N N 248 
PRO CB  CG   sing N N 249 
PRO CB  HB2  sing N N 250 
PRO CB  HB3  sing N N 251 
PRO CG  CD   sing N N 252 
PRO CG  HG2  sing N N 253 
PRO CG  HG3  sing N N 254 
PRO CD  HD2  sing N N 255 
PRO CD  HD3  sing N N 256 
PRO OXT HXT  sing N N 257 
SER N   CA   sing N N 258 
SER N   H    sing N N 259 
SER N   H2   sing N N 260 
SER CA  C    sing N N 261 
SER CA  CB   sing N N 262 
SER CA  HA   sing N N 263 
SER C   O    doub N N 264 
SER C   OXT  sing N N 265 
SER CB  OG   sing N N 266 
SER CB  HB2  sing N N 267 
SER CB  HB3  sing N N 268 
SER OG  HG   sing N N 269 
SER OXT HXT  sing N N 270 
THR N   CA   sing N N 271 
THR N   H    sing N N 272 
THR N   H2   sing N N 273 
THR CA  C    sing N N 274 
THR CA  CB   sing N N 275 
THR CA  HA   sing N N 276 
THR C   O    doub N N 277 
THR C   OXT  sing N N 278 
THR CB  OG1  sing N N 279 
THR CB  CG2  sing N N 280 
THR CB  HB   sing N N 281 
THR OG1 HG1  sing N N 282 
THR CG2 HG21 sing N N 283 
THR CG2 HG22 sing N N 284 
THR CG2 HG23 sing N N 285 
THR OXT HXT  sing N N 286 
TRP N   CA   sing N N 287 
TRP N   H    sing N N 288 
TRP N   H2   sing N N 289 
TRP CA  C    sing N N 290 
TRP CA  CB   sing N N 291 
TRP CA  HA   sing N N 292 
TRP C   O    doub N N 293 
TRP C   OXT  sing N N 294 
TRP CB  CG   sing N N 295 
TRP CB  HB2  sing N N 296 
TRP CB  HB3  sing N N 297 
TRP CG  CD1  doub Y N 298 
TRP CG  CD2  sing Y N 299 
TRP CD1 NE1  sing Y N 300 
TRP CD1 HD1  sing N N 301 
TRP CD2 CE2  doub Y N 302 
TRP CD2 CE3  sing Y N 303 
TRP NE1 CE2  sing Y N 304 
TRP NE1 HE1  sing N N 305 
TRP CE2 CZ2  sing Y N 306 
TRP CE3 CZ3  doub Y N 307 
TRP CE3 HE3  sing N N 308 
TRP CZ2 CH2  doub Y N 309 
TRP CZ2 HZ2  sing N N 310 
TRP CZ3 CH2  sing Y N 311 
TRP CZ3 HZ3  sing N N 312 
TRP CH2 HH2  sing N N 313 
TRP OXT HXT  sing N N 314 
TYR N   CA   sing N N 315 
TYR N   H    sing N N 316 
TYR N   H2   sing N N 317 
TYR CA  C    sing N N 318 
TYR CA  CB   sing N N 319 
TYR CA  HA   sing N N 320 
TYR C   O    doub N N 321 
TYR C   OXT  sing N N 322 
TYR CB  CG   sing N N 323 
TYR CB  HB2  sing N N 324 
TYR CB  HB3  sing N N 325 
TYR CG  CD1  doub Y N 326 
TYR CG  CD2  sing Y N 327 
TYR CD1 CE1  sing Y N 328 
TYR CD1 HD1  sing N N 329 
TYR CD2 CE2  doub Y N 330 
TYR CD2 HD2  sing N N 331 
TYR CE1 CZ   doub Y N 332 
TYR CE1 HE1  sing N N 333 
TYR CE2 CZ   sing Y N 334 
TYR CE2 HE2  sing N N 335 
TYR CZ  OH   sing N N 336 
TYR OH  HH   sing N N 337 
TYR OXT HXT  sing N N 338 
VAL N   CA   sing N N 339 
VAL N   H    sing N N 340 
VAL N   H2   sing N N 341 
VAL CA  C    sing N N 342 
VAL CA  CB   sing N N 343 
VAL CA  HA   sing N N 344 
VAL C   O    doub N N 345 
VAL C   OXT  sing N N 346 
VAL CB  CG1  sing N N 347 
VAL CB  CG2  sing N N 348 
VAL CB  HB   sing N N 349 
VAL CG1 HG11 sing N N 350 
VAL CG1 HG12 sing N N 351 
VAL CG1 HG13 sing N N 352 
VAL CG2 HG21 sing N N 353 
VAL CG2 HG22 sing N N 354 
VAL CG2 HG23 sing N N 355 
VAL OXT HXT  sing N N 356 
# 
_pdbx_initial_refinement_model.id               1 
_pdbx_initial_refinement_model.entity_id_list   ? 
_pdbx_initial_refinement_model.type             'experimental model' 
_pdbx_initial_refinement_model.source_name      PDB 
_pdbx_initial_refinement_model.accession_code   1UFU 
_pdbx_initial_refinement_model.details          'PDB entry 1UFU' 
# 
_atom_sites.entry_id                    1UGN 
_atom_sites.fract_transf_matrix[1][1]   0.01931372 
_atom_sites.fract_transf_matrix[1][2]   -0.01936023 
_atom_sites.fract_transf_matrix[1][3]   -0.00232157 
_atom_sites.fract_transf_matrix[2][1]   0.00568385 
_atom_sites.fract_transf_matrix[2][2]   0.00494307 
_atom_sites.fract_transf_matrix[2][3]   0.00606372 
_atom_sites.fract_transf_matrix[3][1]   -0.00752710 
_atom_sites.fract_transf_matrix[3][2]   -0.00926029 
_atom_sites.fract_transf_matrix[3][3]   0.01460443 
_atom_sites.fract_transf_vector[1]      0.038433 
_atom_sites.fract_transf_vector[2]      0.266588 
_atom_sites.fract_transf_vector[3]      0.225747 
# 
loop_
_atom_type.symbol 
C 
N 
O 
S 
# 
loop_
_atom_site.group_PDB 
_atom_site.id 
_atom_site.type_symbol 
_atom_site.label_atom_id 
_atom_site.label_alt_id 
_atom_site.label_comp_id 
_atom_site.label_asym_id 
_atom_site.label_entity_id 
_atom_site.label_seq_id 
_atom_site.pdbx_PDB_ins_code 
_atom_site.Cartn_x 
_atom_site.Cartn_y 
_atom_site.Cartn_z 
_atom_site.occupancy 
_atom_site.B_iso_or_equiv 
_atom_site.pdbx_formal_charge 
_atom_site.auth_seq_id 
_atom_site.auth_comp_id 
_atom_site.auth_asym_id 
_atom_site.auth_atom_id 
_atom_site.pdbx_PDB_model_num 
ATOM   1    N N   . GLY A 1 1   ? 26.302  13.212  16.240  1.00 32.67 ? 1   GLY A N   1 
ATOM   2    C CA  . GLY A 1 1   ? 26.031  11.786  15.906  1.00 32.13 ? 1   GLY A CA  1 
ATOM   3    C C   . GLY A 1 1   ? 25.488  11.646  14.499  1.00 32.70 ? 1   GLY A C   1 
ATOM   4    O O   . GLY A 1 1   ? 25.330  12.642  13.793  1.00 34.22 ? 1   GLY A O   1 
ATOM   5    N N   . HIS A 1 2   ? 25.203  10.415  14.089  1.00 31.45 ? 2   HIS A N   1 
ATOM   6    C CA  . HIS A 1 2   ? 24.671  10.163  12.757  1.00 29.55 ? 2   HIS A CA  1 
ATOM   7    C C   . HIS A 1 2   ? 23.906  8.845   12.696  1.00 26.87 ? 2   HIS A C   1 
ATOM   8    O O   . HIS A 1 2   ? 24.501  7.780   12.551  1.00 26.36 ? 2   HIS A O   1 
ATOM   9    C CB  . HIS A 1 2   ? 25.798  10.116  11.724  1.00 33.35 ? 2   HIS A CB  1 
ATOM   10   C CG  . HIS A 1 2   ? 25.317  9.891   10.324  1.00 36.06 ? 2   HIS A CG  1 
ATOM   11   N ND1 . HIS A 1 2   ? 26.061  9.217   9.379   1.00 38.00 ? 2   HIS A ND1 1 
ATOM   12   C CD2 . HIS A 1 2   ? 24.168  10.256  9.707   1.00 37.97 ? 2   HIS A CD2 1 
ATOM   13   C CE1 . HIS A 1 2   ? 25.390  9.175   8.241   1.00 40.03 ? 2   HIS A CE1 1 
ATOM   14   N NE2 . HIS A 1 2   ? 24.238  9.799   8.414   1.00 39.79 ? 2   HIS A NE2 1 
ATOM   15   N N   . LEU A 1 3   ? 22.587  8.928   12.803  1.00 22.16 ? 3   LEU A N   1 
ATOM   16   C CA  . LEU A 1 3   ? 21.737  7.747   12.744  1.00 19.64 ? 3   LEU A CA  1 
ATOM   17   C C   . LEU A 1 3   ? 20.802  7.945   11.556  1.00 18.39 ? 3   LEU A C   1 
ATOM   18   O O   . LEU A 1 3   ? 19.705  8.485   11.694  1.00 16.97 ? 3   LEU A O   1 
ATOM   19   C CB  . LEU A 1 3   ? 20.942  7.605   14.044  1.00 17.96 ? 3   LEU A CB  1 
ATOM   20   C CG  . LEU A 1 3   ? 21.757  7.394   15.324  1.00 17.41 ? 3   LEU A CG  1 
ATOM   21   C CD1 . LEU A 1 3   ? 20.839  7.475   16.537  1.00 18.08 ? 3   LEU A CD1 1 
ATOM   22   C CD2 . LEU A 1 3   ? 22.466  6.042   15.275  1.00 17.58 ? 3   LEU A CD2 1 
ATOM   23   N N   . PRO A 1 4   ? 21.241  7.521   10.364  1.00 18.12 ? 4   PRO A N   1 
ATOM   24   C CA  . PRO A 1 4   ? 20.476  7.639   9.117   1.00 17.14 ? 4   PRO A CA  1 
ATOM   25   C C   . PRO A 1 4   ? 19.050  7.113   9.224   1.00 15.81 ? 4   PRO A C   1 
ATOM   26   O O   . PRO A 1 4   ? 18.799  6.117   9.895   1.00 13.82 ? 4   PRO A O   1 
ATOM   27   C CB  . PRO A 1 4   ? 21.306  6.825   8.125   1.00 18.34 ? 4   PRO A CB  1 
ATOM   28   C CG  . PRO A 1 4   ? 22.698  6.949   8.660   1.00 21.96 ? 4   PRO A CG  1 
ATOM   29   C CD  . PRO A 1 4   ? 22.489  6.771   10.139  1.00 18.53 ? 4   PRO A CD  1 
ATOM   30   N N   . LYS A 1 5   ? 18.131  7.787   8.544   1.00 14.40 ? 5   LYS A N   1 
ATOM   31   C CA  . LYS A 1 5   ? 16.726  7.397   8.534   1.00 14.16 ? 5   LYS A CA  1 
ATOM   32   C C   . LYS A 1 5   ? 16.592  5.966   8.006   1.00 11.89 ? 5   LYS A C   1 
ATOM   33   O O   . LYS A 1 5   ? 17.154  5.629   6.965   1.00 10.79 ? 5   LYS A O   1 
ATOM   34   C CB  . LYS A 1 5   ? 15.942  8.355   7.637   1.00 16.38 ? 5   LYS A CB  1 
ATOM   35   C CG  . LYS A 1 5   ? 14.477  8.018   7.483   1.00 15.78 ? 5   LYS A CG  1 
ATOM   36   C CD  . LYS A 1 5   ? 13.766  9.050   6.621   1.00 20.06 ? 5   LYS A CD  1 
ATOM   37   C CE  . LYS A 1 5   ? 14.313  9.066   5.206   1.00 20.61 ? 5   LYS A CE  1 
ATOM   38   N NZ  . LYS A 1 5   ? 13.577  10.040  4.350   1.00 22.97 ? 5   LYS A NZ  1 
ATOM   39   N N   . PRO A 1 6   ? 15.844  5.108   8.719   1.00 11.51 ? 6   PRO A N   1 
ATOM   40   C CA  . PRO A 1 6   ? 15.666  3.717   8.285   1.00 11.42 ? 6   PRO A CA  1 
ATOM   41   C C   . PRO A 1 6   ? 14.632  3.567   7.176   1.00 11.58 ? 6   PRO A C   1 
ATOM   42   O O   . PRO A 1 6   ? 13.823  4.461   6.940   1.00 10.72 ? 6   PRO A O   1 
ATOM   43   C CB  . PRO A 1 6   ? 15.217  3.020   9.560   1.00 10.81 ? 6   PRO A CB  1 
ATOM   44   C CG  . PRO A 1 6   ? 14.341  4.071   10.190  1.00 11.10 ? 6   PRO A CG  1 
ATOM   45   C CD  . PRO A 1 6   ? 15.165  5.344   10.010  1.00 11.33 ? 6   PRO A CD  1 
ATOM   46   N N   . THR A 1 7   ? 14.676  2.430   6.490   1.00 11.33 ? 7   THR A N   1 
ATOM   47   C CA  . THR A 1 7   ? 13.720  2.143   5.432   1.00 13.01 ? 7   THR A CA  1 
ATOM   48   C C   . THR A 1 7   ? 12.641  1.273   6.066   1.00 13.64 ? 7   THR A C   1 
ATOM   49   O O   . THR A 1 7   ? 12.941  0.404   6.888   1.00 15.30 ? 7   THR A O   1 
ATOM   50   C CB  . THR A 1 7   ? 14.370  1.350   4.283   1.00 16.94 ? 7   THR A CB  1 
ATOM   51   O OG1 . THR A 1 7   ? 14.897  0.124   4.798   1.00 19.41 ? 7   THR A OG1 1 
ATOM   52   C CG2 . THR A 1 7   ? 15.501  2.146   3.653   1.00 16.51 ? 7   THR A CG2 1 
ATOM   53   N N   . LEU A 1 8   ? 11.389  1.512   5.694   1.00 11.31 ? 8   LEU A N   1 
ATOM   54   C CA  . LEU A 1 8   ? 10.270  0.741   6.219   1.00 10.91 ? 8   LEU A CA  1 
ATOM   55   C C   . LEU A 1 8   ? 9.499   0.146   5.050   1.00 11.93 ? 8   LEU A C   1 
ATOM   56   O O   . LEU A 1 8   ? 9.164   0.849   4.096   1.00 11.05 ? 8   LEU A O   1 
ATOM   57   C CB  . LEU A 1 8   ? 9.334   1.635   7.038   1.00 10.67 ? 8   LEU A CB  1 
ATOM   58   C CG  . LEU A 1 8   ? 7.999   1.029   7.494   1.00 10.86 ? 8   LEU A CG  1 
ATOM   59   C CD1 . LEU A 1 8   ? 8.242   -0.148  8.435   1.00 10.01 ? 8   LEU A CD1 1 
ATOM   60   C CD2 . LEU A 1 8   ? 7.168   2.103   8.184   1.00 10.42 ? 8   LEU A CD2 1 
ATOM   61   N N   . TRP A 1 9   ? 9.231   -1.152  5.121   1.00 11.83 ? 9   TRP A N   1 
ATOM   62   C CA  . TRP A 1 9   ? 8.486   -1.821  4.061   1.00 12.27 ? 9   TRP A CA  1 
ATOM   63   C C   . TRP A 1 9   ? 7.659   -2.940  4.664   1.00 11.53 ? 9   TRP A C   1 
ATOM   64   O O   . TRP A 1 9   ? 7.761   -3.220  5.858   1.00 12.22 ? 9   TRP A O   1 
ATOM   65   C CB  . TRP A 1 9   ? 9.444   -2.373  2.996   1.00 11.29 ? 9   TRP A CB  1 
ATOM   66   C CG  . TRP A 1 9   ? 10.227  -3.607  3.389   1.00 11.66 ? 9   TRP A CG  1 
ATOM   67   C CD1 . TRP A 1 9   ? 9.950   -4.899  3.039   1.00 12.73 ? 9   TRP A CD1 1 
ATOM   68   C CD2 . TRP A 1 9   ? 11.443  -3.651  4.145   1.00 12.24 ? 9   TRP A CD2 1 
ATOM   69   N NE1 . TRP A 1 9   ? 10.923  -5.743  3.520   1.00 13.14 ? 9   TRP A NE1 1 
ATOM   70   C CE2 . TRP A 1 9   ? 11.853  -5.003  4.204   1.00 13.06 ? 9   TRP A CE2 1 
ATOM   71   C CE3 . TRP A 1 9   ? 12.230  -2.676  4.777   1.00 9.56  ? 9   TRP A CE3 1 
ATOM   72   C CZ2 . TRP A 1 9   ? 13.017  -5.408  4.870   1.00 12.65 ? 9   TRP A CZ2 1 
ATOM   73   C CZ3 . TRP A 1 9   ? 13.387  -3.078  5.440   1.00 9.66  ? 9   TRP A CZ3 1 
ATOM   74   C CH2 . TRP A 1 9   ? 13.769  -4.435  5.480   1.00 12.18 ? 9   TRP A CH2 1 
ATOM   75   N N   . ALA A 1 10  ? 6.831   -3.577  3.843   1.00 12.09 ? 10  ALA A N   1 
ATOM   76   C CA  . ALA A 1 10  ? 5.998   -4.669  4.324   1.00 10.95 ? 10  ALA A CA  1 
ATOM   77   C C   . ALA A 1 10  ? 6.128   -5.863  3.394   1.00 12.49 ? 10  ALA A C   1 
ATOM   78   O O   . ALA A 1 10  ? 6.314   -5.704  2.186   1.00 12.98 ? 10  ALA A O   1 
ATOM   79   C CB  . ALA A 1 10  ? 4.537   -4.225  4.403   1.00 12.72 ? 10  ALA A CB  1 
ATOM   80   N N   . GLU A 1 11  ? 6.036   -7.055  3.968   1.00 12.56 ? 11  GLU A N   1 
ATOM   81   C CA  . GLU A 1 11  ? 6.116   -8.288  3.192   1.00 13.90 ? 11  GLU A CA  1 
ATOM   82   C C   . GLU A 1 11  ? 4.823   -9.069  3.427   1.00 13.00 ? 11  GLU A C   1 
ATOM   83   O O   . GLU A 1 11  ? 4.419   -9.282  4.568   1.00 12.48 ? 11  GLU A O   1 
ATOM   84   C CB  . GLU A 1 11  ? 7.320   -9.113  3.643   1.00 15.37 ? 11  GLU A CB  1 
ATOM   85   C CG  . GLU A 1 11  ? 8.627   -8.343  3.629   1.00 18.54 ? 11  GLU A CG  1 
ATOM   86   C CD  . GLU A 1 11  ? 9.815   -9.211  3.985   1.00 23.61 ? 11  GLU A CD  1 
ATOM   87   O OE1 . GLU A 1 11  ? 9.647   -10.138 4.809   1.00 25.09 ? 11  GLU A OE1 1 
ATOM   88   O OE2 . GLU A 1 11  ? 10.917  -8.956  3.453   1.00 24.92 ? 11  GLU A OE2 1 
ATOM   89   N N   . PRO A 1 12  ? 4.166   -9.527  2.350   1.00 14.66 ? 12  PRO A N   1 
ATOM   90   C CA  . PRO A 1 12  ? 4.505   -9.396  0.927   1.00 14.48 ? 12  PRO A CA  1 
ATOM   91   C C   . PRO A 1 12  ? 4.320   -8.004  0.327   1.00 14.99 ? 12  PRO A C   1 
ATOM   92   O O   . PRO A 1 12  ? 4.840   -7.714  -0.750  1.00 15.81 ? 12  PRO A O   1 
ATOM   93   C CB  . PRO A 1 12  ? 3.586   -10.421 0.267   1.00 15.22 ? 12  PRO A CB  1 
ATOM   94   C CG  . PRO A 1 12  ? 2.343   -10.308 1.101   1.00 15.27 ? 12  PRO A CG  1 
ATOM   95   C CD  . PRO A 1 12  ? 2.908   -10.278 2.519   1.00 15.55 ? 12  PRO A CD  1 
ATOM   96   N N   . GLY A 1 13  ? 3.575   -7.149  1.017   1.00 12.96 ? 13  GLY A N   1 
ATOM   97   C CA  . GLY A 1 13  ? 3.338   -5.809  0.512   1.00 13.29 ? 13  GLY A CA  1 
ATOM   98   C C   . GLY A 1 13  ? 2.505   -5.004  1.484   1.00 12.88 ? 13  GLY A C   1 
ATOM   99   O O   . GLY A 1 13  ? 2.148   -5.506  2.551   1.00 14.00 ? 13  GLY A O   1 
ATOM   100  N N   . SER A 1 14  ? 2.183   -3.766  1.120   1.00 12.11 ? 14  SER A N   1 
ATOM   101  C CA  . SER A 1 14  ? 1.404   -2.902  1.996   1.00 14.44 ? 14  SER A CA  1 
ATOM   102  C C   . SER A 1 14  ? -0.101  -2.987  1.757   1.00 14.09 ? 14  SER A C   1 
ATOM   103  O O   . SER A 1 14  ? -0.880  -2.373  2.484   1.00 13.72 ? 14  SER A O   1 
ATOM   104  C CB  . SER A 1 14  ? 1.868   -1.448  1.856   1.00 14.65 ? 14  SER A CB  1 
ATOM   105  O OG  . SER A 1 14  ? 1.702   -0.983  0.531   1.00 17.26 ? 14  SER A OG  1 
ATOM   106  N N   . VAL A 1 15  ? -0.504  -3.731  0.730   1.00 13.97 ? 15  VAL A N   1 
ATOM   107  C CA  . VAL A 1 15  ? -1.924  -3.914  0.418   1.00 13.34 ? 15  VAL A CA  1 
ATOM   108  C C   . VAL A 1 15  ? -2.189  -5.405  0.611   1.00 13.28 ? 15  VAL A C   1 
ATOM   109  O O   . VAL A 1 15  ? -1.787  -6.234  -0.207  1.00 14.18 ? 15  VAL A O   1 
ATOM   110  C CB  . VAL A 1 15  ? -2.236  -3.482  -1.030  1.00 14.19 ? 15  VAL A CB  1 
ATOM   111  C CG1 . VAL A 1 15  ? -3.725  -3.635  -1.317  1.00 13.03 ? 15  VAL A CG1 1 
ATOM   112  C CG2 . VAL A 1 15  ? -1.817  -2.032  -1.228  1.00 14.57 ? 15  VAL A CG2 1 
ATOM   113  N N   . ILE A 1 16  ? -2.869  -5.734  1.707   1.00 13.46 ? 16  ILE A N   1 
ATOM   114  C CA  . ILE A 1 16  ? -3.135  -7.120  2.081   1.00 13.01 ? 16  ILE A CA  1 
ATOM   115  C C   . ILE A 1 16  ? -4.621  -7.477  2.141   1.00 13.32 ? 16  ILE A C   1 
ATOM   116  O O   . ILE A 1 16  ? -5.443  -6.676  2.582   1.00 12.18 ? 16  ILE A O   1 
ATOM   117  C CB  . ILE A 1 16  ? -2.502  -7.410  3.480   1.00 13.46 ? 16  ILE A CB  1 
ATOM   118  C CG1 . ILE A 1 16  ? -1.038  -6.955  3.493   1.00 15.08 ? 16  ILE A CG1 1 
ATOM   119  C CG2 . ILE A 1 16  ? -2.602  -8.891  3.818   1.00 12.90 ? 16  ILE A CG2 1 
ATOM   120  C CD1 . ILE A 1 16  ? -0.156  -7.678  2.490   1.00 15.67 ? 16  ILE A CD1 1 
ATOM   121  N N   . THR A 1 17  ? -4.960  -8.686  1.701   1.00 14.76 ? 17  THR A N   1 
ATOM   122  C CA  . THR A 1 17  ? -6.348  -9.130  1.744   1.00 15.95 ? 17  THR A CA  1 
ATOM   123  C C   . THR A 1 17  ? -6.660  -9.487  3.192   1.00 14.33 ? 17  THR A C   1 
ATOM   124  O O   . THR A 1 17  ? -5.836  -10.085 3.883   1.00 14.25 ? 17  THR A O   1 
ATOM   125  C CB  . THR A 1 17  ? -6.581  -10.374 0.852   1.00 16.19 ? 17  THR A CB  1 
ATOM   126  O OG1 . THR A 1 17  ? -5.904  -11.503 1.411   1.00 18.28 ? 17  THR A OG1 1 
ATOM   127  C CG2 . THR A 1 17  ? -6.051  -10.128 -0.549  1.00 18.01 ? 17  THR A CG2 1 
ATOM   128  N N   . GLN A 1 18  ? -7.851  -9.120  3.647   1.00 15.86 ? 18  GLN A N   1 
ATOM   129  C CA  . GLN A 1 18  ? -8.265  -9.381  5.020   1.00 17.67 ? 18  GLN A CA  1 
ATOM   130  C C   . GLN A 1 18  ? -7.976  -10.818 5.451   1.00 16.79 ? 18  GLN A C   1 
ATOM   131  O O   . GLN A 1 18  ? -8.213  -11.764 4.699   1.00 15.35 ? 18  GLN A O   1 
ATOM   132  C CB  . GLN A 1 18  ? -9.757  -9.063  5.171   1.00 20.92 ? 18  GLN A CB  1 
ATOM   133  C CG  . GLN A 1 18  ? -10.262 -9.024  6.605   1.00 27.15 ? 18  GLN A CG  1 
ATOM   134  C CD  . GLN A 1 18  ? -10.356 -10.399 7.227   1.00 30.91 ? 18  GLN A CD  1 
ATOM   135  O OE1 . GLN A 1 18  ? -10.984 -11.297 6.671   1.00 34.05 ? 18  GLN A OE1 1 
ATOM   136  N NE2 . GLN A 1 18  ? -9.735  -10.569 8.390   1.00 34.33 ? 18  GLN A NE2 1 
ATOM   137  N N   . GLY A 1 19  ? -7.440  -10.973 6.660   1.00 15.59 ? 19  GLY A N   1 
ATOM   138  C CA  . GLY A 1 19  ? -7.129  -12.296 7.171   1.00 16.87 ? 19  GLY A CA  1 
ATOM   139  C C   . GLY A 1 19  ? -5.760  -12.853 6.804   1.00 17.56 ? 19  GLY A C   1 
ATOM   140  O O   . GLY A 1 19  ? -5.309  -13.820 7.413   1.00 20.00 ? 19  GLY A O   1 
ATOM   141  N N   . SER A 1 20  ? -5.092  -12.261 5.818   1.00 16.56 ? 20  SER A N   1 
ATOM   142  C CA  . SER A 1 20  ? -3.777  -12.750 5.414   1.00 16.88 ? 20  SER A CA  1 
ATOM   143  C C   . SER A 1 20  ? -2.664  -12.159 6.275   1.00 14.86 ? 20  SER A C   1 
ATOM   144  O O   . SER A 1 20  ? -2.823  -11.099 6.878   1.00 14.14 ? 20  SER A O   1 
ATOM   145  C CB  . SER A 1 20  ? -3.519  -12.432 3.940   1.00 19.20 ? 20  SER A CB  1 
ATOM   146  O OG  . SER A 1 20  ? -4.469  -13.081 3.110   1.00 23.47 ? 20  SER A OG  1 
ATOM   147  N N   . PRO A 1 21  ? -1.516  -12.847 6.351   1.00 16.19 ? 21  PRO A N   1 
ATOM   148  C CA  . PRO A 1 21  ? -0.413  -12.330 7.164   1.00 14.27 ? 21  PRO A CA  1 
ATOM   149  C C   . PRO A 1 21  ? 0.407   -11.259 6.458   1.00 13.67 ? 21  PRO A C   1 
ATOM   150  O O   . PRO A 1 21  ? 0.438   -11.182 5.231   1.00 12.96 ? 21  PRO A O   1 
ATOM   151  C CB  . PRO A 1 21  ? 0.409   -13.580 7.456   1.00 15.85 ? 21  PRO A CB  1 
ATOM   152  C CG  . PRO A 1 21  ? 0.246   -14.368 6.193   1.00 17.65 ? 21  PRO A CG  1 
ATOM   153  C CD  . PRO A 1 21  ? -1.231  -14.216 5.881   1.00 15.58 ? 21  PRO A CD  1 
ATOM   154  N N   . VAL A 1 22  ? 1.062   -10.422 7.252   1.00 12.13 ? 22  VAL A N   1 
ATOM   155  C CA  . VAL A 1 22  ? 1.913   -9.371  6.726   1.00 11.62 ? 22  VAL A CA  1 
ATOM   156  C C   . VAL A 1 22  ? 2.930   -9.047  7.806   1.00 12.09 ? 22  VAL A C   1 
ATOM   157  O O   . VAL A 1 22  ? 2.619   -9.070  9.000   1.00 11.61 ? 22  VAL A O   1 
ATOM   158  C CB  . VAL A 1 22  ? 1.108   -8.092  6.365   1.00 12.53 ? 22  VAL A CB  1 
ATOM   159  C CG1 . VAL A 1 22  ? 0.473   -7.486  7.613   1.00 13.10 ? 22  VAL A CG1 1 
ATOM   160  C CG2 . VAL A 1 22  ? 2.023   -7.081  5.678   1.00 11.01 ? 22  VAL A CG2 1 
ATOM   161  N N   . THR A 1 23  ? 4.157   -8.776  7.389   1.00 11.86 ? 23  THR A N   1 
ATOM   162  C CA  . THR A 1 23  ? 5.202   -8.443  8.340   1.00 11.97 ? 23  THR A CA  1 
ATOM   163  C C   . THR A 1 23  ? 5.767   -7.089  7.966   1.00 11.28 ? 23  THR A C   1 
ATOM   164  O O   . THR A 1 23  ? 6.227   -6.901  6.840   1.00 11.78 ? 23  THR A O   1 
ATOM   165  C CB  . THR A 1 23  ? 6.350   -9.475  8.309   1.00 12.43 ? 23  THR A CB  1 
ATOM   166  O OG1 . THR A 1 23  ? 5.837   -10.782 8.608   1.00 13.49 ? 23  THR A OG1 1 
ATOM   167  C CG2 . THR A 1 23  ? 7.422   -9.106  9.333   1.00 11.42 ? 23  THR A CG2 1 
ATOM   168  N N   . LEU A 1 24  ? 5.694   -6.135  8.889   1.00 10.10 ? 24  LEU A N   1 
ATOM   169  C CA  . LEU A 1 24  ? 6.259   -4.817  8.630   1.00 10.47 ? 24  LEU A CA  1 
ATOM   170  C C   . LEU A 1 24  ? 7.734   -4.971  8.974   1.00 10.49 ? 24  LEU A C   1 
ATOM   171  O O   . LEU A 1 24  ? 8.080   -5.664  9.933   1.00 10.96 ? 24  LEU A O   1 
ATOM   172  C CB  . LEU A 1 24  ? 5.599   -3.737  9.497   1.00 11.84 ? 24  LEU A CB  1 
ATOM   173  C CG  . LEU A 1 24  ? 4.131   -3.416  9.187   1.00 15.77 ? 24  LEU A CG  1 
ATOM   174  C CD1 . LEU A 1 24  ? 3.760   -2.050  9.765   1.00 14.09 ? 24  LEU A CD1 1 
ATOM   175  C CD2 . LEU A 1 24  ? 3.911   -3.414  7.685   1.00 18.96 ? 24  LEU A CD2 1 
ATOM   176  N N   . ARG A 1 25  ? 8.595   -4.339  8.189   1.00 10.40 ? 25  ARG A N   1 
ATOM   177  C CA  . ARG A 1 25  ? 10.038  -4.462  8.379   1.00 10.56 ? 25  ARG A CA  1 
ATOM   178  C C   . ARG A 1 25  ? 10.747  -3.113  8.395   1.00 11.12 ? 25  ARG A C   1 
ATOM   179  O O   . ARG A 1 25  ? 10.412  -2.221  7.622   1.00 10.69 ? 25  ARG A O   1 
ATOM   180  C CB  . ARG A 1 25  ? 10.624  -5.311  7.248   1.00 13.09 ? 25  ARG A CB  1 
ATOM   181  C CG  . ARG A 1 25  ? 10.080  -6.741  7.164   1.00 13.93 ? 25  ARG A CG  1 
ATOM   182  C CD  . ARG A 1 25  ? 10.702  -7.600  8.250   1.00 15.40 ? 25  ARG A CD  1 
ATOM   183  N NE  . ARG A 1 25  ? 12.159  -7.556  8.173   1.00 22.18 ? 25  ARG A NE  1 
ATOM   184  C CZ  . ARG A 1 25  ? 12.889  -8.209  7.274   1.00 23.83 ? 25  ARG A CZ  1 
ATOM   185  N NH1 . ARG A 1 25  ? 12.300  -8.977  6.366   1.00 26.69 ? 25  ARG A NH1 1 
ATOM   186  N NH2 . ARG A 1 25  ? 14.210  -8.069  7.265   1.00 22.44 ? 25  ARG A NH2 1 
ATOM   187  N N   . CYS A 1 26  ? 11.739  -2.980  9.271   1.00 11.31 ? 26  CYS A N   1 
ATOM   188  C CA  . CYS A 1 26  ? 12.507  -1.737  9.379   1.00 11.01 ? 26  CYS A CA  1 
ATOM   189  C C   . CYS A 1 26  ? 13.992  -2.089  9.274   1.00 12.69 ? 26  CYS A C   1 
ATOM   190  O O   . CYS A 1 26  ? 14.463  -3.050  9.891   1.00 12.77 ? 26  CYS A O   1 
ATOM   191  C CB  . CYS A 1 26  ? 12.207  -1.051  10.720  1.00 12.08 ? 26  CYS A CB  1 
ATOM   192  S SG  . CYS A 1 26  ? 12.801  0.670   10.951  1.00 16.60 ? 26  CYS A SG  1 
ATOM   193  N N   . GLN A 1 27  ? 14.722  -1.322  8.476   1.00 10.45 ? 27  GLN A N   1 
ATOM   194  C CA  . GLN A 1 27  ? 16.148  -1.552  8.297   1.00 11.69 ? 27  GLN A CA  1 
ATOM   195  C C   . GLN A 1 27  ? 16.906  -0.279  8.629   1.00 11.80 ? 27  GLN A C   1 
ATOM   196  O O   . GLN A 1 27  ? 16.789  0.725   7.925   1.00 10.94 ? 27  GLN A O   1 
ATOM   197  C CB  . GLN A 1 27  ? 16.446  -1.969  6.851   1.00 12.20 ? 27  GLN A CB  1 
ATOM   198  C CG  . GLN A 1 27  ? 17.938  -2.014  6.475   1.00 16.68 ? 27  GLN A CG  1 
ATOM   199  C CD  . GLN A 1 27  ? 18.718  -3.085  7.221   1.00 18.89 ? 27  GLN A CD  1 
ATOM   200  O OE1 . GLN A 1 27  ? 19.529  -2.786  8.106   1.00 21.28 ? 27  GLN A OE1 1 
ATOM   201  N NE2 . GLN A 1 27  ? 18.479  -4.339  6.869   1.00 19.54 ? 27  GLN A NE2 1 
ATOM   202  N N   . GLY A 1 28  ? 17.658  -0.324  9.723   1.00 11.04 ? 28  GLY A N   1 
ATOM   203  C CA  . GLY A 1 28  ? 18.450  0.822   10.124  1.00 10.82 ? 28  GLY A CA  1 
ATOM   204  C C   . GLY A 1 28  ? 19.890  0.497   9.788   1.00 12.74 ? 28  GLY A C   1 
ATOM   205  O O   . GLY A 1 28  ? 20.192  0.069   8.672   1.00 12.48 ? 28  GLY A O   1 
ATOM   206  N N   . GLY A 1 29  ? 20.777  0.688   10.755  1.00 12.56 ? 29  GLY A N   1 
ATOM   207  C CA  . GLY A 1 29  ? 22.176  0.394   10.535  1.00 13.38 ? 29  GLY A CA  1 
ATOM   208  C C   . GLY A 1 29  ? 22.418  -1.097  10.621  1.00 14.94 ? 29  GLY A C   1 
ATOM   209  O O   . GLY A 1 29  ? 21.555  -1.861  11.047  1.00 13.39 ? 29  GLY A O   1 
ATOM   210  N N   . GLN A 1 30  ? 23.604  -1.512  10.211  1.00 14.40 ? 30  GLN A N   1 
ATOM   211  C CA  . GLN A 1 30  ? 23.982  -2.914  10.230  1.00 16.94 ? 30  GLN A CA  1 
ATOM   212  C C   . GLN A 1 30  ? 23.928  -3.530  11.636  1.00 15.79 ? 30  GLN A C   1 
ATOM   213  O O   . GLN A 1 30  ? 23.667  -4.727  11.784  1.00 16.37 ? 30  GLN A O   1 
ATOM   214  C CB  . GLN A 1 30  ? 25.382  -3.031  9.633   1.00 22.30 ? 30  GLN A CB  1 
ATOM   215  C CG  . GLN A 1 30  ? 26.068  -4.351  9.794   1.00 28.05 ? 30  GLN A CG  1 
ATOM   216  C CD  . GLN A 1 30  ? 27.482  -4.290  9.263   1.00 28.46 ? 30  GLN A CD  1 
ATOM   217  O OE1 . GLN A 1 30  ? 28.234  -3.366  9.586   1.00 33.20 ? 30  GLN A OE1 1 
ATOM   218  N NE2 . GLN A 1 30  ? 27.856  -5.267  8.448   1.00 29.10 ? 30  GLN A NE2 1 
ATOM   219  N N   . GLU A 1 31  ? 24.161  -2.717  12.665  1.00 12.74 ? 31  GLU A N   1 
ATOM   220  C CA  . GLU A 1 31  ? 24.148  -3.211  14.044  1.00 12.42 ? 31  GLU A CA  1 
ATOM   221  C C   . GLU A 1 31  ? 22.946  -2.721  14.854  1.00 12.86 ? 31  GLU A C   1 
ATOM   222  O O   . GLU A 1 31  ? 22.839  -2.983  16.052  1.00 10.68 ? 31  GLU A O   1 
ATOM   223  C CB  . GLU A 1 31  ? 25.447  -2.805  14.746  1.00 13.17 ? 31  GLU A CB  1 
ATOM   224  C CG  . GLU A 1 31  ? 26.698  -3.255  14.011  1.00 15.66 ? 31  GLU A CG  1 
ATOM   225  C CD  . GLU A 1 31  ? 27.961  -2.633  14.582  1.00 17.46 ? 31  GLU A CD  1 
ATOM   226  O OE1 . GLU A 1 31  ? 28.454  -3.116  15.626  1.00 15.00 ? 31  GLU A OE1 1 
ATOM   227  O OE2 . GLU A 1 31  ? 28.448  -1.651  13.986  1.00 16.41 ? 31  GLU A OE2 1 
ATOM   228  N N   . THR A 1 32  ? 22.032  -2.023  14.194  1.00 11.65 ? 32  THR A N   1 
ATOM   229  C CA  . THR A 1 32  ? 20.854  -1.499  14.871  1.00 12.72 ? 32  THR A CA  1 
ATOM   230  C C   . THR A 1 32  ? 19.997  -2.598  15.481  1.00 13.80 ? 32  THR A C   1 
ATOM   231  O O   . THR A 1 32  ? 19.759  -3.631  14.854  1.00 12.26 ? 32  THR A O   1 
ATOM   232  C CB  . THR A 1 32  ? 19.960  -0.695  13.903  1.00 11.06 ? 32  THR A CB  1 
ATOM   233  O OG1 . THR A 1 32  ? 20.704  0.393   13.345  1.00 12.93 ? 32  THR A OG1 1 
ATOM   234  C CG2 . THR A 1 32  ? 18.745  -0.151  14.641  1.00 12.19 ? 32  THR A CG2 1 
ATOM   235  N N   . GLN A 1 33  ? 19.533  -2.367  16.704  1.00 14.11 ? 33  GLN A N   1 
ATOM   236  C CA  . GLN A 1 33  ? 18.668  -3.319  17.390  1.00 15.55 ? 33  GLN A CA  1 
ATOM   237  C C   . GLN A 1 33  ? 17.482  -2.638  18.064  1.00 13.88 ? 33  GLN A C   1 
ATOM   238  O O   . GLN A 1 33  ? 16.436  -3.257  18.268  1.00 13.08 ? 33  GLN A O   1 
ATOM   239  C CB  . GLN A 1 33  ? 19.438  -4.092  18.457  1.00 18.41 ? 33  GLN A CB  1 
ATOM   240  C CG  . GLN A 1 33  ? 20.391  -5.124  17.922  1.00 23.27 ? 33  GLN A CG  1 
ATOM   241  C CD  . GLN A 1 33  ? 20.588  -6.253  18.903  1.00 27.05 ? 33  GLN A CD  1 
ATOM   242  O OE1 . GLN A 1 33  ? 20.883  -6.023  20.075  1.00 29.11 ? 33  GLN A OE1 1 
ATOM   243  N NE2 . GLN A 1 33  ? 20.414  -7.484  18.433  1.00 29.75 ? 33  GLN A NE2 1 
ATOM   244  N N   . GLU A 1 34  ? 17.649  -1.366  18.407  1.00 13.09 ? 34  GLU A N   1 
ATOM   245  C CA  . GLU A 1 34  ? 16.604  -0.613  19.094  1.00 14.19 ? 34  GLU A CA  1 
ATOM   246  C C   . GLU A 1 34  ? 15.522  -0.067  18.177  1.00 12.46 ? 34  GLU A C   1 
ATOM   247  O O   . GLU A 1 34  ? 15.272  1.132   18.139  1.00 10.93 ? 34  GLU A O   1 
ATOM   248  C CB  . GLU A 1 34  ? 17.240  0.527   19.892  1.00 17.71 ? 34  GLU A CB  1 
ATOM   249  C CG  . GLU A 1 34  ? 17.496  0.176   21.348  1.00 30.55 ? 34  GLU A CG  1 
ATOM   250  C CD  . GLU A 1 34  ? 17.987  -1.247  21.531  1.00 34.28 ? 34  GLU A CD  1 
ATOM   251  O OE1 . GLU A 1 34  ? 19.075  -1.576  21.012  1.00 40.11 ? 34  GLU A OE1 1 
ATOM   252  O OE2 . GLU A 1 34  ? 17.279  -2.040  22.190  1.00 37.63 ? 34  GLU A OE2 1 
ATOM   253  N N   . TYR A 1 35  ? 14.865  -0.957  17.448  1.00 11.10 ? 35  TYR A N   1 
ATOM   254  C CA  . TYR A 1 35  ? 13.814  -0.546  16.536  1.00 10.54 ? 35  TYR A CA  1 
ATOM   255  C C   . TYR A 1 35  ? 12.522  -0.169  17.239  1.00 10.79 ? 35  TYR A C   1 
ATOM   256  O O   . TYR A 1 35  ? 12.142  -0.770  18.244  1.00 11.21 ? 35  TYR A O   1 
ATOM   257  C CB  . TYR A 1 35  ? 13.527  -1.662  15.526  1.00 9.72  ? 35  TYR A CB  1 
ATOM   258  C CG  . TYR A 1 35  ? 14.627  -1.869  14.522  1.00 9.80  ? 35  TYR A CG  1 
ATOM   259  C CD1 . TYR A 1 35  ? 15.508  -2.949  14.626  1.00 9.75  ? 35  TYR A CD1 1 
ATOM   260  C CD2 . TYR A 1 35  ? 14.796  -0.978  13.463  1.00 10.74 ? 35  TYR A CD2 1 
ATOM   261  C CE1 . TYR A 1 35  ? 16.529  -3.132  13.689  1.00 12.05 ? 35  TYR A CE1 1 
ATOM   262  C CE2 . TYR A 1 35  ? 15.807  -1.149  12.531  1.00 11.52 ? 35  TYR A CE2 1 
ATOM   263  C CZ  . TYR A 1 35  ? 16.668  -2.225  12.643  1.00 10.90 ? 35  TYR A CZ  1 
ATOM   264  O OH  . TYR A 1 35  ? 17.655  -2.391  11.699  1.00 11.42 ? 35  TYR A OH  1 
ATOM   265  N N   . ARG A 1 36  ? 11.851  0.841   16.698  1.00 10.54 ? 36  ARG A N   1 
ATOM   266  C CA  . ARG A 1 36  ? 10.580  1.296   17.233  1.00 13.56 ? 36  ARG A CA  1 
ATOM   267  C C   . ARG A 1 36  ? 9.642   1.531   16.052  1.00 13.97 ? 36  ARG A C   1 
ATOM   268  O O   . ARG A 1 36  ? 10.002  2.194   15.084  1.00 17.18 ? 36  ARG A O   1 
ATOM   269  C CB  . ARG A 1 36  ? 10.765  2.586   18.040  1.00 16.95 ? 36  ARG A CB  1 
ATOM   270  C CG  . ARG A 1 36  ? 11.601  2.395   19.312  1.00 24.38 ? 36  ARG A CG  1 
ATOM   271  C CD  . ARG A 1 36  ? 11.770  3.694   20.093  1.00 32.23 ? 36  ARG A CD  1 
ATOM   272  N NE  . ARG A 1 36  ? 10.957  3.753   21.309  1.00 38.56 ? 36  ARG A NE  1 
ATOM   273  C CZ  . ARG A 1 36  ? 9.627   3.714   21.336  1.00 41.34 ? 36  ARG A CZ  1 
ATOM   274  N NH1 . ARG A 1 36  ? 8.933   3.614   20.210  1.00 42.99 ? 36  ARG A NH1 1 
ATOM   275  N NH2 . ARG A 1 36  ? 8.988   3.780   22.496  1.00 42.33 ? 36  ARG A NH2 1 
ATOM   276  N N   . LEU A 1 37  ? 8.448   0.964   16.129  1.00 11.69 ? 37  LEU A N   1 
ATOM   277  C CA  . LEU A 1 37  ? 7.455   1.119   15.068  1.00 9.96  ? 37  LEU A CA  1 
ATOM   278  C C   . LEU A 1 37  ? 6.234   1.750   15.708  1.00 8.44  ? 37  LEU A C   1 
ATOM   279  O O   . LEU A 1 37  ? 5.927   1.462   16.861  1.00 8.74  ? 37  LEU A O   1 
ATOM   280  C CB  . LEU A 1 37  ? 7.072   -0.254  14.494  1.00 10.22 ? 37  LEU A CB  1 
ATOM   281  C CG  . LEU A 1 37  ? 5.982   -0.283  13.407  1.00 10.40 ? 37  LEU A CG  1 
ATOM   282  C CD1 . LEU A 1 37  ? 6.555   0.268   12.099  1.00 10.19 ? 37  LEU A CD1 1 
ATOM   283  C CD2 . LEU A 1 37  ? 5.481   -1.723  13.200  1.00 9.10  ? 37  LEU A CD2 1 
ATOM   284  N N   . TYR A 1 38  ? 5.535   2.608   14.974  1.00 9.70  ? 38  TYR A N   1 
ATOM   285  C CA  . TYR A 1 38  ? 4.339   3.230   15.521  1.00 10.28 ? 38  TYR A CA  1 
ATOM   286  C C   . TYR A 1 38  ? 3.374   3.654   14.427  1.00 9.88  ? 38  TYR A C   1 
ATOM   287  O O   . TYR A 1 38  ? 3.761   3.813   13.271  1.00 8.78  ? 38  TYR A O   1 
ATOM   288  C CB  . TYR A 1 38  ? 4.714   4.439   16.389  1.00 10.38 ? 38  TYR A CB  1 
ATOM   289  C CG  . TYR A 1 38  ? 5.321   5.598   15.627  1.00 8.99  ? 38  TYR A CG  1 
ATOM   290  C CD1 . TYR A 1 38  ? 4.517   6.612   15.097  1.00 8.35  ? 38  TYR A CD1 1 
ATOM   291  C CD2 . TYR A 1 38  ? 6.703   5.694   15.454  1.00 9.34  ? 38  TYR A CD2 1 
ATOM   292  C CE1 . TYR A 1 38  ? 5.082   7.699   14.417  1.00 10.04 ? 38  TYR A CE1 1 
ATOM   293  C CE2 . TYR A 1 38  ? 7.274   6.773   14.778  1.00 10.41 ? 38  TYR A CE2 1 
ATOM   294  C CZ  . TYR A 1 38  ? 6.462   7.773   14.265  1.00 11.19 ? 38  TYR A CZ  1 
ATOM   295  O OH  . TYR A 1 38  ? 7.033   8.850   13.617  1.00 11.46 ? 38  TYR A OH  1 
ATOM   296  N N   . ARG A 1 39  ? 2.109   3.808   14.795  1.00 9.80  ? 39  ARG A N   1 
ATOM   297  C CA  . ARG A 1 39  ? 1.093   4.229   13.842  1.00 10.41 ? 39  ARG A CA  1 
ATOM   298  C C   . ARG A 1 39  ? 0.766   5.694   14.099  1.00 10.31 ? 39  ARG A C   1 
ATOM   299  O O   . ARG A 1 39  ? 0.686   6.119   15.245  1.00 11.61 ? 39  ARG A O   1 
ATOM   300  C CB  . ARG A 1 39  ? -0.174  3.379   13.995  1.00 10.25 ? 39  ARG A CB  1 
ATOM   301  C CG  . ARG A 1 39  ? -1.311  3.823   13.075  1.00 10.70 ? 39  ARG A CG  1 
ATOM   302  C CD  . ARG A 1 39  ? -2.450  2.814   13.043  1.00 11.32 ? 39  ARG A CD  1 
ATOM   303  N NE  . ARG A 1 39  ? -3.064  2.613   14.351  1.00 14.10 ? 39  ARG A NE  1 
ATOM   304  C CZ  . ARG A 1 39  ? -3.991  1.692   14.597  1.00 16.20 ? 39  ARG A CZ  1 
ATOM   305  N NH1 . ARG A 1 39  ? -4.408  0.896   13.619  1.00 15.37 ? 39  ARG A NH1 1 
ATOM   306  N NH2 . ARG A 1 39  ? -4.495  1.557   15.816  1.00 17.55 ? 39  ARG A NH2 1 
ATOM   307  N N   . GLU A 1 40  ? 0.590   6.464   13.032  1.00 12.12 ? 40  GLU A N   1 
ATOM   308  C CA  . GLU A 1 40  ? 0.247   7.880   13.171  1.00 13.61 ? 40  GLU A CA  1 
ATOM   309  C C   . GLU A 1 40  ? -1.203  8.055   13.638  1.00 14.91 ? 40  GLU A C   1 
ATOM   310  O O   . GLU A 1 40  ? -2.070  7.243   13.312  1.00 14.75 ? 40  GLU A O   1 
ATOM   311  C CB  . GLU A 1 40  ? 0.405   8.610   11.833  1.00 15.07 ? 40  GLU A CB  1 
ATOM   312  C CG  . GLU A 1 40  ? 1.773   8.500   11.185  1.00 14.94 ? 40  GLU A CG  1 
ATOM   313  C CD  . GLU A 1 40  ? 1.927   9.439   9.998   1.00 17.74 ? 40  GLU A CD  1 
ATOM   314  O OE1 . GLU A 1 40  ? 0.929   9.676   9.284   1.00 17.52 ? 40  GLU A OE1 1 
ATOM   315  O OE2 . GLU A 1 40  ? 3.047   9.936   9.775   1.00 20.41 ? 40  GLU A OE2 1 
ATOM   316  N N   . LYS A 1 41  ? -1.443  9.118   14.403  1.00 14.24 ? 41  LYS A N   1 
ATOM   317  C CA  . LYS A 1 41  ? -2.768  9.483   14.907  1.00 15.44 ? 41  LYS A CA  1 
ATOM   318  C C   . LYS A 1 41  ? -3.395  8.596   15.979  1.00 14.95 ? 41  LYS A C   1 
ATOM   319  O O   . LYS A 1 41  ? -3.953  9.104   16.946  1.00 14.71 ? 41  LYS A O   1 
ATOM   320  C CB  . LYS A 1 41  ? -3.741  9.637   13.733  1.00 16.86 ? 41  LYS A CB  1 
ATOM   321  C CG  . LYS A 1 41  ? -3.238  10.561  12.627  1.00 20.73 ? 41  LYS A CG  1 
ATOM   322  C CD  . LYS A 1 41  ? -2.878  11.949  13.158  1.00 22.89 ? 41  LYS A CD  1 
ATOM   323  C CE  . LYS A 1 41  ? -2.509  12.906  12.028  1.00 24.25 ? 41  LYS A CE  1 
ATOM   324  N NZ  . LYS A 1 41  ? -1.267  12.504  11.318  1.00 25.73 ? 41  LYS A NZ  1 
ATOM   325  N N   . LYS A 1 42  ? -3.322  7.281   15.814  1.00 13.73 ? 42  LYS A N   1 
ATOM   326  C CA  . LYS A 1 42  ? -3.893  6.374   16.805  1.00 14.97 ? 42  LYS A CA  1 
ATOM   327  C C   . LYS A 1 42  ? -2.895  5.274   17.132  1.00 13.47 ? 42  LYS A C   1 
ATOM   328  O O   . LYS A 1 42  ? -2.393  4.611   16.234  1.00 13.29 ? 42  LYS A O   1 
ATOM   329  C CB  . LYS A 1 42  ? -5.189  5.753   16.278  1.00 18.14 ? 42  LYS A CB  1 
ATOM   330  C CG  . LYS A 1 42  ? -5.902  4.877   17.296  1.00 22.20 ? 42  LYS A CG  1 
ATOM   331  C CD  . LYS A 1 42  ? -7.181  4.280   16.726  1.00 23.62 ? 42  LYS A CD  1 
ATOM   332  C CE  . LYS A 1 42  ? -7.898  3.433   17.768  1.00 27.21 ? 42  LYS A CE  1 
ATOM   333  N NZ  . LYS A 1 42  ? -9.090  2.747   17.201  1.00 28.49 ? 42  LYS A NZ  1 
ATOM   334  N N   . THR A 1 43  ? -2.602  5.083   18.416  1.00 14.07 ? 43  THR A N   1 
ATOM   335  C CA  . THR A 1 43  ? -1.646  4.058   18.814  1.00 14.36 ? 43  THR A CA  1 
ATOM   336  C C   . THR A 1 43  ? -2.129  2.687   18.367  1.00 13.76 ? 43  THR A C   1 
ATOM   337  O O   . THR A 1 43  ? -3.330  2.426   18.324  1.00 13.05 ? 43  THR A O   1 
ATOM   338  C CB  . THR A 1 43  ? -1.433  4.038   20.339  1.00 17.74 ? 43  THR A CB  1 
ATOM   339  O OG1 . THR A 1 43  ? -2.690  3.829   20.995  1.00 20.05 ? 43  THR A OG1 1 
ATOM   340  C CG2 . THR A 1 43  ? -0.836  5.356   20.806  1.00 18.57 ? 43  THR A CG2 1 
ATOM   341  N N   . ALA A 1 44  ? -1.179  1.823   18.029  1.00 12.77 ? 44  ALA A N   1 
ATOM   342  C CA  . ALA A 1 44  ? -1.477  0.472   17.571  1.00 13.13 ? 44  ALA A CA  1 
ATOM   343  C C   . ALA A 1 44  ? -1.018  -0.538  18.617  1.00 13.59 ? 44  ALA A C   1 
ATOM   344  O O   . ALA A 1 44  ? 0.157   -0.901  18.671  1.00 13.61 ? 44  ALA A O   1 
ATOM   345  C CB  . ALA A 1 44  ? -0.773  0.209   16.242  1.00 11.11 ? 44  ALA A CB  1 
ATOM   346  N N   . PRO A 1 45  ? -1.945  -1.008  19.462  1.00 16.17 ? 45  PRO A N   1 
ATOM   347  C CA  . PRO A 1 45  ? -1.630  -1.982  20.513  1.00 17.33 ? 45  PRO A CA  1 
ATOM   348  C C   . PRO A 1 45  ? -0.943  -3.259  20.029  1.00 15.88 ? 45  PRO A C   1 
ATOM   349  O O   . PRO A 1 45  ? -0.171  -3.867  20.772  1.00 16.15 ? 45  PRO A O   1 
ATOM   350  C CB  . PRO A 1 45  ? -2.997  -2.264  21.136  1.00 20.31 ? 45  PRO A CB  1 
ATOM   351  C CG  . PRO A 1 45  ? -3.712  -0.955  20.968  1.00 20.16 ? 45  PRO A CG  1 
ATOM   352  C CD  . PRO A 1 45  ? -3.353  -0.582  19.549  1.00 16.55 ? 45  PRO A CD  1 
ATOM   353  N N   . TRP A 1 46  ? -1.206  -3.671  18.792  1.00 14.60 ? 46  TRP A N   1 
ATOM   354  C CA  . TRP A 1 46  ? -0.585  -4.898  18.295  1.00 12.93 ? 46  TRP A CA  1 
ATOM   355  C C   . TRP A 1 46  ? 0.936   -4.838  18.300  1.00 12.27 ? 46  TRP A C   1 
ATOM   356  O O   . TRP A 1 46  ? 1.599   -5.863  18.434  1.00 13.12 ? 46  TRP A O   1 
ATOM   357  C CB  . TRP A 1 46  ? -1.075  -5.253  16.878  1.00 11.40 ? 46  TRP A CB  1 
ATOM   358  C CG  . TRP A 1 46  ? -0.569  -4.365  15.764  1.00 10.18 ? 46  TRP A CG  1 
ATOM   359  C CD1 . TRP A 1 46  ? -1.167  -3.243  15.274  1.00 9.78  ? 46  TRP A CD1 1 
ATOM   360  C CD2 . TRP A 1 46  ? 0.633   -4.546  15.000  1.00 10.96 ? 46  TRP A CD2 1 
ATOM   361  N NE1 . TRP A 1 46  ? -0.418  -2.711  14.247  1.00 8.68  ? 46  TRP A NE1 1 
ATOM   362  C CE2 . TRP A 1 46  ? 0.692   -3.491  14.059  1.00 10.62 ? 46  TRP A CE2 1 
ATOM   363  C CE3 . TRP A 1 46  ? 1.665   -5.494  15.020  1.00 10.68 ? 46  TRP A CE3 1 
ATOM   364  C CZ2 . TRP A 1 46  ? 1.746   -3.358  13.143  1.00 10.53 ? 46  TRP A CZ2 1 
ATOM   365  C CZ3 . TRP A 1 46  ? 2.715   -5.362  14.108  1.00 11.86 ? 46  TRP A CZ3 1 
ATOM   366  C CH2 . TRP A 1 46  ? 2.746   -4.302  13.184  1.00 11.55 ? 46  TRP A CH2 1 
ATOM   367  N N   . ILE A 1 47  ? 1.492   -3.639  18.161  1.00 11.17 ? 47  ILE A N   1 
ATOM   368  C CA  . ILE A 1 47  ? 2.941   -3.490  18.137  1.00 10.21 ? 47  ILE A CA  1 
ATOM   369  C C   . ILE A 1 47  ? 3.555   -3.839  19.490  1.00 11.62 ? 47  ILE A C   1 
ATOM   370  O O   . ILE A 1 47  ? 4.606   -4.473  19.554  1.00 12.03 ? 47  ILE A O   1 
ATOM   371  C CB  . ILE A 1 47  ? 3.343   -2.048  17.731  1.00 11.11 ? 47  ILE A CB  1 
ATOM   372  C CG1 . ILE A 1 47  ? 2.852   -1.764  16.306  1.00 10.70 ? 47  ILE A CG1 1 
ATOM   373  C CG2 . ILE A 1 47  ? 4.859   -1.881  17.789  1.00 8.48  ? 47  ILE A CG2 1 
ATOM   374  C CD1 . ILE A 1 47  ? 3.055   -0.330  15.846  1.00 10.90 ? 47  ILE A CD1 1 
ATOM   375  N N   . THR A 1 48  ? 2.885   -3.448  20.570  1.00 12.48 ? 48  THR A N   1 
ATOM   376  C CA  . THR A 1 48  ? 3.388   -3.731  21.908  1.00 14.63 ? 48  THR A CA  1 
ATOM   377  C C   . THR A 1 48  ? 3.425   -5.230  22.202  1.00 14.98 ? 48  THR A C   1 
ATOM   378  O O   . THR A 1 48  ? 4.094   -5.668  23.138  1.00 14.80 ? 48  THR A O   1 
ATOM   379  C CB  . THR A 1 48  ? 2.540   -3.016  22.979  1.00 16.98 ? 48  THR A CB  1 
ATOM   380  O OG1 . THR A 1 48  ? 1.236   -3.609  23.047  1.00 23.10 ? 48  THR A OG1 1 
ATOM   381  C CG2 . THR A 1 48  ? 2.396   -1.538  22.625  1.00 15.44 ? 48  THR A CG2 1 
ATOM   382  N N   . ARG A 1 49  ? 2.718   -6.016  21.392  1.00 14.67 ? 49  ARG A N   1 
ATOM   383  C CA  . ARG A 1 49  ? 2.684   -7.471  21.565  1.00 14.49 ? 49  ARG A CA  1 
ATOM   384  C C   . ARG A 1 49  ? 3.880   -8.173  20.921  1.00 13.96 ? 49  ARG A C   1 
ATOM   385  O O   . ARG A 1 49  ? 4.137   -9.345  21.196  1.00 12.43 ? 49  ARG A O   1 
ATOM   386  C CB  . ARG A 1 49  ? 1.417   -8.060  20.941  1.00 16.44 ? 49  ARG A CB  1 
ATOM   387  C CG  . ARG A 1 49  ? 0.102   -7.746  21.637  1.00 18.35 ? 49  ARG A CG  1 
ATOM   388  C CD  . ARG A 1 49  ? -1.046  -8.354  20.826  1.00 17.62 ? 49  ARG A CD  1 
ATOM   389  N NE  . ARG A 1 49  ? -2.317  -8.336  21.541  1.00 22.83 ? 49  ARG A NE  1 
ATOM   390  C CZ  . ARG A 1 49  ? -3.456  -8.818  21.053  1.00 22.74 ? 49  ARG A CZ  1 
ATOM   391  N NH1 . ARG A 1 49  ? -3.489  -9.358  19.841  1.00 22.19 ? 49  ARG A NH1 1 
ATOM   392  N NH2 . ARG A 1 49  ? -4.566  -8.766  21.779  1.00 25.21 ? 49  ARG A NH2 1 
ATOM   393  N N   . ILE A 1 50  ? 4.604   -7.467  20.059  1.00 12.99 ? 50  ILE A N   1 
ATOM   394  C CA  . ILE A 1 50  ? 5.736   -8.071  19.356  1.00 12.85 ? 50  ILE A CA  1 
ATOM   395  C C   . ILE A 1 50  ? 6.916   -8.404  20.270  1.00 14.11 ? 50  ILE A C   1 
ATOM   396  O O   . ILE A 1 50  ? 7.392   -7.553  21.024  1.00 13.25 ? 50  ILE A O   1 
ATOM   397  C CB  . ILE A 1 50  ? 6.224   -7.155  18.208  1.00 11.44 ? 50  ILE A CB  1 
ATOM   398  C CG1 . ILE A 1 50  ? 5.046   -6.783  17.298  1.00 10.12 ? 50  ILE A CG1 1 
ATOM   399  C CG2 . ILE A 1 50  ? 7.302   -7.856  17.394  1.00 12.53 ? 50  ILE A CG2 1 
ATOM   400  C CD1 . ILE A 1 50  ? 4.313   -7.973  16.712  1.00 10.25 ? 50  ILE A CD1 1 
ATOM   401  N N   . PRO A 1 51  ? 7.399   -9.659  20.213  1.00 13.37 ? 51  PRO A N   1 
ATOM   402  C CA  . PRO A 1 51  ? 8.527   -10.135 21.020  1.00 15.61 ? 51  PRO A CA  1 
ATOM   403  C C   . PRO A 1 51  ? 9.783   -9.302  20.786  1.00 15.22 ? 51  PRO A C   1 
ATOM   404  O O   . PRO A 1 51  ? 10.086  -8.923  19.657  1.00 12.11 ? 51  PRO A O   1 
ATOM   405  C CB  . PRO A 1 51  ? 8.710   -11.575 20.544  1.00 14.86 ? 51  PRO A CB  1 
ATOM   406  C CG  . PRO A 1 51  ? 7.339   -11.977 20.140  1.00 16.92 ? 51  PRO A CG  1 
ATOM   407  C CD  . PRO A 1 51  ? 6.840   -10.759 19.406  1.00 15.45 ? 51  PRO A CD  1 
ATOM   408  N N   . GLN A 1 52  ? 10.524  -9.030  21.852  1.00 16.28 ? 52  GLN A N   1 
ATOM   409  C CA  . GLN A 1 52  ? 11.741  -8.241  21.728  1.00 19.55 ? 52  GLN A CA  1 
ATOM   410  C C   . GLN A 1 52  ? 12.714  -8.912  20.755  1.00 17.79 ? 52  GLN A C   1 
ATOM   411  O O   . GLN A 1 52  ? 13.473  -8.238  20.059  1.00 15.97 ? 52  GLN A O   1 
ATOM   412  C CB  . GLN A 1 52  ? 12.389  -8.071  23.104  1.00 23.07 ? 52  GLN A CB  1 
ATOM   413  C CG  . GLN A 1 52  ? 13.176  -6.784  23.255  1.00 31.26 ? 52  GLN A CG  1 
ATOM   414  C CD  . GLN A 1 52  ? 12.398  -5.564  22.782  1.00 33.46 ? 52  GLN A CD  1 
ATOM   415  O OE1 . GLN A 1 52  ? 11.269  -5.319  23.209  1.00 34.35 ? 52  GLN A OE1 1 
ATOM   416  N NE2 . GLN A 1 52  ? 13.008  -4.790  21.894  1.00 36.59 ? 52  GLN A NE2 1 
ATOM   417  N N   . GLU A 1 53  ? 12.673  -10.241 20.705  1.00 16.62 ? 53  GLU A N   1 
ATOM   418  C CA  . GLU A 1 53  ? 13.544  -11.013 19.825  1.00 18.35 ? 53  GLU A CA  1 
ATOM   419  C C   . GLU A 1 53  ? 13.321  -10.638 18.362  1.00 16.63 ? 53  GLU A C   1 
ATOM   420  O O   . GLU A 1 53  ? 14.257  -10.639 17.558  1.00 16.44 ? 53  GLU A O   1 
ATOM   421  C CB  . GLU A 1 53  ? 13.290  -12.511 20.014  1.00 20.84 ? 53  GLU A CB  1 
ATOM   422  C CG  . GLU A 1 53  ? 13.669  -13.040 21.396  1.00 29.45 ? 53  GLU A CG  1 
ATOM   423  C CD  . GLU A 1 53  ? 12.957  -12.318 22.530  1.00 31.74 ? 53  GLU A CD  1 
ATOM   424  O OE1 . GLU A 1 53  ? 11.708  -12.318 22.554  1.00 30.80 ? 53  GLU A OE1 1 
ATOM   425  O OE2 . GLU A 1 53  ? 13.654  -11.751 23.399  1.00 37.56 ? 53  GLU A OE2 1 
ATOM   426  N N   . LEU A 1 54  ? 12.075  -10.322 18.023  1.00 13.51 ? 54  LEU A N   1 
ATOM   427  C CA  . LEU A 1 54  ? 11.725  -9.934  16.661  1.00 12.40 ? 54  LEU A CA  1 
ATOM   428  C C   . LEU A 1 54  ? 11.970  -8.441  16.444  1.00 10.78 ? 54  LEU A C   1 
ATOM   429  O O   . LEU A 1 54  ? 12.424  -8.030  15.383  1.00 11.00 ? 54  LEU A O   1 
ATOM   430  C CB  . LEU A 1 54  ? 10.258  -10.277 16.382  1.00 11.41 ? 54  LEU A CB  1 
ATOM   431  C CG  . LEU A 1 54  ? 9.957   -11.778 16.324  1.00 15.00 ? 54  LEU A CG  1 
ATOM   432  C CD1 . LEU A 1 54  ? 8.478   -12.011 16.033  1.00 14.24 ? 54  LEU A CD1 1 
ATOM   433  C CD2 . LEU A 1 54  ? 10.824  -12.418 15.249  1.00 14.98 ? 54  LEU A CD2 1 
ATOM   434  N N   . VAL A 1 55  ? 11.659  -7.636  17.456  1.00 10.47 ? 55  VAL A N   1 
ATOM   435  C CA  . VAL A 1 55  ? 11.863  -6.192  17.366  1.00 11.40 ? 55  VAL A CA  1 
ATOM   436  C C   . VAL A 1 55  ? 13.325  -5.876  17.057  1.00 11.33 ? 55  VAL A C   1 
ATOM   437  O O   . VAL A 1 55  ? 13.623  -5.014  16.230  1.00 9.61  ? 55  VAL A O   1 
ATOM   438  C CB  . VAL A 1 55  ? 11.475  -5.486  18.686  1.00 10.85 ? 55  VAL A CB  1 
ATOM   439  C CG1 . VAL A 1 55  ? 11.889  -4.019  18.637  1.00 11.18 ? 55  VAL A CG1 1 
ATOM   440  C CG2 . VAL A 1 55  ? 9.971   -5.598  18.914  1.00 10.72 ? 55  VAL A CG2 1 
ATOM   441  N N   . LYS A 1 56  ? 14.234  -6.592  17.713  1.00 11.45 ? 56  LYS A N   1 
ATOM   442  C CA  . LYS A 1 56  ? 15.660  -6.371  17.517  1.00 14.00 ? 56  LYS A CA  1 
ATOM   443  C C   . LYS A 1 56  ? 16.116  -6.661  16.093  1.00 14.10 ? 56  LYS A C   1 
ATOM   444  O O   . LYS A 1 56  ? 17.168  -6.186  15.669  1.00 12.51 ? 56  LYS A O   1 
ATOM   445  C CB  . LYS A 1 56  ? 16.473  -7.212  18.506  1.00 15.24 ? 56  LYS A CB  1 
ATOM   446  C CG  . LYS A 1 56  ? 16.263  -6.819  19.962  1.00 20.38 ? 56  LYS A CG  1 
ATOM   447  C CD  . LYS A 1 56  ? 17.195  -7.606  20.872  1.00 25.15 ? 56  LYS A CD  1 
ATOM   448  C CE  . LYS A 1 56  ? 16.932  -7.310  22.336  1.00 28.33 ? 56  LYS A CE  1 
ATOM   449  N NZ  . LYS A 1 56  ? 17.864  -8.074  23.215  1.00 31.66 ? 56  LYS A NZ  1 
ATOM   450  N N   . LYS A 1 57  ? 15.327  -7.444  15.360  1.00 13.54 ? 57  LYS A N   1 
ATOM   451  C CA  . LYS A 1 57  ? 15.649  -7.775  13.977  1.00 14.99 ? 57  LYS A CA  1 
ATOM   452  C C   . LYS A 1 57  ? 14.812  -6.912  13.033  1.00 12.70 ? 57  LYS A C   1 
ATOM   453  O O   . LYS A 1 57  ? 14.814  -7.119  11.822  1.00 13.39 ? 57  LYS A O   1 
ATOM   454  C CB  . LYS A 1 57  ? 15.378  -9.258  13.702  1.00 18.33 ? 57  LYS A CB  1 
ATOM   455  C CG  . LYS A 1 57  ? 16.235  -10.206 14.518  1.00 22.56 ? 57  LYS A CG  1 
ATOM   456  C CD  . LYS A 1 57  ? 16.101  -11.645 14.027  1.00 24.16 ? 57  LYS A CD  1 
ATOM   457  C CE  . LYS A 1 57  ? 14.685  -12.167 14.181  1.00 25.13 ? 57  LYS A CE  1 
ATOM   458  N NZ  . LYS A 1 57  ? 14.550  -13.545 13.622  1.00 30.51 ? 57  LYS A NZ  1 
ATOM   459  N N   . GLY A 1 58  ? 14.103  -5.941  13.598  1.00 12.20 ? 58  GLY A N   1 
ATOM   460  C CA  . GLY A 1 58  ? 13.271  -5.069  12.791  1.00 11.08 ? 58  GLY A CA  1 
ATOM   461  C C   . GLY A 1 58  ? 12.089  -5.794  12.172  1.00 11.04 ? 58  GLY A C   1 
ATOM   462  O O   . GLY A 1 58  ? 11.645  -5.451  11.077  1.00 12.61 ? 58  GLY A O   1 
ATOM   463  N N   . GLN A 1 59  ? 11.578  -6.801  12.871  1.00 10.75 ? 59  GLN A N   1 
ATOM   464  C CA  . GLN A 1 59  ? 10.438  -7.567  12.382  1.00 10.47 ? 59  GLN A CA  1 
ATOM   465  C C   . GLN A 1 59  ? 9.206   -7.377  13.258  1.00 11.19 ? 59  GLN A C   1 
ATOM   466  O O   . GLN A 1 59  ? 9.253   -7.586  14.473  1.00 10.88 ? 59  GLN A O   1 
ATOM   467  C CB  . GLN A 1 59  ? 10.791  -9.052  12.304  1.00 9.99  ? 59  GLN A CB  1 
ATOM   468  C CG  . GLN A 1 59  ? 11.789  -9.384  11.206  1.00 12.38 ? 59  GLN A CG  1 
ATOM   469  C CD  . GLN A 1 59  ? 12.188  -10.842 11.209  1.00 16.37 ? 59  GLN A CD  1 
ATOM   470  O OE1 . GLN A 1 59  ? 11.386  -11.713 11.546  1.00 17.37 ? 59  GLN A OE1 1 
ATOM   471  N NE2 . GLN A 1 59  ? 13.425  -11.120 10.819  1.00 17.25 ? 59  GLN A NE2 1 
ATOM   472  N N   . PHE A 1 60  ? 8.102   -6.989  12.624  1.00 9.72  ? 60  PHE A N   1 
ATOM   473  C CA  . PHE A 1 60  ? 6.839   -6.752  13.319  1.00 8.89  ? 60  PHE A CA  1 
ATOM   474  C C   . PHE A 1 60  ? 5.739   -7.477  12.554  1.00 11.19 ? 60  PHE A C   1 
ATOM   475  O O   . PHE A 1 60  ? 5.020   -6.876  11.756  1.00 10.12 ? 60  PHE A O   1 
ATOM   476  C CB  . PHE A 1 60  ? 6.540   -5.250  13.370  1.00 11.08 ? 60  PHE A CB  1 
ATOM   477  C CG  . PHE A 1 60  ? 7.639   -4.436  14.004  1.00 11.06 ? 60  PHE A CG  1 
ATOM   478  C CD1 . PHE A 1 60  ? 8.751   -4.052  13.265  1.00 10.09 ? 60  PHE A CD1 1 
ATOM   479  C CD2 . PHE A 1 60  ? 7.576   -4.089  15.351  1.00 11.66 ? 60  PHE A CD2 1 
ATOM   480  C CE1 . PHE A 1 60  ? 9.791   -3.335  13.856  1.00 11.63 ? 60  PHE A CE1 1 
ATOM   481  C CE2 . PHE A 1 60  ? 8.613   -3.373  15.954  1.00 12.75 ? 60  PHE A CE2 1 
ATOM   482  C CZ  . PHE A 1 60  ? 9.720   -2.996  15.202  1.00 10.54 ? 60  PHE A CZ  1 
ATOM   483  N N   . PRO A 1 61  ? 5.596   -8.787  12.798  1.00 12.15 ? 61  PRO A N   1 
ATOM   484  C CA  . PRO A 1 61  ? 4.591   -9.623  12.135  1.00 13.06 ? 61  PRO A CA  1 
ATOM   485  C C   . PRO A 1 61  ? 3.153   -9.511  12.628  1.00 13.23 ? 61  PRO A C   1 
ATOM   486  O O   . PRO A 1 61  ? 2.891   -9.326  13.816  1.00 13.17 ? 61  PRO A O   1 
ATOM   487  C CB  . PRO A 1 61  ? 5.146   -11.028 12.341  1.00 13.56 ? 61  PRO A CB  1 
ATOM   488  C CG  . PRO A 1 61  ? 5.692   -10.937 13.733  1.00 14.12 ? 61  PRO A CG  1 
ATOM   489  C CD  . PRO A 1 61  ? 6.433   -9.601  13.700  1.00 11.63 ? 61  PRO A CD  1 
ATOM   490  N N   . ILE A 1 62  ? 2.232   -9.618  11.677  1.00 14.33 ? 62  ILE A N   1 
ATOM   491  C CA  . ILE A 1 62  ? 0.797   -9.614  11.934  1.00 13.98 ? 62  ILE A CA  1 
ATOM   492  C C   . ILE A 1 62  ? 0.345   -10.910 11.250  1.00 14.26 ? 62  ILE A C   1 
ATOM   493  O O   . ILE A 1 62  ? 0.197   -10.956 10.026  1.00 13.57 ? 62  ILE A O   1 
ATOM   494  C CB  . ILE A 1 62  ? 0.088   -8.423  11.261  1.00 14.45 ? 62  ILE A CB  1 
ATOM   495  C CG1 . ILE A 1 62  ? 0.545   -7.110  11.899  1.00 14.88 ? 62  ILE A CG1 1 
ATOM   496  C CG2 . ILE A 1 62  ? -1.416  -8.579  11.398  1.00 12.93 ? 62  ILE A CG2 1 
ATOM   497  C CD1 . ILE A 1 62  ? -0.056  -5.880  11.253  1.00 16.06 ? 62  ILE A CD1 1 
ATOM   498  N N   . PRO A 1 63  ? 0.141   -11.981 12.033  1.00 14.78 ? 63  PRO A N   1 
ATOM   499  C CA  . PRO A 1 63  ? -0.281  -13.297 11.536  1.00 15.23 ? 63  PRO A CA  1 
ATOM   500  C C   . PRO A 1 63  ? -1.558  -13.297 10.697  1.00 15.89 ? 63  PRO A C   1 
ATOM   501  O O   . PRO A 1 63  ? -1.672  -14.049 9.733   1.00 15.93 ? 63  PRO A O   1 
ATOM   502  C CB  . PRO A 1 63  ? -0.433  -14.115 12.817  1.00 16.95 ? 63  PRO A CB  1 
ATOM   503  C CG  . PRO A 1 63  ? 0.578   -13.491 13.736  1.00 18.15 ? 63  PRO A CG  1 
ATOM   504  C CD  . PRO A 1 63  ? 0.348   -12.019 13.491  1.00 15.77 ? 63  PRO A CD  1 
ATOM   505  N N   . SER A 1 64  ? -2.516  -12.461 11.072  1.00 15.02 ? 64  SER A N   1 
ATOM   506  C CA  . SER A 1 64  ? -3.780  -12.377 10.350  1.00 16.02 ? 64  SER A CA  1 
ATOM   507  C C   . SER A 1 64  ? -4.310  -10.947 10.457  1.00 16.18 ? 64  SER A C   1 
ATOM   508  O O   . SER A 1 64  ? -4.884  -10.557 11.473  1.00 14.83 ? 64  SER A O   1 
ATOM   509  C CB  . SER A 1 64  ? -4.777  -13.375 10.948  1.00 17.79 ? 64  SER A CB  1 
ATOM   510  O OG  . SER A 1 64  ? -5.939  -13.477 10.151  1.00 22.69 ? 64  SER A OG  1 
ATOM   511  N N   . ILE A 1 65  ? -4.119  -10.168 9.396   1.00 15.80 ? 65  ILE A N   1 
ATOM   512  C CA  . ILE A 1 65  ? -4.533  -8.771  9.403   1.00 15.23 ? 65  ILE A CA  1 
ATOM   513  C C   . ILE A 1 65  ? -6.044  -8.545  9.447   1.00 16.26 ? 65  ILE A C   1 
ATOM   514  O O   . ILE A 1 65  ? -6.819  -9.276  8.827   1.00 14.52 ? 65  ILE A O   1 
ATOM   515  C CB  . ILE A 1 65  ? -3.927  -8.013  8.192   1.00 15.01 ? 65  ILE A CB  1 
ATOM   516  C CG1 . ILE A 1 65  ? -3.942  -6.506  8.468   1.00 15.34 ? 65  ILE A CG1 1 
ATOM   517  C CG2 . ILE A 1 65  ? -4.711  -8.327  6.918   1.00 15.55 ? 65  ILE A CG2 1 
ATOM   518  C CD1 . ILE A 1 65  ? -3.131  -5.690  7.478   1.00 16.27 ? 65  ILE A CD1 1 
ATOM   519  N N   . THR A 1 66  ? -6.443  -7.518  10.192  1.00 15.62 ? 66  THR A N   1 
ATOM   520  C CA  . THR A 1 66  ? -7.842  -7.147  10.351  1.00 17.56 ? 66  THR A CA  1 
ATOM   521  C C   . THR A 1 66  ? -7.996  -5.636  10.140  1.00 16.85 ? 66  THR A C   1 
ATOM   522  O O   . THR A 1 66  ? -7.004  -4.916  10.022  1.00 14.64 ? 66  THR A O   1 
ATOM   523  C CB  . THR A 1 66  ? -8.350  -7.502  11.766  1.00 21.18 ? 66  THR A CB  1 
ATOM   524  O OG1 . THR A 1 66  ? -7.683  -6.685  12.735  1.00 26.10 ? 66  THR A OG1 1 
ATOM   525  C CG2 . THR A 1 66  ? -8.079  -8.958  12.079  1.00 23.03 ? 66  THR A CG2 1 
ATOM   526  N N   . TRP A 1 67  ? -9.239  -5.160  10.102  1.00 14.97 ? 67  TRP A N   1 
ATOM   527  C CA  . TRP A 1 67  ? -9.514  -3.738  9.896   1.00 14.91 ? 67  TRP A CA  1 
ATOM   528  C C   . TRP A 1 67  ? -8.786  -2.858  10.918  1.00 15.81 ? 67  TRP A C   1 
ATOM   529  O O   . TRP A 1 67  ? -8.384  -1.738  10.608  1.00 14.91 ? 67  TRP A O   1 
ATOM   530  C CB  . TRP A 1 67  ? -11.020 -3.472  9.995   1.00 16.31 ? 67  TRP A CB  1 
ATOM   531  C CG  . TRP A 1 67  ? -11.866 -4.482  9.271   1.00 15.62 ? 67  TRP A CG  1 
ATOM   532  C CD1 . TRP A 1 67  ? -12.805 -5.304  9.823   1.00 18.67 ? 67  TRP A CD1 1 
ATOM   533  C CD2 . TRP A 1 67  ? -11.833 -4.793  7.874   1.00 17.46 ? 67  TRP A CD2 1 
ATOM   534  N NE1 . TRP A 1 67  ? -13.358 -6.113  8.858   1.00 16.05 ? 67  TRP A NE1 1 
ATOM   535  C CE2 . TRP A 1 67  ? -12.779 -5.819  7.652   1.00 18.40 ? 67  TRP A CE2 1 
ATOM   536  C CE3 . TRP A 1 67  ? -11.095 -4.306  6.786   1.00 18.80 ? 67  TRP A CE3 1 
ATOM   537  C CZ2 . TRP A 1 67  ? -13.007 -6.368  6.386   1.00 19.17 ? 67  TRP A CZ2 1 
ATOM   538  C CZ3 . TRP A 1 67  ? -11.322 -4.852  5.528   1.00 17.37 ? 67  TRP A CZ3 1 
ATOM   539  C CH2 . TRP A 1 67  ? -12.270 -5.872  5.339   1.00 19.49 ? 67  TRP A CH2 1 
ATOM   540  N N   . GLU A 1 68  ? -8.626  -3.374  12.132  1.00 16.74 ? 68  GLU A N   1 
ATOM   541  C CA  . GLU A 1 68  ? -7.962  -2.647  13.215  1.00 19.74 ? 68  GLU A CA  1 
ATOM   542  C C   . GLU A 1 68  ? -6.487  -2.330  12.952  1.00 17.93 ? 68  GLU A C   1 
ATOM   543  O O   . GLU A 1 68  ? -5.953  -1.361  13.491  1.00 18.19 ? 68  GLU A O   1 
ATOM   544  C CB  . GLU A 1 68  ? -8.094  -3.445  14.521  1.00 23.34 ? 68  GLU A CB  1 
ATOM   545  C CG  . GLU A 1 68  ? -7.182  -2.998  15.666  1.00 31.52 ? 68  GLU A CG  1 
ATOM   546  C CD  . GLU A 1 68  ? -7.310  -1.519  16.002  1.00 35.53 ? 68  GLU A CD  1 
ATOM   547  O OE1 . GLU A 1 68  ? -8.455  -1.020  16.068  1.00 38.30 ? 68  GLU A OE1 1 
ATOM   548  O OE2 . GLU A 1 68  ? -6.263  -0.860  16.214  1.00 35.84 ? 68  GLU A OE2 1 
ATOM   549  N N   . HIS A 1 69  ? -5.838  -3.135  12.117  1.00 15.34 ? 69  HIS A N   1 
ATOM   550  C CA  . HIS A 1 69  ? -4.420  -2.949  11.813  1.00 16.17 ? 69  HIS A CA  1 
ATOM   551  C C   . HIS A 1 69  ? -4.086  -1.837  10.815  1.00 14.54 ? 69  HIS A C   1 
ATOM   552  O O   . HIS A 1 69  ? -2.963  -1.336  10.802  1.00 13.41 ? 69  HIS A O   1 
ATOM   553  C CB  . HIS A 1 69  ? -3.819  -4.257  11.289  1.00 16.37 ? 69  HIS A CB  1 
ATOM   554  C CG  . HIS A 1 69  ? -3.916  -5.401  12.251  1.00 19.87 ? 69  HIS A CG  1 
ATOM   555  N ND1 . HIS A 1 69  ? -3.144  -5.488  13.389  1.00 23.11 ? 69  HIS A ND1 1 
ATOM   556  C CD2 . HIS A 1 69  ? -4.706  -6.500  12.248  1.00 17.50 ? 69  HIS A CD2 1 
ATOM   557  C CE1 . HIS A 1 69  ? -3.454  -6.592  14.047  1.00 21.81 ? 69  HIS A CE1 1 
ATOM   558  N NE2 . HIS A 1 69  ? -4.401  -7.222  13.375  1.00 22.48 ? 69  HIS A NE2 1 
ATOM   559  N N   . THR A 1 70  ? -5.045  -1.453  9.978   1.00 14.05 ? 70  THR A N   1 
ATOM   560  C CA  . THR A 1 70  ? -4.794  -0.424  8.972   1.00 12.75 ? 70  THR A CA  1 
ATOM   561  C C   . THR A 1 70  ? -4.348  0.913   9.539   1.00 13.76 ? 70  THR A C   1 
ATOM   562  O O   . THR A 1 70  ? -4.693  1.275   10.661  1.00 12.24 ? 70  THR A O   1 
ATOM   563  C CB  . THR A 1 70  ? -6.032  -0.161  8.106   1.00 11.39 ? 70  THR A CB  1 
ATOM   564  O OG1 . THR A 1 70  ? -7.061  0.414   8.918   1.00 11.72 ? 70  THR A OG1 1 
ATOM   565  C CG2 . THR A 1 70  ? -6.532  -1.455  7.481   1.00 12.99 ? 70  THR A CG2 1 
ATOM   566  N N   . GLY A 1 71  ? -3.578  1.645   8.742   1.00 12.92 ? 71  GLY A N   1 
ATOM   567  C CA  . GLY A 1 71  ? -3.107  2.945   9.177   1.00 13.39 ? 71  GLY A CA  1 
ATOM   568  C C   . GLY A 1 71  ? -1.791  3.327   8.537   1.00 12.64 ? 71  GLY A C   1 
ATOM   569  O O   . GLY A 1 71  ? -1.252  2.593   7.707   1.00 10.63 ? 71  GLY A O   1 
ATOM   570  N N   . ARG A 1 72  ? -1.278  4.487   8.933   1.00 11.65 ? 72  ARG A N   1 
ATOM   571  C CA  . ARG A 1 72  ? -0.023  5.013   8.414   1.00 13.29 ? 72  ARG A CA  1 
ATOM   572  C C   . ARG A 1 72  ? 1.037   4.715   9.469   1.00 11.84 ? 72  ARG A C   1 
ATOM   573  O O   . ARG A 1 72  ? 0.902   5.132   10.616  1.00 9.72  ? 72  ARG A O   1 
ATOM   574  C CB  . ARG A 1 72  ? -0.166  6.523   8.211   1.00 18.03 ? 72  ARG A CB  1 
ATOM   575  C CG  . ARG A 1 72  ? 0.643   7.117   7.078   1.00 25.33 ? 72  ARG A CG  1 
ATOM   576  C CD  . ARG A 1 72  ? -0.004  8.425   6.626   1.00 26.33 ? 72  ARG A CD  1 
ATOM   577  N NE  . ARG A 1 72  ? 0.605   8.958   5.415   1.00 32.64 ? 72  ARG A NE  1 
ATOM   578  C CZ  . ARG A 1 72  ? 1.749   9.629   5.388   1.00 33.19 ? 72  ARG A CZ  1 
ATOM   579  N NH1 . ARG A 1 72  ? 2.413   9.857   6.510   1.00 39.16 ? 72  ARG A NH1 1 
ATOM   580  N NH2 . ARG A 1 72  ? 2.231   10.073  4.238   1.00 37.77 ? 72  ARG A NH2 1 
ATOM   581  N N   . TYR A 1 73  ? 2.080   3.986   9.081   1.00 10.23 ? 73  TYR A N   1 
ATOM   582  C CA  . TYR A 1 73  ? 3.146   3.618   10.006  1.00 9.66  ? 73  TYR A CA  1 
ATOM   583  C C   . TYR A 1 73  ? 4.489   4.229   9.649   1.00 9.63  ? 73  TYR A C   1 
ATOM   584  O O   . TYR A 1 73  ? 4.747   4.568   8.500   1.00 9.78  ? 73  TYR A O   1 
ATOM   585  C CB  . TYR A 1 73  ? 3.318   2.092   10.053  1.00 9.24  ? 73  TYR A CB  1 
ATOM   586  C CG  . TYR A 1 73  ? 2.139   1.354   10.633  1.00 10.51 ? 73  TYR A CG  1 
ATOM   587  C CD1 . TYR A 1 73  ? 0.983   1.139   9.879   1.00 10.77 ? 73  TYR A CD1 1 
ATOM   588  C CD2 . TYR A 1 73  ? 2.166   0.893   11.948  1.00 10.46 ? 73  TYR A CD2 1 
ATOM   589  C CE1 . TYR A 1 73  ? -0.118  0.478   10.430  1.00 11.57 ? 73  TYR A CE1 1 
ATOM   590  C CE2 . TYR A 1 73  ? 1.075   0.237   12.506  1.00 10.65 ? 73  TYR A CE2 1 
ATOM   591  C CZ  . TYR A 1 73  ? -0.064  0.032   11.740  1.00 11.82 ? 73  TYR A CZ  1 
ATOM   592  O OH  . TYR A 1 73  ? -1.140  -0.622  12.296  1.00 11.98 ? 73  TYR A OH  1 
ATOM   593  N N   . ARG A 1 74  ? 5.341   4.356   10.660  1.00 10.72 ? 74  ARG A N   1 
ATOM   594  C CA  . ARG A 1 74  ? 6.693   4.880   10.501  1.00 10.34 ? 74  ARG A CA  1 
ATOM   595  C C   . ARG A 1 74  ? 7.552   4.156   11.535  1.00 10.37 ? 74  ARG A C   1 
ATOM   596  O O   . ARG A 1 74  ? 7.037   3.682   12.548  1.00 9.93  ? 74  ARG A O   1 
ATOM   597  C CB  . ARG A 1 74  ? 6.741   6.389   10.773  1.00 10.95 ? 74  ARG A CB  1 
ATOM   598  C CG  . ARG A 1 74  ? 6.102   7.273   9.696   1.00 14.91 ? 74  ARG A CG  1 
ATOM   599  C CD  . ARG A 1 74  ? 6.310   8.752   10.039  1.00 16.29 ? 74  ARG A CD  1 
ATOM   600  N NE  . ARG A 1 74  ? 5.648   9.675   9.116   1.00 18.70 ? 74  ARG A NE  1 
ATOM   601  C CZ  . ARG A 1 74  ? 6.255   10.302  8.109   1.00 19.73 ? 74  ARG A CZ  1 
ATOM   602  N NH1 . ARG A 1 74  ? 7.547   10.106  7.876   1.00 18.55 ? 74  ARG A NH1 1 
ATOM   603  N NH2 . ARG A 1 74  ? 5.573   11.153  7.349   1.00 19.34 ? 74  ARG A NH2 1 
ATOM   604  N N   . CYS A 1 75  ? 8.849   4.052   11.275  1.00 9.07  ? 75  CYS A N   1 
ATOM   605  C CA  . CYS A 1 75  ? 9.740   3.407   12.229  1.00 12.02 ? 75  CYS A CA  1 
ATOM   606  C C   . CYS A 1 75  ? 10.990  4.238   12.389  1.00 11.84 ? 75  CYS A C   1 
ATOM   607  O O   . CYS A 1 75  ? 11.330  5.046   11.528  1.00 12.26 ? 75  CYS A O   1 
ATOM   608  C CB  . CYS A 1 75  ? 10.134  1.987   11.774  1.00 15.89 ? 75  CYS A CB  1 
ATOM   609  S SG  . CYS A 1 75  ? 11.246  1.833   10.324  1.00 20.16 ? 75  CYS A SG  1 
ATOM   610  N N   . TYR A 1 76  ? 11.652  4.058   13.519  1.00 11.59 ? 76  TYR A N   1 
ATOM   611  C CA  . TYR A 1 76  ? 12.902  4.742   13.780  1.00 10.26 ? 76  TYR A CA  1 
ATOM   612  C C   . TYR A 1 76  ? 13.643  3.826   14.728  1.00 10.31 ? 76  TYR A C   1 
ATOM   613  O O   . TYR A 1 76  ? 13.119  2.781   15.122  1.00 10.54 ? 76  TYR A O   1 
ATOM   614  C CB  . TYR A 1 76  ? 12.662  6.132   14.395  1.00 9.22  ? 76  TYR A CB  1 
ATOM   615  C CG  . TYR A 1 76  ? 12.031  6.173   15.773  1.00 10.05 ? 76  TYR A CG  1 
ATOM   616  C CD1 . TYR A 1 76  ? 12.816  6.174   16.930  1.00 9.98  ? 76  TYR A CD1 1 
ATOM   617  C CD2 . TYR A 1 76  ? 10.650  6.291   15.916  1.00 12.12 ? 76  TYR A CD2 1 
ATOM   618  C CE1 . TYR A 1 76  ? 12.228  6.306   18.195  1.00 11.90 ? 76  TYR A CE1 1 
ATOM   619  C CE2 . TYR A 1 76  ? 10.057  6.419   17.164  1.00 12.57 ? 76  TYR A CE2 1 
ATOM   620  C CZ  . TYR A 1 76  ? 10.845  6.431   18.299  1.00 14.04 ? 76  TYR A CZ  1 
ATOM   621  O OH  . TYR A 1 76  ? 10.233  6.596   19.524  1.00 14.45 ? 76  TYR A OH  1 
ATOM   622  N N   . TYR A 1 77  ? 14.872  4.175   15.064  1.00 8.34  ? 77  TYR A N   1 
ATOM   623  C CA  . TYR A 1 77  ? 15.612  3.339   15.986  1.00 8.65  ? 77  TYR A CA  1 
ATOM   624  C C   . TYR A 1 77  ? 16.350  4.210   16.976  1.00 8.79  ? 77  TYR A C   1 
ATOM   625  O O   . TYR A 1 77  ? 16.614  5.383   16.710  1.00 8.56  ? 77  TYR A O   1 
ATOM   626  C CB  . TYR A 1 77  ? 16.565  2.403   15.229  1.00 7.49  ? 77  TYR A CB  1 
ATOM   627  C CG  . TYR A 1 77  ? 17.528  3.074   14.277  1.00 8.80  ? 77  TYR A CG  1 
ATOM   628  C CD1 . TYR A 1 77  ? 18.825  3.396   14.676  1.00 10.64 ? 77  TYR A CD1 1 
ATOM   629  C CD2 . TYR A 1 77  ? 17.151  3.357   12.961  1.00 9.79  ? 77  TYR A CD2 1 
ATOM   630  C CE1 . TYR A 1 77  ? 19.727  3.980   13.784  1.00 12.54 ? 77  TYR A CE1 1 
ATOM   631  C CE2 . TYR A 1 77  ? 18.042  3.941   12.066  1.00 11.84 ? 77  TYR A CE2 1 
ATOM   632  C CZ  . TYR A 1 77  ? 19.329  4.249   12.482  1.00 12.98 ? 77  TYR A CZ  1 
ATOM   633  O OH  . TYR A 1 77  ? 20.212  4.818   11.594  1.00 13.17 ? 77  TYR A OH  1 
ATOM   634  N N   . GLY A 1 78  ? 16.647  3.633   18.133  1.00 9.96  ? 78  GLY A N   1 
ATOM   635  C CA  . GLY A 1 78  ? 17.331  4.371   19.179  1.00 10.36 ? 78  GLY A CA  1 
ATOM   636  C C   . GLY A 1 78  ? 16.301  4.903   20.160  1.00 10.68 ? 78  GLY A C   1 
ATOM   637  O O   . GLY A 1 78  ? 15.185  4.387   20.237  1.00 10.90 ? 78  GLY A O   1 
ATOM   638  N N   . SER A 1 79  ? 16.667  5.939   20.908  1.00 10.52 ? 79  SER A N   1 
ATOM   639  C CA  . SER A 1 79  ? 15.764  6.542   21.887  1.00 10.76 ? 79  SER A CA  1 
ATOM   640  C C   . SER A 1 79  ? 16.175  7.993   22.104  1.00 9.85  ? 79  SER A C   1 
ATOM   641  O O   . SER A 1 79  ? 17.204  8.425   21.594  1.00 10.11 ? 79  SER A O   1 
ATOM   642  C CB  . SER A 1 79  ? 15.853  5.788   23.217  1.00 12.05 ? 79  SER A CB  1 
ATOM   643  O OG  . SER A 1 79  ? 17.161  5.880   23.766  1.00 10.45 ? 79  SER A OG  1 
ATOM   644  N N   . ASP A 1 80  ? 15.370  8.751   22.841  1.00 9.92  ? 80  ASP A N   1 
ATOM   645  C CA  . ASP A 1 80  ? 15.727  10.142  23.118  1.00 10.62 ? 80  ASP A CA  1 
ATOM   646  C C   . ASP A 1 80  ? 17.036  10.131  23.911  1.00 11.07 ? 80  ASP A C   1 
ATOM   647  O O   . ASP A 1 80  ? 17.971  10.877  23.624  1.00 11.02 ? 80  ASP A O   1 
ATOM   648  C CB  . ASP A 1 80  ? 14.655  10.836  23.971  1.00 11.20 ? 80  ASP A CB  1 
ATOM   649  C CG  . ASP A 1 80  ? 13.326  10.981  23.255  1.00 13.73 ? 80  ASP A CG  1 
ATOM   650  O OD1 . ASP A 1 80  ? 13.318  11.005  22.008  1.00 14.76 ? 80  ASP A OD1 1 
ATOM   651  O OD2 . ASP A 1 80  ? 12.291  11.097  23.948  1.00 15.03 ? 80  ASP A OD2 1 
ATOM   652  N N   . THR A 1 81  ? 17.088  9.259   24.910  1.00 12.46 ? 81  THR A N   1 
ATOM   653  C CA  . THR A 1 81  ? 18.255  9.156   25.782  1.00 11.84 ? 81  THR A CA  1 
ATOM   654  C C   . THR A 1 81  ? 19.559  8.800   25.072  1.00 11.90 ? 81  THR A C   1 
ATOM   655  O O   . THR A 1 81  ? 20.567  9.482   25.240  1.00 12.09 ? 81  THR A O   1 
ATOM   656  C CB  . THR A 1 81  ? 18.005  8.123   26.894  1.00 11.21 ? 81  THR A CB  1 
ATOM   657  O OG1 . THR A 1 81  ? 16.803  8.463   27.594  1.00 14.86 ? 81  THR A OG1 1 
ATOM   658  C CG2 . THR A 1 81  ? 19.165  8.097   27.873  1.00 12.56 ? 81  THR A CG2 1 
ATOM   659  N N   . ALA A 1 82  ? 19.535  7.739   24.274  1.00 12.25 ? 82  ALA A N   1 
ATOM   660  C CA  . ALA A 1 82  ? 20.734  7.288   23.575  1.00 13.30 ? 82  ALA A CA  1 
ATOM   661  C C   . ALA A 1 82  ? 20.946  7.962   22.225  1.00 14.15 ? 82  ALA A C   1 
ATOM   662  O O   . ALA A 1 82  ? 22.040  7.911   21.668  1.00 14.22 ? 82  ALA A O   1 
ATOM   663  C CB  . ALA A 1 82  ? 20.672  5.771   23.385  1.00 14.38 ? 82  ALA A CB  1 
ATOM   664  N N   . GLY A 1 83  ? 19.901  8.598   21.712  1.00 13.55 ? 83  GLY A N   1 
ATOM   665  C CA  . GLY A 1 83  ? 19.980  9.231   20.409  1.00 11.48 ? 83  GLY A CA  1 
ATOM   666  C C   . GLY A 1 83  ? 19.122  8.384   19.483  1.00 10.96 ? 83  GLY A C   1 
ATOM   667  O O   . GLY A 1 83  ? 19.165  7.156   19.560  1.00 11.68 ? 83  GLY A O   1 
ATOM   668  N N   . ARG A 1 84  ? 18.332  9.024   18.624  1.00 10.59 ? 84  ARG A N   1 
ATOM   669  C CA  . ARG A 1 84  ? 17.462  8.292   17.704  1.00 9.82  ? 84  ARG A CA  1 
ATOM   670  C C   . ARG A 1 84  ? 17.535  8.837   16.284  1.00 9.62  ? 84  ARG A C   1 
ATOM   671  O O   . ARG A 1 84  ? 17.916  9.985   16.060  1.00 11.06 ? 84  ARG A O   1 
ATOM   672  C CB  . ARG A 1 84  ? 16.006  8.360   18.179  1.00 9.03  ? 84  ARG A CB  1 
ATOM   673  C CG  . ARG A 1 84  ? 15.476  9.784   18.374  1.00 8.62  ? 84  ARG A CG  1 
ATOM   674  C CD  . ARG A 1 84  ? 13.944  9.822   18.300  1.00 10.98 ? 84  ARG A CD  1 
ATOM   675  N NE  . ARG A 1 84  ? 13.481  9.686   16.923  1.00 11.35 ? 84  ARG A NE  1 
ATOM   676  C CZ  . ARG A 1 84  ? 12.202  9.651   16.553  1.00 14.20 ? 84  ARG A CZ  1 
ATOM   677  N NH1 . ARG A 1 84  ? 11.239  9.736   17.460  1.00 12.21 ? 84  ARG A NH1 1 
ATOM   678  N NH2 . ARG A 1 84  ? 11.888  9.545   15.267  1.00 13.58 ? 84  ARG A NH2 1 
ATOM   679  N N   . SER A 1 85  ? 17.159  8.000   15.326  1.00 10.14 ? 85  SER A N   1 
ATOM   680  C CA  . SER A 1 85  ? 17.152  8.388   13.923  1.00 10.70 ? 85  SER A CA  1 
ATOM   681  C C   . SER A 1 85  ? 15.855  9.130   13.636  1.00 11.16 ? 85  SER A C   1 
ATOM   682  O O   . SER A 1 85  ? 14.938  9.136   14.457  1.00 10.47 ? 85  SER A O   1 
ATOM   683  C CB  . SER A 1 85  ? 17.175  7.139   13.041  1.00 12.10 ? 85  SER A CB  1 
ATOM   684  O OG  . SER A 1 85  ? 15.925  6.466   13.144  1.00 10.79 ? 85  SER A OG  1 
ATOM   685  N N   . GLU A 1 86  ? 15.781  9.756   12.467  1.00 12.54 ? 86  GLU A N   1 
ATOM   686  C CA  . GLU A 1 86  ? 14.554  10.423  12.059  1.00 14.32 ? 86  GLU A CA  1 
ATOM   687  C C   . GLU A 1 86  ? 13.628  9.247   11.757  1.00 12.90 ? 86  GLU A C   1 
ATOM   688  O O   . GLU A 1 86  ? 14.086  8.113   11.590  1.00 10.48 ? 86  GLU A O   1 
ATOM   689  C CB  . GLU A 1 86  ? 14.759  11.205  10.762  1.00 19.25 ? 86  GLU A CB  1 
ATOM   690  C CG  . GLU A 1 86  ? 15.951  12.133  10.739  1.00 27.44 ? 86  GLU A CG  1 
ATOM   691  C CD  . GLU A 1 86  ? 16.386  12.459  9.320   1.00 33.77 ? 86  GLU A CD  1 
ATOM   692  O OE1 . GLU A 1 86  ? 15.567  13.016  8.554   1.00 34.91 ? 86  GLU A OE1 1 
ATOM   693  O OE2 . GLU A 1 86  ? 17.547  12.149  8.968   1.00 36.72 ? 86  GLU A OE2 1 
ATOM   694  N N   . SER A 1 87  ? 12.332  9.512   11.681  1.00 13.39 ? 87  SER A N   1 
ATOM   695  C CA  . SER A 1 87  ? 11.376  8.463   11.370  1.00 11.64 ? 87  SER A CA  1 
ATOM   696  C C   . SER A 1 87  ? 11.431  8.159   9.877   1.00 12.69 ? 87  SER A C   1 
ATOM   697  O O   . SER A 1 87  ? 11.692  9.042   9.055   1.00 11.87 ? 87  SER A O   1 
ATOM   698  C CB  . SER A 1 87  ? 9.968   8.907   11.762  1.00 13.49 ? 87  SER A CB  1 
ATOM   699  O OG  . SER A 1 87  ? 9.867   9.064   13.165  1.00 16.39 ? 87  SER A OG  1 
ATOM   700  N N   . SER A 1 88  ? 11.194  6.900   9.536   1.00 12.15 ? 88  SER A N   1 
ATOM   701  C CA  . SER A 1 88  ? 11.203  6.452   8.149   1.00 11.09 ? 88  SER A CA  1 
ATOM   702  C C   . SER A 1 88  ? 10.091  7.122   7.358   1.00 11.96 ? 88  SER A C   1 
ATOM   703  O O   . SER A 1 88  ? 9.204   7.761   7.931   1.00 9.92  ? 88  SER A O   1 
ATOM   704  C CB  . SER A 1 88  ? 10.963  4.949   8.098   1.00 12.05 ? 88  SER A CB  1 
ATOM   705  O OG  . SER A 1 88  ? 9.641   4.660   8.539   1.00 10.65 ? 88  SER A OG  1 
ATOM   706  N N   . ASP A 1 89  ? 10.141  6.982   6.036   1.00 13.11 ? 89  ASP A N   1 
ATOM   707  C CA  . ASP A 1 89  ? 9.070   7.518   5.212   1.00 14.90 ? 89  ASP A CA  1 
ATOM   708  C C   . ASP A 1 89  ? 7.874   6.686   5.669   1.00 15.54 ? 89  ASP A C   1 
ATOM   709  O O   . ASP A 1 89  ? 8.044   5.555   6.138   1.00 13.27 ? 89  ASP A O   1 
ATOM   710  C CB  . ASP A 1 89  ? 9.347   7.291   3.724   1.00 16.31 ? 89  ASP A CB  1 
ATOM   711  C CG  . ASP A 1 89  ? 10.454  8.186   3.199   1.00 18.77 ? 89  ASP A CG  1 
ATOM   712  O OD1 . ASP A 1 89  ? 10.583  9.317   3.705   1.00 19.93 ? 89  ASP A OD1 1 
ATOM   713  O OD2 . ASP A 1 89  ? 11.181  7.771   2.274   1.00 24.75 ? 89  ASP A OD2 1 
ATOM   714  N N   . PRO A 1 90  ? 6.655   7.227   5.544   1.00 14.95 ? 90  PRO A N   1 
ATOM   715  C CA  . PRO A 1 90  ? 5.456   6.500   5.970   1.00 15.33 ? 90  PRO A CA  1 
ATOM   716  C C   . PRO A 1 90  ? 5.029   5.326   5.099   1.00 15.76 ? 90  PRO A C   1 
ATOM   717  O O   . PRO A 1 90  ? 5.223   5.331   3.885   1.00 16.68 ? 90  PRO A O   1 
ATOM   718  C CB  . PRO A 1 90  ? 4.400   7.595   6.015   1.00 14.72 ? 90  PRO A CB  1 
ATOM   719  C CG  . PRO A 1 90  ? 4.804   8.467   4.861   1.00 15.65 ? 90  PRO A CG  1 
ATOM   720  C CD  . PRO A 1 90  ? 6.306   8.559   5.019   1.00 15.50 ? 90  PRO A CD  1 
ATOM   721  N N   . LEU A 1 91  ? 4.456   4.310   5.736   1.00 14.71 ? 91  LEU A N   1 
ATOM   722  C CA  . LEU A 1 91  ? 3.952   3.151   5.015   1.00 14.64 ? 91  LEU A CA  1 
ATOM   723  C C   . LEU A 1 91  ? 2.458   3.065   5.310   1.00 13.91 ? 91  LEU A C   1 
ATOM   724  O O   . LEU A 1 91  ? 2.039   2.994   6.469   1.00 11.56 ? 91  LEU A O   1 
ATOM   725  C CB  . LEU A 1 91  ? 4.652   1.861   5.466   1.00 15.26 ? 91  LEU A CB  1 
ATOM   726  C CG  . LEU A 1 91  ? 4.227   0.597   4.697   1.00 17.51 ? 91  LEU A CG  1 
ATOM   727  C CD1 . LEU A 1 91  ? 5.348   -0.422  4.718   1.00 20.36 ? 91  LEU A CD1 1 
ATOM   728  C CD2 . LEU A 1 91  ? 2.954   0.013   5.298   1.00 16.92 ? 91  LEU A CD2 1 
ATOM   729  N N   . GLU A 1 92  ? 1.648   3.096   4.260   1.00 13.20 ? 92  GLU A N   1 
ATOM   730  C CA  . GLU A 1 92  ? 0.211   3.012   4.444   1.00 14.03 ? 92  GLU A CA  1 
ATOM   731  C C   . GLU A 1 92  ? -0.221  1.562   4.330   1.00 13.70 ? 92  GLU A C   1 
ATOM   732  O O   . GLU A 1 92  ? -0.248  0.987   3.240   1.00 12.52 ? 92  GLU A O   1 
ATOM   733  C CB  . GLU A 1 92  ? -0.510  3.873   3.410   1.00 18.17 ? 92  GLU A CB  1 
ATOM   734  C CG  . GLU A 1 92  ? -0.206  5.350   3.559   1.00 23.63 ? 92  GLU A CG  1 
ATOM   735  C CD  . GLU A 1 92  ? -1.187  6.222   2.812   1.00 28.81 ? 92  GLU A CD  1 
ATOM   736  O OE1 . GLU A 1 92  ? -1.260  6.110   1.569   1.00 31.41 ? 92  GLU A OE1 1 
ATOM   737  O OE2 . GLU A 1 92  ? -1.888  7.018   3.472   1.00 30.92 ? 92  GLU A OE2 1 
ATOM   738  N N   . LEU A 1 93  ? -0.539  0.969   5.473   1.00 12.47 ? 93  LEU A N   1 
ATOM   739  C CA  . LEU A 1 93  ? -0.965  -0.420  5.529   1.00 11.18 ? 93  LEU A CA  1 
ATOM   740  C C   . LEU A 1 93  ? -2.463  -0.439  5.281   1.00 11.69 ? 93  LEU A C   1 
ATOM   741  O O   . LEU A 1 93  ? -3.235  0.116   6.066   1.00 10.81 ? 93  LEU A O   1 
ATOM   742  C CB  . LEU A 1 93  ? -0.644  -1.005  6.906   1.00 12.63 ? 93  LEU A CB  1 
ATOM   743  C CG  . LEU A 1 93  ? -0.933  -2.493  7.129   1.00 11.80 ? 93  LEU A CG  1 
ATOM   744  C CD1 . LEU A 1 93  ? -0.206  -3.331  6.078   1.00 13.92 ? 93  LEU A CD1 1 
ATOM   745  C CD2 . LEU A 1 93  ? -0.486  -2.885  8.532   1.00 13.06 ? 93  LEU A CD2 1 
ATOM   746  N N   . VAL A 1 94  ? -2.859  -1.081  4.186   1.00 12.00 ? 94  VAL A N   1 
ATOM   747  C CA  . VAL A 1 94  ? -4.260  -1.168  3.785   1.00 12.52 ? 94  VAL A CA  1 
ATOM   748  C C   . VAL A 1 94  ? -4.760  -2.610  3.726   1.00 10.95 ? 94  VAL A C   1 
ATOM   749  O O   . VAL A 1 94  ? -4.016  -3.524  3.371   1.00 12.62 ? 94  VAL A O   1 
ATOM   750  C CB  . VAL A 1 94  ? -4.458  -0.528  2.384   1.00 13.84 ? 94  VAL A CB  1 
ATOM   751  C CG1 . VAL A 1 94  ? -5.891  -0.720  1.911   1.00 17.79 ? 94  VAL A CG1 1 
ATOM   752  C CG2 . VAL A 1 94  ? -4.108  0.949   2.429   1.00 14.78 ? 94  VAL A CG2 1 
ATOM   753  N N   . VAL A 1 95  ? -6.028  -2.806  4.076   1.00 11.04 ? 95  VAL A N   1 
ATOM   754  C CA  . VAL A 1 95  ? -6.640  -4.131  4.037   1.00 12.10 ? 95  VAL A CA  1 
ATOM   755  C C   . VAL A 1 95  ? -7.723  -4.099  2.967   1.00 12.09 ? 95  VAL A C   1 
ATOM   756  O O   . VAL A 1 95  ? -8.510  -3.158  2.910   1.00 12.44 ? 95  VAL A O   1 
ATOM   757  C CB  . VAL A 1 95  ? -7.277  -4.502  5.391   1.00 12.10 ? 95  VAL A CB  1 
ATOM   758  C CG1 . VAL A 1 95  ? -8.068  -5.795  5.267   1.00 14.45 ? 95  VAL A CG1 1 
ATOM   759  C CG2 . VAL A 1 95  ? -6.186  -4.656  6.443   1.00 15.64 ? 95  VAL A CG2 1 
ATOM   760  N N   . THR A 1 96  ? -7.758  -5.125  2.123   1.00 11.96 ? 96  THR A N   1 
ATOM   761  C CA  . THR A 1 96  ? -8.743  -5.187  1.045   1.00 12.75 ? 96  THR A CA  1 
ATOM   762  C C   . THR A 1 96  ? -9.769  -6.293  1.263   1.00 10.85 ? 96  THR A C   1 
ATOM   763  O O   . THR A 1 96  ? -9.550  -7.212  2.053   1.00 10.57 ? 96  THR A O   1 
ATOM   764  C CB  . THR A 1 96  ? -8.056  -5.426  -0.314  1.00 10.92 ? 96  THR A CB  1 
ATOM   765  O OG1 . THR A 1 96  ? -7.544  -6.767  -0.367  1.00 12.37 ? 96  THR A OG1 1 
ATOM   766  C CG2 . THR A 1 96  ? -6.904  -4.446  -0.497  1.00 12.52 ? 96  THR A CG2 1 
ATOM   767  N N   . GLY A 1 97  ? -10.893 -6.192  0.559   1.00 10.89 ? 97  GLY A N   1 
ATOM   768  C CA  . GLY A 1 97  ? -11.923 -7.209  0.675   1.00 12.56 ? 97  GLY A CA  1 
ATOM   769  C C   . GLY A 1 97  ? -13.152 -6.798  1.456   1.00 11.18 ? 97  GLY A C   1 
ATOM   770  O O   . GLY A 1 97  ? -14.001 -7.633  1.747   1.00 12.96 ? 97  GLY A O   1 
ATOM   771  N N   . ALA A 1 98  ? -13.259 -5.515  1.788   1.00 9.38  ? 98  ALA A N   1 
ATOM   772  C CA  . ALA A 1 98  ? -14.401 -5.026  2.544   1.00 11.11 ? 98  ALA A CA  1 
ATOM   773  C C   . ALA A 1 98  ? -15.662 -4.804  1.699   1.00 10.66 ? 98  ALA A C   1 
ATOM   774  O O   . ALA A 1 98  ? -16.772 -4.795  2.233   1.00 11.47 ? 98  ALA A O   1 
ATOM   775  C CB  . ALA A 1 98  ? -14.029 -3.725  3.260   1.00 12.47 ? 98  ALA A CB  1 
ATOM   776  N N   . TYR A 1 99  ? -15.497 -4.626  0.392   1.00 11.59 ? 99  TYR A N   1 
ATOM   777  C CA  . TYR A 1 99  ? -16.644 -4.369  -0.477  1.00 11.50 ? 99  TYR A CA  1 
ATOM   778  C C   . TYR A 1 99  ? -16.585 -5.126  -1.804  1.00 12.74 ? 99  TYR A C   1 
ATOM   779  O O   . TYR A 1 99  ? -15.543 -5.657  -2.185  1.00 13.08 ? 99  TYR A O   1 
ATOM   780  C CB  . TYR A 1 99  ? -16.744 -2.873  -0.796  1.00 12.45 ? 99  TYR A CB  1 
ATOM   781  C CG  . TYR A 1 99  ? -16.398 -1.940  0.347   1.00 13.08 ? 99  TYR A CG  1 
ATOM   782  C CD1 . TYR A 1 99  ? -15.242 -1.156  0.308   1.00 13.75 ? 99  TYR A CD1 1 
ATOM   783  C CD2 . TYR A 1 99  ? -17.238 -1.821  1.456   1.00 13.51 ? 99  TYR A CD2 1 
ATOM   784  C CE1 . TYR A 1 99  ? -14.931 -0.269  1.347   1.00 15.63 ? 99  TYR A CE1 1 
ATOM   785  C CE2 . TYR A 1 99  ? -16.939 -0.944  2.495   1.00 15.94 ? 99  TYR A CE2 1 
ATOM   786  C CZ  . TYR A 1 99  ? -15.784 -0.169  2.436   1.00 15.59 ? 99  TYR A CZ  1 
ATOM   787  O OH  . TYR A 1 99  ? -15.488 0.701   3.465   1.00 14.79 ? 99  TYR A OH  1 
ATOM   788  N N   . ILE A 1 100 ? -17.715 -5.157  -2.505  1.00 12.40 ? 100 ILE A N   1 
ATOM   789  C CA  . ILE A 1 100 ? -17.789 -5.817  -3.804  1.00 14.12 ? 100 ILE A CA  1 
ATOM   790  C C   . ILE A 1 100 ? -16.722 -5.192  -4.700  1.00 14.40 ? 100 ILE A C   1 
ATOM   791  O O   . ILE A 1 100 ? -16.389 -4.015  -4.561  1.00 13.14 ? 100 ILE A O   1 
ATOM   792  C CB  . ILE A 1 100 ? -19.175 -5.620  -4.468  1.00 15.27 ? 100 ILE A CB  1 
ATOM   793  C CG1 . ILE A 1 100 ? -19.572 -4.142  -4.423  1.00 16.15 ? 100 ILE A CG1 1 
ATOM   794  C CG2 . ILE A 1 100 ? -20.218 -6.479  -3.768  1.00 16.67 ? 100 ILE A CG2 1 
ATOM   795  C CD1 . ILE A 1 100 ? -20.887 -3.839  -5.122  1.00 19.65 ? 100 ILE A CD1 1 
ATOM   796  N N   . LYS A 1 101 ? -16.194 -5.976  -5.632  1.00 14.90 ? 101 LYS A N   1 
ATOM   797  C CA  . LYS A 1 101 ? -15.158 -5.463  -6.511  1.00 16.28 ? 101 LYS A CA  1 
ATOM   798  C C   . LYS A 1 101 ? -15.715 -4.655  -7.672  1.00 16.19 ? 101 LYS A C   1 
ATOM   799  O O   . LYS A 1 101 ? -16.798 -4.945  -8.192  1.00 15.04 ? 101 LYS A O   1 
ATOM   800  C CB  . LYS A 1 101 ? -14.305 -6.611  -7.058  1.00 18.85 ? 101 LYS A CB  1 
ATOM   801  C CG  . LYS A 1 101 ? -14.965 -7.415  -8.170  1.00 21.49 ? 101 LYS A CG  1 
ATOM   802  C CD  . LYS A 1 101 ? -14.053 -8.537  -8.657  1.00 24.01 ? 101 LYS A CD  1 
ATOM   803  C CE  . LYS A 1 101 ? -14.579 -9.162  -9.943  1.00 28.40 ? 101 LYS A CE  1 
ATOM   804  N NZ  . LYS A 1 101 ? -15.982 -9.632  -9.810  1.00 32.40 ? 101 LYS A NZ  1 
ATOM   805  N N   . PRO A 1 102 ? -14.983 -3.609  -8.081  1.00 14.71 ? 102 PRO A N   1 
ATOM   806  C CA  . PRO A 1 102 ? -15.392 -2.754  -9.195  1.00 15.65 ? 102 PRO A CA  1 
ATOM   807  C C   . PRO A 1 102 ? -14.881 -3.398  -10.480 1.00 15.10 ? 102 PRO A C   1 
ATOM   808  O O   . PRO A 1 102 ? -14.220 -4.438  -10.434 1.00 14.50 ? 102 PRO A O   1 
ATOM   809  C CB  . PRO A 1 102 ? -14.680 -1.445  -8.890  1.00 15.96 ? 102 PRO A CB  1 
ATOM   810  C CG  . PRO A 1 102 ? -13.373 -1.930  -8.330  1.00 16.49 ? 102 PRO A CG  1 
ATOM   811  C CD  . PRO A 1 102 ? -13.814 -3.038  -7.386  1.00 15.55 ? 102 PRO A CD  1 
ATOM   812  N N   . THR A 1 103 ? -15.198 -2.797  -11.618 1.00 15.91 ? 103 THR A N   1 
ATOM   813  C CA  . THR A 1 103 ? -14.731 -3.313  -12.902 1.00 17.91 ? 103 THR A CA  1 
ATOM   814  C C   . THR A 1 103 ? -13.785 -2.284  -13.504 1.00 17.96 ? 103 THR A C   1 
ATOM   815  O O   . THR A 1 103 ? -14.039 -1.081  -13.434 1.00 19.02 ? 103 THR A O   1 
ATOM   816  C CB  . THR A 1 103 ? -15.901 -3.556  -13.872 1.00 19.03 ? 103 THR A CB  1 
ATOM   817  O OG1 . THR A 1 103 ? -16.717 -2.382  -13.942 1.00 25.43 ? 103 THR A OG1 1 
ATOM   818  C CG2 . THR A 1 103 ? -16.736 -4.731  -13.407 1.00 19.69 ? 103 THR A CG2 1 
ATOM   819  N N   . LEU A 1 104 ? -12.684 -2.756  -14.076 1.00 17.86 ? 104 LEU A N   1 
ATOM   820  C CA  . LEU A 1 104 ? -11.701 -1.856  -14.666 1.00 18.05 ? 104 LEU A CA  1 
ATOM   821  C C   . LEU A 1 104 ? -11.610 -2.052  -16.176 1.00 18.42 ? 104 LEU A C   1 
ATOM   822  O O   . LEU A 1 104 ? -11.440 -3.176  -16.657 1.00 18.38 ? 104 LEU A O   1 
ATOM   823  C CB  . LEU A 1 104 ? -10.329 -2.092  -14.026 1.00 17.02 ? 104 LEU A CB  1 
ATOM   824  C CG  . LEU A 1 104 ? -9.171  -1.217  -14.512 1.00 17.47 ? 104 LEU A CG  1 
ATOM   825  C CD1 . LEU A 1 104 ? -9.447  0.246   -14.181 1.00 18.87 ? 104 LEU A CD1 1 
ATOM   826  C CD2 . LEU A 1 104 ? -7.885  -1.680  -13.857 1.00 18.38 ? 104 LEU A CD2 1 
ATOM   827  N N   . SER A 1 105 ? -11.723 -0.957  -16.920 1.00 18.27 ? 105 SER A N   1 
ATOM   828  C CA  . SER A 1 105 ? -11.649 -1.029  -18.377 1.00 19.26 ? 105 SER A CA  1 
ATOM   829  C C   . SER A 1 105 ? -10.795 0.095   -18.950 1.00 19.80 ? 105 SER A C   1 
ATOM   830  O O   . SER A 1 105 ? -10.589 1.120   -18.304 1.00 19.52 ? 105 SER A O   1 
ATOM   831  C CB  . SER A 1 105 ? -13.054 -0.966  -18.981 1.00 18.02 ? 105 SER A CB  1 
ATOM   832  O OG  . SER A 1 105 ? -13.657 0.289   -18.732 1.00 19.36 ? 105 SER A OG  1 
ATOM   833  N N   . ALA A 1 106 ? -10.305 -0.108  -20.169 1.00 20.57 ? 106 ALA A N   1 
ATOM   834  C CA  . ALA A 1 106 ? -9.467  0.878   -20.846 1.00 21.66 ? 106 ALA A CA  1 
ATOM   835  C C   . ALA A 1 106 ? -10.189 1.503   -22.035 1.00 22.18 ? 106 ALA A C   1 
ATOM   836  O O   . ALA A 1 106 ? -10.891 0.816   -22.780 1.00 22.34 ? 106 ALA A O   1 
ATOM   837  C CB  . ALA A 1 106 ? -8.171  0.224   -21.314 1.00 21.06 ? 106 ALA A CB  1 
ATOM   838  N N   . GLN A 1 107 ? -10.008 2.810   -22.201 1.00 22.84 ? 107 GLN A N   1 
ATOM   839  C CA  . GLN A 1 107 ? -10.612 3.566   -23.297 1.00 23.73 ? 107 GLN A CA  1 
ATOM   840  C C   . GLN A 1 107 ? -9.513  4.324   -24.039 1.00 22.11 ? 107 GLN A C   1 
ATOM   841  O O   . GLN A 1 107 ? -8.686  4.989   -23.415 1.00 21.95 ? 107 GLN A O   1 
ATOM   842  C CB  . GLN A 1 107 ? -11.638 4.571   -22.759 1.00 27.32 ? 107 GLN A CB  1 
ATOM   843  C CG  . GLN A 1 107 ? -12.973 3.964   -22.348 1.00 33.02 ? 107 GLN A CG  1 
ATOM   844  C CD  . GLN A 1 107 ? -12.833 2.899   -21.284 1.00 35.86 ? 107 GLN A CD  1 
ATOM   845  O OE1 . GLN A 1 107 ? -12.285 3.149   -20.211 1.00 39.23 ? 107 GLN A OE1 1 
ATOM   846  N NE2 . GLN A 1 107 ? -13.332 1.702   -21.575 1.00 37.63 ? 107 GLN A NE2 1 
ATOM   847  N N   . PRO A 1 108 ? -9.502  4.254   -25.381 1.00 20.54 ? 108 PRO A N   1 
ATOM   848  C CA  . PRO A 1 108 ? -10.439 3.522   -26.240 1.00 19.37 ? 108 PRO A CA  1 
ATOM   849  C C   . PRO A 1 108 ? -10.384 2.006   -26.109 1.00 19.17 ? 108 PRO A C   1 
ATOM   850  O O   . PRO A 1 108 ? -11.365 1.323   -26.393 1.00 18.52 ? 108 PRO A O   1 
ATOM   851  C CB  . PRO A 1 108 ? -10.059 3.996   -27.644 1.00 18.77 ? 108 PRO A CB  1 
ATOM   852  C CG  . PRO A 1 108 ? -8.597  4.247   -27.525 1.00 20.13 ? 108 PRO A CG  1 
ATOM   853  C CD  . PRO A 1 108 ? -8.499  4.963   -26.197 1.00 20.13 ? 108 PRO A CD  1 
ATOM   854  N N   . SER A 1 109 ? -9.239  1.475   -25.693 1.00 18.01 ? 109 SER A N   1 
ATOM   855  C CA  . SER A 1 109 ? -9.108  0.030   -25.544 1.00 18.39 ? 109 SER A CA  1 
ATOM   856  C C   . SER A 1 109 ? -7.808  -0.352  -24.840 1.00 16.77 ? 109 SER A C   1 
ATOM   857  O O   . SER A 1 109 ? -6.954  0.497   -24.598 1.00 15.22 ? 109 SER A O   1 
ATOM   858  C CB  . SER A 1 109 ? -9.161  -0.650  -26.916 1.00 20.31 ? 109 SER A CB  1 
ATOM   859  O OG  . SER A 1 109 ? -7.918  -0.557  -27.586 1.00 20.78 ? 109 SER A OG  1 
ATOM   860  N N   . PRO A 1 110 ? -7.655  -1.643  -24.493 1.00 18.06 ? 110 PRO A N   1 
ATOM   861  C CA  . PRO A 1 110 ? -6.473  -2.191  -23.813 1.00 18.13 ? 110 PRO A CA  1 
ATOM   862  C C   . PRO A 1 110 ? -5.262  -2.319  -24.727 1.00 18.92 ? 110 PRO A C   1 
ATOM   863  O O   . PRO A 1 110 ? -4.148  -2.561  -24.263 1.00 19.84 ? 110 PRO A O   1 
ATOM   864  C CB  . PRO A 1 110 ? -6.947  -3.566  -23.337 1.00 19.78 ? 110 PRO A CB  1 
ATOM   865  C CG  . PRO A 1 110 ? -8.427  -3.406  -23.221 1.00 21.55 ? 110 PRO A CG  1 
ATOM   866  C CD  . PRO A 1 110 ? -8.765  -2.611  -24.447 1.00 18.67 ? 110 PRO A CD  1 
ATOM   867  N N   . VAL A 1 111 ? -5.483  -2.176  -26.030 1.00 17.82 ? 111 VAL A N   1 
ATOM   868  C CA  . VAL A 1 111 ? -4.399  -2.285  -26.998 1.00 19.08 ? 111 VAL A CA  1 
ATOM   869  C C   . VAL A 1 111 ? -4.081  -0.902  -27.553 1.00 18.28 ? 111 VAL A C   1 
ATOM   870  O O   . VAL A 1 111 ? -4.875  -0.320  -28.288 1.00 19.16 ? 111 VAL A O   1 
ATOM   871  C CB  . VAL A 1 111 ? -4.790  -3.221  -28.154 1.00 20.88 ? 111 VAL A CB  1 
ATOM   872  C CG1 . VAL A 1 111 ? -3.592  -3.458  -29.060 1.00 22.87 ? 111 VAL A CG1 1 
ATOM   873  C CG2 . VAL A 1 111 ? -5.308  -4.538  -27.595 1.00 23.43 ? 111 VAL A CG2 1 
ATOM   874  N N   . VAL A 1 112 ? -2.915  -0.379  -27.196 1.00 18.47 ? 112 VAL A N   1 
ATOM   875  C CA  . VAL A 1 112 ? -2.526  0.949   -27.648 1.00 19.21 ? 112 VAL A CA  1 
ATOM   876  C C   . VAL A 1 112 ? -1.117  0.999   -28.232 1.00 17.97 ? 112 VAL A C   1 
ATOM   877  O O   . VAL A 1 112 ? -0.329  0.069   -28.073 1.00 20.23 ? 112 VAL A O   1 
ATOM   878  C CB  . VAL A 1 112 ? -2.626  1.960   -26.492 1.00 21.02 ? 112 VAL A CB  1 
ATOM   879  C CG1 . VAL A 1 112 ? -4.075  2.089   -26.037 1.00 20.49 ? 112 VAL A CG1 1 
ATOM   880  C CG2 . VAL A 1 112 ? -1.765  1.498   -25.339 1.00 18.77 ? 112 VAL A CG2 1 
ATOM   881  N N   . ASN A 1 113 ? -0.814  2.098   -28.913 1.00 16.64 ? 113 ASN A N   1 
ATOM   882  C CA  . ASN A 1 113 ? 0.494   2.288   -29.533 1.00 15.50 ? 113 ASN A CA  1 
ATOM   883  C C   . ASN A 1 113 ? 1.508   2.816   -28.532 1.00 15.57 ? 113 ASN A C   1 
ATOM   884  O O   . ASN A 1 113 ? 1.163   3.531   -27.586 1.00 14.67 ? 113 ASN A O   1 
ATOM   885  C CB  . ASN A 1 113 ? 0.385   3.277   -30.691 1.00 16.00 ? 113 ASN A CB  1 
ATOM   886  C CG  . ASN A 1 113 ? -0.536  2.791   -31.786 1.00 17.66 ? 113 ASN A CG  1 
ATOM   887  O OD1 . ASN A 1 113 ? -0.165  1.939   -32.600 1.00 17.48 ? 113 ASN A OD1 1 
ATOM   888  N ND2 . ASN A 1 113 ? -1.752  3.320   -31.807 1.00 16.39 ? 113 ASN A ND2 1 
ATOM   889  N N   . SER A 1 114 ? 2.766   2.461   -28.749 1.00 15.21 ? 114 SER A N   1 
ATOM   890  C CA  . SER A 1 114 ? 3.836   2.924   -27.881 1.00 16.37 ? 114 SER A CA  1 
ATOM   891  C C   . SER A 1 114 ? 3.786   4.448   -27.875 1.00 16.96 ? 114 SER A C   1 
ATOM   892  O O   . SER A 1 114 ? 3.586   5.070   -28.922 1.00 15.52 ? 114 SER A O   1 
ATOM   893  C CB  . SER A 1 114 ? 5.189   2.446   -28.417 1.00 17.26 ? 114 SER A CB  1 
ATOM   894  O OG  . SER A 1 114 ? 6.248   2.956   -27.629 1.00 20.07 ? 114 SER A OG  1 
ATOM   895  N N   . GLY A 1 115 ? 3.947   5.042   -26.695 1.00 17.01 ? 115 GLY A N   1 
ATOM   896  C CA  . GLY A 1 115 ? 3.918   6.490   -26.582 1.00 18.03 ? 115 GLY A CA  1 
ATOM   897  C C   . GLY A 1 115 ? 2.532   7.064   -26.354 1.00 19.31 ? 115 GLY A C   1 
ATOM   898  O O   . GLY A 1 115 ? 2.376   8.251   -26.054 1.00 19.18 ? 115 GLY A O   1 
ATOM   899  N N   . GLY A 1 116 ? 1.514   6.224   -26.490 1.00 17.07 ? 116 GLY A N   1 
ATOM   900  C CA  . GLY A 1 116 ? 0.157   6.694   -26.300 1.00 16.35 ? 116 GLY A CA  1 
ATOM   901  C C   . GLY A 1 116 ? -0.317  6.726   -24.858 1.00 16.89 ? 116 GLY A C   1 
ATOM   902  O O   . GLY A 1 116 ? 0.261   6.091   -23.974 1.00 16.00 ? 116 GLY A O   1 
ATOM   903  N N   . ASN A 1 117 ? -1.381  7.488   -24.628 1.00 17.27 ? 117 ASN A N   1 
ATOM   904  C CA  . ASN A 1 117 ? -1.995  7.617   -23.315 1.00 17.97 ? 117 ASN A CA  1 
ATOM   905  C C   . ASN A 1 117 ? -3.360  6.942   -23.385 1.00 19.81 ? 117 ASN A C   1 
ATOM   906  O O   . ASN A 1 117 ? -4.035  6.998   -24.417 1.00 19.32 ? 117 ASN A O   1 
ATOM   907  C CB  . ASN A 1 117 ? -2.178  9.093   -22.959 1.00 19.13 ? 117 ASN A CB  1 
ATOM   908  C CG  . ASN A 1 117 ? -0.951  9.698   -22.307 1.00 19.33 ? 117 ASN A CG  1 
ATOM   909  O OD1 . ASN A 1 117 ? 0.179   9.292   -22.577 1.00 20.39 ? 117 ASN A OD1 1 
ATOM   910  N ND2 . ASN A 1 117 ? -1.171  10.684  -21.449 1.00 21.71 ? 117 ASN A ND2 1 
ATOM   911  N N   . VAL A 1 118 ? -3.769  6.305   -22.296 1.00 19.83 ? 118 VAL A N   1 
ATOM   912  C CA  . VAL A 1 118 ? -5.064  5.646   -22.277 1.00 21.33 ? 118 VAL A CA  1 
ATOM   913  C C   . VAL A 1 118 ? -5.821  6.013   -21.013 1.00 21.43 ? 118 VAL A C   1 
ATOM   914  O O   . VAL A 1 118 ? -5.221  6.272   -19.969 1.00 21.56 ? 118 VAL A O   1 
ATOM   915  C CB  . VAL A 1 118 ? -4.914  4.106   -22.365 1.00 24.01 ? 118 VAL A CB  1 
ATOM   916  C CG1 . VAL A 1 118 ? -4.183  3.578   -21.149 1.00 24.20 ? 118 VAL A CG1 1 
ATOM   917  C CG2 . VAL A 1 118 ? -6.278  3.456   -22.487 1.00 25.56 ? 118 VAL A CG2 1 
ATOM   918  N N   . THR A 1 119 ? -7.143  6.050   -21.117 1.00 21.29 ? 119 THR A N   1 
ATOM   919  C CA  . THR A 1 119 ? -7.981  6.371   -19.979 1.00 22.34 ? 119 THR A CA  1 
ATOM   920  C C   . THR A 1 119 ? -8.486  5.073   -19.359 1.00 22.70 ? 119 THR A C   1 
ATOM   921  O O   . THR A 1 119 ? -9.029  4.209   -20.051 1.00 21.54 ? 119 THR A O   1 
ATOM   922  C CB  . THR A 1 119 ? -9.181  7.238   -20.401 1.00 24.52 ? 119 THR A CB  1 
ATOM   923  O OG1 . THR A 1 119 ? -8.710  8.500   -20.889 1.00 26.00 ? 119 THR A OG1 1 
ATOM   924  C CG2 . THR A 1 119 ? -10.103 7.474   -19.229 1.00 24.35 ? 119 THR A CG2 1 
ATOM   925  N N   . LEU A 1 120 ? -8.271  4.923   -18.057 1.00 20.74 ? 120 LEU A N   1 
ATOM   926  C CA  . LEU A 1 120 ? -8.728  3.732   -17.358 1.00 21.26 ? 120 LEU A CA  1 
ATOM   927  C C   . LEU A 1 120 ? -9.929  4.134   -16.526 1.00 21.22 ? 120 LEU A C   1 
ATOM   928  O O   . LEU A 1 120 ? -9.901  5.145   -15.817 1.00 20.94 ? 120 LEU A O   1 
ATOM   929  C CB  . LEU A 1 120 ? -7.626  3.162   -16.463 1.00 20.18 ? 120 LEU A CB  1 
ATOM   930  C CG  . LEU A 1 120 ? -6.352  2.692   -17.173 1.00 20.27 ? 120 LEU A CG  1 
ATOM   931  C CD1 . LEU A 1 120 ? -5.464  1.961   -16.173 1.00 20.24 ? 120 LEU A CD1 1 
ATOM   932  C CD2 . LEU A 1 120 ? -6.709  1.768   -18.331 1.00 21.06 ? 120 LEU A CD2 1 
ATOM   933  N N   . GLN A 1 121 ? -10.987 3.341   -16.631 1.00 20.97 ? 121 GLN A N   1 
ATOM   934  C CA  . GLN A 1 121 ? -12.220 3.617   -15.916 1.00 21.99 ? 121 GLN A CA  1 
ATOM   935  C C   . GLN A 1 121 ? -12.558 2.529   -14.905 1.00 21.04 ? 121 GLN A C   1 
ATOM   936  O O   . GLN A 1 121 ? -12.615 1.348   -15.240 1.00 19.58 ? 121 GLN A O   1 
ATOM   937  C CB  . GLN A 1 121 ? -13.357 3.762   -16.926 1.00 23.34 ? 121 GLN A CB  1 
ATOM   938  C CG  . GLN A 1 121 ? -14.681 4.169   -16.336 1.00 27.12 ? 121 GLN A CG  1 
ATOM   939  C CD  . GLN A 1 121 ? -15.727 4.369   -17.409 1.00 29.97 ? 121 GLN A CD  1 
ATOM   940  O OE1 . GLN A 1 121 ? -16.077 3.435   -18.129 1.00 31.62 ? 121 GLN A OE1 1 
ATOM   941  N NE2 . GLN A 1 121 ? -16.225 5.592   -17.530 1.00 32.07 ? 121 GLN A NE2 1 
ATOM   942  N N   . CYS A 1 122 ? -12.779 2.942   -13.662 1.00 21.66 ? 122 CYS A N   1 
ATOM   943  C CA  . CYS A 1 122 ? -13.126 2.017   -12.596 1.00 22.91 ? 122 CYS A CA  1 
ATOM   944  C C   . CYS A 1 122 ? -14.607 2.242   -12.306 1.00 23.71 ? 122 CYS A C   1 
ATOM   945  O O   . CYS A 1 122 ? -15.004 3.323   -11.874 1.00 24.75 ? 122 CYS A O   1 
ATOM   946  C CB  . CYS A 1 122 ? -12.275 2.312   -11.357 1.00 23.84 ? 122 CYS A CB  1 
ATOM   947  S SG  . CYS A 1 122 ? -12.308 1.044   -10.046 1.00 26.29 ? 122 CYS A SG  1 
ATOM   948  N N   . ASP A 1 123 ? -15.421 1.223   -12.562 1.00 24.16 ? 123 ASP A N   1 
ATOM   949  C CA  . ASP A 1 123 ? -16.861 1.328   -12.349 1.00 26.83 ? 123 ASP A CA  1 
ATOM   950  C C   . ASP A 1 123 ? -17.369 0.412   -11.244 1.00 25.74 ? 123 ASP A C   1 
ATOM   951  O O   . ASP A 1 123 ? -16.998 -0.760  -11.174 1.00 24.77 ? 123 ASP A O   1 
ATOM   952  C CB  . ASP A 1 123 ? -17.604 1.019   -13.654 1.00 30.49 ? 123 ASP A CB  1 
ATOM   953  C CG  . ASP A 1 123 ? -19.115 1.069   -13.492 1.00 36.37 ? 123 ASP A CG  1 
ATOM   954  O OD1 . ASP A 1 123 ? -19.644 2.139   -13.112 1.00 39.43 ? 123 ASP A OD1 1 
ATOM   955  O OD2 . ASP A 1 123 ? -19.776 0.037   -13.744 1.00 39.63 ? 123 ASP A OD2 1 
ATOM   956  N N   . SER A 1 124 ? -18.227 0.954   -10.386 1.00 24.97 ? 124 SER A N   1 
ATOM   957  C CA  . SER A 1 124 ? -18.792 0.190   -9.284  1.00 25.45 ? 124 SER A CA  1 
ATOM   958  C C   . SER A 1 124 ? -20.301 0.045   -9.440  1.00 25.54 ? 124 SER A C   1 
ATOM   959  O O   . SER A 1 124 ? -20.973 0.940   -9.953  1.00 24.68 ? 124 SER A O   1 
ATOM   960  C CB  . SER A 1 124 ? -18.479 0.869   -7.951  1.00 25.84 ? 124 SER A CB  1 
ATOM   961  O OG  . SER A 1 124 ? -18.945 0.081   -6.869  1.00 26.91 ? 124 SER A OG  1 
ATOM   962  N N   . GLN A 1 125 ? -20.826 -1.092  -8.994  1.00 25.91 ? 125 GLN A N   1 
ATOM   963  C CA  . GLN A 1 125 ? -22.254 -1.369  -9.079  1.00 27.12 ? 125 GLN A CA  1 
ATOM   964  C C   . GLN A 1 125 ? -23.038 -0.470  -8.125  1.00 25.89 ? 125 GLN A C   1 
ATOM   965  O O   . GLN A 1 125 ? -24.236 -0.264  -8.299  1.00 27.25 ? 125 GLN A O   1 
ATOM   966  C CB  . GLN A 1 125 ? -22.509 -2.843  -8.761  1.00 30.41 ? 125 GLN A CB  1 
ATOM   967  C CG  . GLN A 1 125 ? -21.855 -3.792  -9.759  1.00 35.46 ? 125 GLN A CG  1 
ATOM   968  C CD  . GLN A 1 125 ? -21.735 -5.214  -9.241  1.00 38.55 ? 125 GLN A CD  1 
ATOM   969  O OE1 . GLN A 1 125 ? -21.252 -6.102  -9.943  1.00 41.94 ? 125 GLN A OE1 1 
ATOM   970  N NE2 . GLN A 1 125 ? -22.169 -5.435  -8.007  1.00 40.52 ? 125 GLN A NE2 1 
ATOM   971  N N   . VAL A 1 126 ? -22.353 0.059   -7.115  1.00 25.06 ? 126 VAL A N   1 
ATOM   972  C CA  . VAL A 1 126 ? -22.977 0.956   -6.149  1.00 24.12 ? 126 VAL A CA  1 
ATOM   973  C C   . VAL A 1 126 ? -22.071 2.168   -5.949  1.00 24.11 ? 126 VAL A C   1 
ATOM   974  O O   . VAL A 1 126 ? -20.914 2.165   -6.363  1.00 22.93 ? 126 VAL A O   1 
ATOM   975  C CB  . VAL A 1 126 ? -23.217 0.262   -4.779  1.00 24.65 ? 126 VAL A CB  1 
ATOM   976  C CG1 . VAL A 1 126 ? -24.094 -0.968  -4.968  1.00 23.58 ? 126 VAL A CG1 1 
ATOM   977  C CG2 . VAL A 1 126 ? -21.891 -0.115  -4.138  1.00 23.79 ? 126 VAL A CG2 1 
ATOM   978  N N   . ALA A 1 127 ? -22.597 3.197   -5.299  1.00 23.96 ? 127 ALA A N   1 
ATOM   979  C CA  . ALA A 1 127 ? -21.841 4.421   -5.074  1.00 23.23 ? 127 ALA A CA  1 
ATOM   980  C C   . ALA A 1 127 ? -20.743 4.334   -4.015  1.00 22.51 ? 127 ALA A C   1 
ATOM   981  O O   . ALA A 1 127 ? -20.924 3.740   -2.956  1.00 21.59 ? 127 ALA A O   1 
ATOM   982  C CB  . ALA A 1 127 ? -22.802 5.556   -4.722  1.00 24.20 ? 127 ALA A CB  1 
ATOM   983  N N   . PHE A 1 128 ? -19.602 4.938   -4.338  1.00 22.82 ? 128 PHE A N   1 
ATOM   984  C CA  . PHE A 1 128 ? -18.439 5.032   -3.453  1.00 21.69 ? 128 PHE A CA  1 
ATOM   985  C C   . PHE A 1 128 ? -17.884 6.425   -3.699  1.00 22.98 ? 128 PHE A C   1 
ATOM   986  O O   . PHE A 1 128 ? -17.984 6.938   -4.814  1.00 23.32 ? 128 PHE A O   1 
ATOM   987  C CB  . PHE A 1 128 ? -17.363 4.002   -3.802  1.00 19.92 ? 128 PHE A CB  1 
ATOM   988  C CG  . PHE A 1 128 ? -17.653 2.623   -3.294  1.00 19.44 ? 128 PHE A CG  1 
ATOM   989  C CD1 . PHE A 1 128 ? -18.342 1.707   -4.079  1.00 19.12 ? 128 PHE A CD1 1 
ATOM   990  C CD2 . PHE A 1 128 ? -17.237 2.239   -2.023  1.00 19.02 ? 128 PHE A CD2 1 
ATOM   991  C CE1 . PHE A 1 128 ? -18.613 0.428   -3.608  1.00 20.56 ? 128 PHE A CE1 1 
ATOM   992  C CE2 . PHE A 1 128 ? -17.505 0.961   -1.543  1.00 20.48 ? 128 PHE A CE2 1 
ATOM   993  C CZ  . PHE A 1 128 ? -18.193 0.056   -2.337  1.00 20.01 ? 128 PHE A CZ  1 
ATOM   994  N N   . ASP A 1 129 ? -17.291 7.037   -2.679  1.00 23.50 ? 129 ASP A N   1 
ATOM   995  C CA  . ASP A 1 129 ? -16.753 8.383   -2.841  1.00 24.92 ? 129 ASP A CA  1 
ATOM   996  C C   . ASP A 1 129 ? -15.267 8.395   -3.164  1.00 23.85 ? 129 ASP A C   1 
ATOM   997  O O   . ASP A 1 129 ? -14.661 9.459   -3.274  1.00 24.73 ? 129 ASP A O   1 
ATOM   998  C CB  . ASP A 1 129 ? -17.008 9.207   -1.579  1.00 28.75 ? 129 ASP A CB  1 
ATOM   999  C CG  . ASP A 1 129 ? -16.464 8.543   -0.335  1.00 30.81 ? 129 ASP A CG  1 
ATOM   1000 O OD1 . ASP A 1 129 ? -15.261 8.218   -0.314  1.00 33.37 ? 129 ASP A OD1 1 
ATOM   1001 O OD2 . ASP A 1 129 ? -17.239 8.347   0.624   1.00 36.78 ? 129 ASP A OD2 1 
ATOM   1002 N N   . GLY A 1 130 ? -14.680 7.212   -3.313  1.00 22.68 ? 130 GLY A N   1 
ATOM   1003 C CA  . GLY A 1 130 ? -13.266 7.143   -3.624  1.00 21.14 ? 130 GLY A CA  1 
ATOM   1004 C C   . GLY A 1 130 ? -12.870 5.898   -4.393  1.00 20.45 ? 130 GLY A C   1 
ATOM   1005 O O   . GLY A 1 130 ? -13.450 4.827   -4.211  1.00 20.05 ? 130 GLY A O   1 
ATOM   1006 N N   . PHE A 1 131 ? -11.881 6.043   -5.268  1.00 19.05 ? 131 PHE A N   1 
ATOM   1007 C CA  . PHE A 1 131 ? -11.389 4.925   -6.058  1.00 18.05 ? 131 PHE A CA  1 
ATOM   1008 C C   . PHE A 1 131 ? -9.869  4.963   -6.090  1.00 18.98 ? 131 PHE A C   1 
ATOM   1009 O O   . PHE A 1 131 ? -9.258  6.032   -5.978  1.00 19.02 ? 131 PHE A O   1 
ATOM   1010 C CB  . PHE A 1 131 ? -11.938 4.971   -7.490  1.00 17.35 ? 131 PHE A CB  1 
ATOM   1011 C CG  . PHE A 1 131 ? -13.419 4.708   -7.586  1.00 16.48 ? 131 PHE A CG  1 
ATOM   1012 C CD1 . PHE A 1 131 ? -14.338 5.719   -7.328  1.00 16.70 ? 131 PHE A CD1 1 
ATOM   1013 C CD2 . PHE A 1 131 ? -13.892 3.445   -7.931  1.00 18.43 ? 131 PHE A CD2 1 
ATOM   1014 C CE1 . PHE A 1 131 ? -15.711 5.477   -7.416  1.00 18.09 ? 131 PHE A CE1 1 
ATOM   1015 C CE2 . PHE A 1 131 ? -15.263 3.192   -8.020  1.00 17.75 ? 131 PHE A CE2 1 
ATOM   1016 C CZ  . PHE A 1 131 ? -16.172 4.211   -7.761  1.00 18.14 ? 131 PHE A CZ  1 
ATOM   1017 N N   . ILE A 1 132 ? -9.267  3.791   -6.241  1.00 17.41 ? 132 ILE A N   1 
ATOM   1018 C CA  . ILE A 1 132 ? -7.818  3.659   -6.279  1.00 17.14 ? 132 ILE A CA  1 
ATOM   1019 C C   . ILE A 1 132 ? -7.385  2.882   -7.512  1.00 18.38 ? 132 ILE A C   1 
ATOM   1020 O O   . ILE A 1 132 ? -8.013  1.883   -7.872  1.00 17.64 ? 132 ILE A O   1 
ATOM   1021 C CB  . ILE A 1 132 ? -7.291  2.869   -5.058  1.00 18.37 ? 132 ILE A CB  1 
ATOM   1022 C CG1 . ILE A 1 132 ? -7.694  3.565   -3.752  1.00 18.10 ? 132 ILE A CG1 1 
ATOM   1023 C CG2 . ILE A 1 132 ? -5.780  2.708   -5.166  1.00 18.02 ? 132 ILE A CG2 1 
ATOM   1024 C CD1 . ILE A 1 132 ? -7.012  4.882   -3.513  1.00 20.47 ? 132 ILE A CD1 1 
ATOM   1025 N N   . LEU A 1 133 ? -6.313  3.339   -8.151  1.00 17.22 ? 133 LEU A N   1 
ATOM   1026 C CA  . LEU A 1 133 ? -5.767  2.649   -9.313  1.00 18.27 ? 133 LEU A CA  1 
ATOM   1027 C C   . LEU A 1 133 ? -4.347  2.236   -8.945  1.00 18.70 ? 133 LEU A C   1 
ATOM   1028 O O   . LEU A 1 133 ? -3.509  3.084   -8.636  1.00 17.01 ? 133 LEU A O   1 
ATOM   1029 C CB  . LEU A 1 133 ? -5.729  3.565   -10.539 1.00 19.04 ? 133 LEU A CB  1 
ATOM   1030 C CG  . LEU A 1 133 ? -5.096  2.926   -11.784 1.00 19.14 ? 133 LEU A CG  1 
ATOM   1031 C CD1 . LEU A 1 133 ? -5.938  1.732   -12.230 1.00 18.46 ? 133 LEU A CD1 1 
ATOM   1032 C CD2 . LEU A 1 133 ? -4.992  3.950   -12.900 1.00 19.94 ? 133 LEU A CD2 1 
ATOM   1033 N N   . CYS A 1 134 ? -4.081  0.934   -8.958  1.00 19.44 ? 134 CYS A N   1 
ATOM   1034 C CA  . CYS A 1 134 ? -2.755  0.438   -8.621  1.00 22.18 ? 134 CYS A CA  1 
ATOM   1035 C C   . CYS A 1 134 ? -2.110  -0.224  -9.825  1.00 23.48 ? 134 CYS A C   1 
ATOM   1036 O O   . CYS A 1 134 ? -2.749  -0.998  -10.533 1.00 20.79 ? 134 CYS A O   1 
ATOM   1037 C CB  . CYS A 1 134 ? -2.816  -0.590  -7.490  1.00 22.90 ? 134 CYS A CB  1 
ATOM   1038 S SG  . CYS A 1 134 ? -3.423  -0.043  -5.860  1.00 24.93 ? 134 CYS A SG  1 
ATOM   1039 N N   . LYS A 1 135 ? -0.840  0.086   -10.052 1.00 24.96 ? 135 LYS A N   1 
ATOM   1040 C CA  . LYS A 1 135 ? -0.103  -0.508  -11.153 1.00 29.28 ? 135 LYS A CA  1 
ATOM   1041 C C   . LYS A 1 135 ? 0.610   -1.718  -10.561 1.00 30.61 ? 135 LYS A C   1 
ATOM   1042 O O   . LYS A 1 135 ? 1.410   -1.578  -9.638  1.00 32.37 ? 135 LYS A O   1 
ATOM   1043 C CB  . LYS A 1 135 ? 0.915   0.491   -11.714 1.00 30.05 ? 135 LYS A CB  1 
ATOM   1044 C CG  . LYS A 1 135 ? 1.658   -0.003  -12.943 1.00 32.79 ? 135 LYS A CG  1 
ATOM   1045 C CD  . LYS A 1 135 ? 2.652   1.031   -13.449 1.00 35.61 ? 135 LYS A CD  1 
ATOM   1046 C CE  . LYS A 1 135 ? 3.475   0.477   -14.604 1.00 36.15 ? 135 LYS A CE  1 
ATOM   1047 N NZ  . LYS A 1 135 ? 4.504   1.443   -15.078 1.00 39.01 ? 135 LYS A NZ  1 
ATOM   1048 N N   . GLU A 1 136 ? 0.301   -2.906  -11.073 1.00 32.21 ? 136 GLU A N   1 
ATOM   1049 C CA  . GLU A 1 136 ? 0.913   -4.130  -10.573 1.00 34.72 ? 136 GLU A CA  1 
ATOM   1050 C C   . GLU A 1 136 ? 2.280   -4.349  -11.209 1.00 36.04 ? 136 GLU A C   1 
ATOM   1051 O O   . GLU A 1 136 ? 2.380   -4.596  -12.411 1.00 36.61 ? 136 GLU A O   1 
ATOM   1052 C CB  . GLU A 1 136 ? 0.016   -5.336  -10.870 1.00 36.00 ? 136 GLU A CB  1 
ATOM   1053 C CG  . GLU A 1 136 ? -1.410  -5.221  -10.344 1.00 38.57 ? 136 GLU A CG  1 
ATOM   1054 C CD  . GLU A 1 136 ? -1.476  -5.006  -8.844  1.00 40.63 ? 136 GLU A CD  1 
ATOM   1055 O OE1 . GLU A 1 136 ? -0.822  -5.766  -8.102  1.00 43.38 ? 136 GLU A OE1 1 
ATOM   1056 O OE2 . GLU A 1 136 ? -2.190  -4.079  -8.405  1.00 41.39 ? 136 GLU A OE2 1 
ATOM   1057 N N   . GLN A 1 143 ? 2.949   2.941   -7.685  1.00 40.46 ? 143 GLN A N   1 
ATOM   1058 C CA  . GLN A 1 143 ? 2.073   1.924   -7.116  1.00 38.83 ? 143 GLN A CA  1 
ATOM   1059 C C   . GLN A 1 143 ? 0.595   2.252   -7.290  1.00 37.26 ? 143 GLN A C   1 
ATOM   1060 O O   . GLN A 1 143 ? -0.027  1.823   -8.261  1.00 36.99 ? 143 GLN A O   1 
ATOM   1061 C CB  . GLN A 1 143 ? 2.386   1.725   -5.630  1.00 40.69 ? 143 GLN A CB  1 
ATOM   1062 C CG  . GLN A 1 143 ? 3.519   0.750   -5.369  1.00 42.58 ? 143 GLN A CG  1 
ATOM   1063 C CD  . GLN A 1 143 ? 3.151   -0.679  -5.728  1.00 44.58 ? 143 GLN A CD  1 
ATOM   1064 O OE1 . GLN A 1 143 ? 4.010   -1.561  -5.779  1.00 45.60 ? 143 GLN A OE1 1 
ATOM   1065 N NE2 . GLN A 1 143 ? 1.866   -0.917  -5.969  1.00 45.56 ? 143 GLN A NE2 1 
ATOM   1066 N N   . CYS A 1 144 ? 0.035   3.019   -6.358  1.00 34.71 ? 144 CYS A N   1 
ATOM   1067 C CA  . CYS A 1 144 ? -1.380  3.368   -6.425  1.00 33.10 ? 144 CYS A CA  1 
ATOM   1068 C C   . CYS A 1 144 ? -1.625  4.871   -6.314  1.00 34.65 ? 144 CYS A C   1 
ATOM   1069 O O   . CYS A 1 144 ? -0.772  5.616   -5.836  1.00 34.92 ? 144 CYS A O   1 
ATOM   1070 C CB  . CYS A 1 144 ? -2.146  2.678   -5.294  1.00 30.49 ? 144 CYS A CB  1 
ATOM   1071 S SG  . CYS A 1 144 ? -1.835  0.902   -4.993  1.00 28.10 ? 144 CYS A SG  1 
ATOM   1072 N N   . LEU A 1 145 ? -2.805  5.304   -6.750  1.00 35.83 ? 145 LEU A N   1 
ATOM   1073 C CA  . LEU A 1 145 ? -3.195  6.710   -6.683  1.00 37.50 ? 145 LEU A CA  1 
ATOM   1074 C C   . LEU A 1 145 ? -4.706  6.836   -6.509  1.00 38.32 ? 145 LEU A C   1 
ATOM   1075 O O   . LEU A 1 145 ? -5.467  6.003   -7.002  1.00 36.83 ? 145 LEU A O   1 
ATOM   1076 C CB  . LEU A 1 145 ? -2.754  7.463   -7.941  1.00 38.66 ? 145 LEU A CB  1 
ATOM   1077 C CG  . LEU A 1 145 ? -3.115  6.876   -9.304  1.00 39.68 ? 145 LEU A CG  1 
ATOM   1078 C CD1 . LEU A 1 145 ? -3.046  7.963   -10.365 1.00 40.33 ? 145 LEU A CD1 1 
ATOM   1079 C CD2 . LEU A 1 145 ? -2.163  5.734   -9.636  1.00 41.61 ? 145 LEU A CD2 1 
ATOM   1080 N N   . ASN A 1 146 ? -5.132  7.879   -5.801  1.00 40.58 ? 146 ASN A N   1 
ATOM   1081 C CA  . ASN A 1 146 ? -6.552  8.112   -5.550  1.00 43.39 ? 146 ASN A CA  1 
ATOM   1082 C C   . ASN A 1 146 ? -7.240  8.855   -6.687  1.00 43.76 ? 146 ASN A C   1 
ATOM   1083 O O   . ASN A 1 146 ? -6.622  9.664   -7.379  1.00 42.84 ? 146 ASN A O   1 
ATOM   1084 C CB  . ASN A 1 146 ? -6.740  8.894   -4.247  1.00 46.40 ? 146 ASN A CB  1 
ATOM   1085 C CG  . ASN A 1 146 ? -6.200  8.153   -3.041  1.00 49.77 ? 146 ASN A CG  1 
ATOM   1086 O OD1 . ASN A 1 146 ? -4.992  7.943   -2.917  1.00 52.87 ? 146 ASN A OD1 1 
ATOM   1087 N ND2 . ASN A 1 146 ? -7.093  7.749   -2.145  1.00 51.51 ? 146 ASN A ND2 1 
ATOM   1088 N N   . SER A 1 147 ? -8.527  8.571   -6.863  1.00 44.49 ? 147 SER A N   1 
ATOM   1089 C CA  . SER A 1 147 ? -9.332  9.189   -7.908  1.00 46.53 ? 147 SER A CA  1 
ATOM   1090 C C   . SER A 1 147 ? -9.233  10.708  -7.882  1.00 48.41 ? 147 SER A C   1 
ATOM   1091 O O   . SER A 1 147 ? -9.631  11.379  -8.835  1.00 50.87 ? 147 SER A O   1 
ATOM   1092 C CB  . SER A 1 147 ? -10.796 8.770   -7.755  1.00 47.32 ? 147 SER A CB  1 
ATOM   1093 O OG  . SER A 1 147 ? -11.270 9.050   -6.448  1.00 46.41 ? 147 SER A OG  1 
ATOM   1094 N N   . SER A 1 154 ? -21.180 8.991   -9.553  1.00 41.24 ? 154 SER A N   1 
ATOM   1095 C CA  . SER A 1 154 ? -20.713 8.760   -8.192  1.00 40.34 ? 154 SER A CA  1 
ATOM   1096 C C   . SER A 1 154 ? -20.312 7.300   -7.983  1.00 39.07 ? 154 SER A C   1 
ATOM   1097 O O   . SER A 1 154 ? -19.979 6.888   -6.871  1.00 39.16 ? 154 SER A O   1 
ATOM   1098 C CB  . SER A 1 154 ? -21.805 9.153   -7.190  1.00 41.25 ? 154 SER A CB  1 
ATOM   1099 O OG  . SER A 1 154 ? -23.027 8.496   -7.478  1.00 41.78 ? 154 SER A OG  1 
ATOM   1100 N N   . SER A 1 155 ? -20.339 6.523   -9.062  1.00 37.31 ? 155 SER A N   1 
ATOM   1101 C CA  . SER A 1 155 ? -19.980 5.113   -8.997  1.00 36.05 ? 155 SER A CA  1 
ATOM   1102 C C   . SER A 1 155 ? -18.939 4.748   -10.055 1.00 33.99 ? 155 SER A C   1 
ATOM   1103 O O   . SER A 1 155 ? -18.897 3.614   -10.531 1.00 33.57 ? 155 SER A O   1 
ATOM   1104 C CB  . SER A 1 155 ? -21.224 4.241   -9.179  1.00 36.10 ? 155 SER A CB  1 
ATOM   1105 O OG  . SER A 1 155 ? -21.788 4.427   -10.463 1.00 38.33 ? 155 SER A OG  1 
ATOM   1106 N N   . ARG A 1 156 ? -18.103 5.715   -10.420 1.00 32.55 ? 156 ARG A N   1 
ATOM   1107 C CA  . ARG A 1 156 ? -17.058 5.481   -11.409 1.00 31.93 ? 156 ARG A CA  1 
ATOM   1108 C C   . ARG A 1 156 ? -15.994 6.574   -11.337 1.00 29.44 ? 156 ARG A C   1 
ATOM   1109 O O   . ARG A 1 156 ? -16.299 7.730   -11.044 1.00 28.79 ? 156 ARG A O   1 
ATOM   1110 C CB  . ARG A 1 156 ? -17.658 5.433   -12.819 1.00 34.43 ? 156 ARG A CB  1 
ATOM   1111 C CG  . ARG A 1 156 ? -17.811 6.787   -13.493 1.00 37.93 ? 156 ARG A CG  1 
ATOM   1112 C CD  . ARG A 1 156 ? -18.665 6.686   -14.750 1.00 42.11 ? 156 ARG A CD  1 
ATOM   1113 N NE  . ARG A 1 156 ? -18.328 5.519   -15.561 1.00 44.58 ? 156 ARG A NE  1 
ATOM   1114 C CZ  . ARG A 1 156 ? -18.947 5.190   -16.690 1.00 46.31 ? 156 ARG A CZ  1 
ATOM   1115 N NH1 . ARG A 1 156 ? -19.937 5.944   -17.151 1.00 47.29 ? 156 ARG A NH1 1 
ATOM   1116 N NH2 . ARG A 1 156 ? -18.586 4.101   -17.354 1.00 47.94 ? 156 ARG A NH2 1 
ATOM   1117 N N   . ALA A 1 157 ? -14.748 6.198   -11.596 1.00 27.50 ? 157 ALA A N   1 
ATOM   1118 C CA  . ALA A 1 157 ? -13.635 7.139   -11.572 1.00 25.56 ? 157 ALA A CA  1 
ATOM   1119 C C   . ALA A 1 157 ? -12.819 6.972   -12.849 1.00 24.44 ? 157 ALA A C   1 
ATOM   1120 O O   . ALA A 1 157 ? -12.723 5.874   -13.392 1.00 23.61 ? 157 ALA A O   1 
ATOM   1121 C CB  . ALA A 1 157 ? -12.756 6.889   -10.350 1.00 24.40 ? 157 ALA A CB  1 
ATOM   1122 N N   . ILE A 1 158 ? -12.229 8.066   -13.318 1.00 24.12 ? 158 ILE A N   1 
ATOM   1123 C CA  . ILE A 1 158 ? -11.434 8.044   -14.539 1.00 25.66 ? 158 ILE A CA  1 
ATOM   1124 C C   . ILE A 1 158 ? -9.972  8.391   -14.275 1.00 25.15 ? 158 ILE A C   1 
ATOM   1125 O O   . ILE A 1 158 ? -9.668  9.436   -13.706 1.00 26.09 ? 158 ILE A O   1 
ATOM   1126 C CB  . ILE A 1 158 ? -12.004 9.041   -15.576 1.00 26.79 ? 158 ILE A CB  1 
ATOM   1127 C CG1 . ILE A 1 158 ? -13.383 8.574   -16.043 1.00 28.44 ? 158 ILE A CG1 1 
ATOM   1128 C CG2 . ILE A 1 158 ? -11.062 9.174   -16.750 1.00 29.01 ? 158 ILE A CG2 1 
ATOM   1129 C CD1 . ILE A 1 158 ? -13.372 7.228   -16.732 1.00 30.01 ? 158 ILE A CD1 1 
ATOM   1130 N N   . PHE A 1 159 ? -9.071  7.507   -14.693 1.00 24.67 ? 159 PHE A N   1 
ATOM   1131 C CA  . PHE A 1 159 ? -7.643  7.729   -14.512 1.00 24.06 ? 159 PHE A CA  1 
ATOM   1132 C C   . PHE A 1 159 ? -6.943  7.794   -15.864 1.00 25.05 ? 159 PHE A C   1 
ATOM   1133 O O   . PHE A 1 159 ? -7.308  7.089   -16.801 1.00 24.54 ? 159 PHE A O   1 
ATOM   1134 C CB  . PHE A 1 159 ? -7.002  6.599   -13.704 1.00 24.29 ? 159 PHE A CB  1 
ATOM   1135 C CG  . PHE A 1 159 ? -7.632  6.366   -12.365 1.00 25.25 ? 159 PHE A CG  1 
ATOM   1136 C CD1 . PHE A 1 159 ? -8.824  5.657   -12.256 1.00 24.49 ? 159 PHE A CD1 1 
ATOM   1137 C CD2 . PHE A 1 159 ? -7.023  6.840   -11.207 1.00 25.61 ? 159 PHE A CD2 1 
ATOM   1138 C CE1 . PHE A 1 159 ? -9.401  5.421   -11.011 1.00 26.04 ? 159 PHE A CE1 1 
ATOM   1139 C CE2 . PHE A 1 159 ? -7.592  6.609   -9.958  1.00 24.72 ? 159 PHE A CE2 1 
ATOM   1140 C CZ  . PHE A 1 159 ? -8.784  5.897   -9.858  1.00 25.11 ? 159 PHE A CZ  1 
ATOM   1141 N N   . SER A 1 160 ? -5.931  8.645   -15.953 1.00 24.50 ? 160 SER A N   1 
ATOM   1142 C CA  . SER A 1 160 ? -5.166  8.787   -17.178 1.00 25.36 ? 160 SER A CA  1 
ATOM   1143 C C   . SER A 1 160 ? -3.788  8.189   -16.939 1.00 24.30 ? 160 SER A C   1 
ATOM   1144 O O   . SER A 1 160 ? -3.137  8.506   -15.941 1.00 25.06 ? 160 SER A O   1 
ATOM   1145 C CB  . SER A 1 160 ? -5.030  10.264  -17.548 1.00 26.24 ? 160 SER A CB  1 
ATOM   1146 O OG  . SER A 1 160 ? -4.150  10.430  -18.644 1.00 31.08 ? 160 SER A OG  1 
ATOM   1147 N N   . VAL A 1 161 ? -3.351  7.311   -17.836 1.00 21.89 ? 161 VAL A N   1 
ATOM   1148 C CA  . VAL A 1 161 ? -2.036  6.701   -17.699 1.00 22.16 ? 161 VAL A CA  1 
ATOM   1149 C C   . VAL A 1 161 ? -1.260  6.801   -19.008 1.00 22.31 ? 161 VAL A C   1 
ATOM   1150 O O   . VAL A 1 161 ? -1.845  6.841   -20.093 1.00 20.44 ? 161 VAL A O   1 
ATOM   1151 C CB  . VAL A 1 161 ? -2.129  5.216   -17.274 1.00 23.53 ? 161 VAL A CB  1 
ATOM   1152 C CG1 . VAL A 1 161 ? -2.902  5.093   -15.968 1.00 21.96 ? 161 VAL A CG1 1 
ATOM   1153 C CG2 . VAL A 1 161 ? -2.776  4.399   -18.359 1.00 23.60 ? 161 VAL A CG2 1 
ATOM   1154 N N   . GLY A 1 162 ? 0.062   6.849   -18.894 1.00 21.59 ? 162 GLY A N   1 
ATOM   1155 C CA  . GLY A 1 162 ? 0.903   6.959   -20.069 1.00 23.56 ? 162 GLY A CA  1 
ATOM   1156 C C   . GLY A 1 162 ? 1.937   8.051   -19.875 1.00 24.12 ? 162 GLY A C   1 
ATOM   1157 O O   . GLY A 1 162 ? 1.912   8.743   -18.854 1.00 24.51 ? 162 GLY A O   1 
ATOM   1158 N N   . PRO A 1 163 ? 2.855   8.245   -20.837 1.00 24.25 ? 163 PRO A N   1 
ATOM   1159 C CA  . PRO A 1 163 ? 2.967   7.489   -22.093 1.00 23.45 ? 163 PRO A CA  1 
ATOM   1160 C C   . PRO A 1 163 ? 3.354   6.032   -21.844 1.00 23.26 ? 163 PRO A C   1 
ATOM   1161 O O   . PRO A 1 163 ? 4.274   5.755   -21.074 1.00 22.83 ? 163 PRO A O   1 
ATOM   1162 C CB  . PRO A 1 163 ? 4.067   8.232   -22.858 1.00 24.53 ? 163 PRO A CB  1 
ATOM   1163 C CG  . PRO A 1 163 ? 4.120   9.592   -22.211 1.00 27.22 ? 163 PRO A CG  1 
ATOM   1164 C CD  . PRO A 1 163 ? 3.893   9.285   -20.762 1.00 23.84 ? 163 PRO A CD  1 
ATOM   1165 N N   . VAL A 1 164 ? 2.656   5.107   -22.497 1.00 21.58 ? 164 VAL A N   1 
ATOM   1166 C CA  . VAL A 1 164 ? 2.950   3.687   -22.337 1.00 20.55 ? 164 VAL A CA  1 
ATOM   1167 C C   . VAL A 1 164 ? 4.087   3.286   -23.273 1.00 21.88 ? 164 VAL A C   1 
ATOM   1168 O O   . VAL A 1 164 ? 4.327   3.947   -24.287 1.00 21.76 ? 164 VAL A O   1 
ATOM   1169 C CB  . VAL A 1 164 ? 1.718   2.813   -22.661 1.00 20.04 ? 164 VAL A CB  1 
ATOM   1170 C CG1 . VAL A 1 164 ? 0.539   3.241   -21.805 1.00 18.68 ? 164 VAL A CG1 1 
ATOM   1171 C CG2 . VAL A 1 164 ? 1.378   2.914   -24.143 1.00 19.14 ? 164 VAL A CG2 1 
ATOM   1172 N N   . SER A 1 165 ? 4.785   2.207   -22.928 1.00 22.56 ? 165 SER A N   1 
ATOM   1173 C CA  . SER A 1 165 ? 5.894   1.717   -23.741 1.00 24.37 ? 165 SER A CA  1 
ATOM   1174 C C   . SER A 1 165 ? 5.990   0.200   -23.646 1.00 24.51 ? 165 SER A C   1 
ATOM   1175 O O   . SER A 1 165 ? 5.612   -0.392  -22.638 1.00 22.75 ? 165 SER A O   1 
ATOM   1176 C CB  . SER A 1 165 ? 7.217   2.340   -23.283 1.00 25.46 ? 165 SER A CB  1 
ATOM   1177 O OG  . SER A 1 165 ? 7.566   1.895   -21.984 1.00 31.85 ? 165 SER A OG  1 
ATOM   1178 N N   . PRO A 1 166 ? 6.506   -0.449  -24.699 1.00 25.48 ? 166 PRO A N   1 
ATOM   1179 C CA  . PRO A 1 166 ? 6.652   -1.909  -24.735 1.00 27.57 ? 166 PRO A CA  1 
ATOM   1180 C C   . PRO A 1 166 ? 7.737   -2.430  -23.789 1.00 27.83 ? 166 PRO A C   1 
ATOM   1181 O O   . PRO A 1 166 ? 7.741   -3.606  -23.422 1.00 28.02 ? 166 PRO A O   1 
ATOM   1182 C CB  . PRO A 1 166 ? 7.015   -2.189  -26.198 1.00 28.47 ? 166 PRO A CB  1 
ATOM   1183 C CG  . PRO A 1 166 ? 6.520   -0.974  -26.937 1.00 29.03 ? 166 PRO A CG  1 
ATOM   1184 C CD  . PRO A 1 166 ? 6.872   0.139   -25.995 1.00 26.90 ? 166 PRO A CD  1 
ATOM   1185 N N   . SER A 1 167 ? 8.654   -1.550  -23.402 1.00 28.69 ? 167 SER A N   1 
ATOM   1186 C CA  . SER A 1 167 ? 9.759   -1.934  -22.529 1.00 31.28 ? 167 SER A CA  1 
ATOM   1187 C C   . SER A 1 167 ? 9.343   -2.179  -21.086 1.00 31.83 ? 167 SER A C   1 
ATOM   1188 O O   . SER A 1 167 ? 10.153  -2.604  -20.263 1.00 31.17 ? 167 SER A O   1 
ATOM   1189 C CB  . SER A 1 167 ? 10.850  -0.867  -22.573 1.00 31.74 ? 167 SER A CB  1 
ATOM   1190 O OG  . SER A 1 167 ? 10.335  0.397   -22.205 1.00 37.61 ? 167 SER A OG  1 
ATOM   1191 N N   . ARG A 1 168 ? 8.081   -1.912  -20.780 1.00 31.87 ? 168 ARG A N   1 
ATOM   1192 C CA  . ARG A 1 168 ? 7.586   -2.119  -19.429 1.00 33.51 ? 168 ARG A CA  1 
ATOM   1193 C C   . ARG A 1 168 ? 6.258   -2.854  -19.480 1.00 33.25 ? 168 ARG A C   1 
ATOM   1194 O O   . ARG A 1 168 ? 5.572   -2.852  -20.501 1.00 33.29 ? 168 ARG A O   1 
ATOM   1195 C CB  . ARG A 1 168 ? 7.405   -0.776  -18.711 1.00 35.23 ? 168 ARG A CB  1 
ATOM   1196 C CG  . ARG A 1 168 ? 8.628   0.126   -18.759 1.00 38.54 ? 168 ARG A CG  1 
ATOM   1197 C CD  . ARG A 1 168 ? 8.480   1.310   -17.817 1.00 41.54 ? 168 ARG A CD  1 
ATOM   1198 N NE  . ARG A 1 168 ? 8.490   0.885   -16.420 1.00 45.73 ? 168 ARG A NE  1 
ATOM   1199 C CZ  . ARG A 1 168 ? 8.396   1.709   -15.381 1.00 46.63 ? 168 ARG A CZ  1 
ATOM   1200 N NH1 . ARG A 1 168 ? 8.282   3.018   -15.574 1.00 47.58 ? 168 ARG A NH1 1 
ATOM   1201 N NH2 . ARG A 1 168 ? 8.421   1.224   -14.147 1.00 47.93 ? 168 ARG A NH2 1 
ATOM   1202 N N   . ARG A 1 169 ? 5.907   -3.489  -18.372 1.00 33.30 ? 169 ARG A N   1 
ATOM   1203 C CA  . ARG A 1 169 ? 4.657   -4.224  -18.275 1.00 33.67 ? 169 ARG A CA  1 
ATOM   1204 C C   . ARG A 1 169 ? 3.621   -3.281  -17.672 1.00 31.71 ? 169 ARG A C   1 
ATOM   1205 O O   . ARG A 1 169 ? 3.896   -2.600  -16.685 1.00 31.13 ? 169 ARG A O   1 
ATOM   1206 C CB  . ARG A 1 169 ? 4.852   -5.451  -17.384 1.00 37.08 ? 169 ARG A CB  1 
ATOM   1207 C CG  . ARG A 1 169 ? 3.675   -6.392  -17.350 1.00 41.36 ? 169 ARG A CG  1 
ATOM   1208 C CD  . ARG A 1 169 ? 4.132   -7.830  -17.531 1.00 46.07 ? 169 ARG A CD  1 
ATOM   1209 N NE  . ARG A 1 169 ? 4.811   -8.032  -18.809 1.00 48.95 ? 169 ARG A NE  1 
ATOM   1210 C CZ  . ARG A 1 169 ? 5.078   -9.223  -19.334 1.00 49.81 ? 169 ARG A CZ  1 
ATOM   1211 N NH1 . ARG A 1 169 ? 4.722   -10.328 -18.692 1.00 50.28 ? 169 ARG A NH1 1 
ATOM   1212 N NH2 . ARG A 1 169 ? 5.704   -9.313  -20.500 1.00 50.81 ? 169 ARG A NH2 1 
ATOM   1213 N N   . TRP A 1 170 ? 2.436   -3.231  -18.270 1.00 29.27 ? 170 TRP A N   1 
ATOM   1214 C CA  . TRP A 1 170 ? 1.387   -2.351  -17.774 1.00 27.97 ? 170 TRP A CA  1 
ATOM   1215 C C   . TRP A 1 170 ? 0.173   -3.124  -17.270 1.00 27.37 ? 170 TRP A C   1 
ATOM   1216 O O   . TRP A 1 170 ? -0.788  -3.345  -18.004 1.00 27.22 ? 170 TRP A O   1 
ATOM   1217 C CB  . TRP A 1 170 ? 0.974   -1.363  -18.868 1.00 26.65 ? 170 TRP A CB  1 
ATOM   1218 C CG  . TRP A 1 170 ? 2.129   -0.554  -19.374 1.00 27.08 ? 170 TRP A CG  1 
ATOM   1219 C CD1 . TRP A 1 170 ? 3.069   -0.947  -20.285 1.00 25.66 ? 170 TRP A CD1 1 
ATOM   1220 C CD2 . TRP A 1 170 ? 2.518   0.753   -18.935 1.00 26.03 ? 170 TRP A CD2 1 
ATOM   1221 N NE1 . TRP A 1 170 ? 4.019   0.032   -20.437 1.00 26.66 ? 170 TRP A NE1 1 
ATOM   1222 C CE2 . TRP A 1 170 ? 3.707   1.087   -19.622 1.00 25.90 ? 170 TRP A CE2 1 
ATOM   1223 C CE3 . TRP A 1 170 ? 1.979   1.674   -18.026 1.00 26.00 ? 170 TRP A CE3 1 
ATOM   1224 C CZ2 . TRP A 1 170 ? 4.369   2.303   -19.429 1.00 26.65 ? 170 TRP A CZ2 1 
ATOM   1225 C CZ3 . TRP A 1 170 ? 2.636   2.883   -17.832 1.00 27.35 ? 170 TRP A CZ3 1 
ATOM   1226 C CH2 . TRP A 1 170 ? 3.821   3.187   -18.532 1.00 27.71 ? 170 TRP A CH2 1 
ATOM   1227 N N   . TRP A 1 171 ? 0.235   -3.535  -16.007 1.00 26.96 ? 171 TRP A N   1 
ATOM   1228 C CA  . TRP A 1 171 ? -0.843  -4.283  -15.373 1.00 26.55 ? 171 TRP A CA  1 
ATOM   1229 C C   . TRP A 1 171 ? -1.491  -3.421  -14.301 1.00 23.56 ? 171 TRP A C   1 
ATOM   1230 O O   . TRP A 1 171 ? -0.799  -2.767  -13.520 1.00 22.44 ? 171 TRP A O   1 
ATOM   1231 C CB  . TRP A 1 171 ? -0.297  -5.563  -14.736 1.00 29.92 ? 171 TRP A CB  1 
ATOM   1232 C CG  . TRP A 1 171 ? 0.211   -6.575  -15.722 1.00 35.11 ? 171 TRP A CG  1 
ATOM   1233 C CD1 . TRP A 1 171 ? 0.181   -6.484  -17.087 1.00 37.39 ? 171 TRP A CD1 1 
ATOM   1234 C CD2 . TRP A 1 171 ? 0.781   -7.854  -15.419 1.00 36.68 ? 171 TRP A CD2 1 
ATOM   1235 N NE1 . TRP A 1 171 ? 0.694   -7.629  -17.650 1.00 38.68 ? 171 TRP A NE1 1 
ATOM   1236 C CE2 . TRP A 1 171 ? 1.069   -8.486  -16.649 1.00 38.09 ? 171 TRP A CE2 1 
ATOM   1237 C CE3 . TRP A 1 171 ? 1.076   -8.528  -14.226 1.00 38.24 ? 171 TRP A CE3 1 
ATOM   1238 C CZ2 . TRP A 1 171 ? 1.636   -9.763  -16.722 1.00 37.96 ? 171 TRP A CZ2 1 
ATOM   1239 C CZ3 . TRP A 1 171 ? 1.641   -9.799  -14.299 1.00 38.40 ? 171 TRP A CZ3 1 
ATOM   1240 C CH2 . TRP A 1 171 ? 1.914   -10.399 -15.540 1.00 38.36 ? 171 TRP A CH2 1 
ATOM   1241 N N   . TYR A 1 172 ? -2.818  -3.421  -14.264 1.00 20.51 ? 172 TYR A N   1 
ATOM   1242 C CA  . TYR A 1 172 ? -3.540  -2.621  -13.287 1.00 19.10 ? 172 TYR A CA  1 
ATOM   1243 C C   . TYR A 1 172 ? -4.710  -3.339  -12.629 1.00 18.47 ? 172 TYR A C   1 
ATOM   1244 O O   . TYR A 1 172 ? -5.230  -4.325  -13.142 1.00 18.45 ? 172 TYR A O   1 
ATOM   1245 C CB  . TYR A 1 172 ? -4.099  -1.347  -13.931 1.00 20.58 ? 172 TYR A CB  1 
ATOM   1246 C CG  . TYR A 1 172 ? -3.070  -0.381  -14.466 1.00 22.14 ? 172 TYR A CG  1 
ATOM   1247 C CD1 . TYR A 1 172 ? -2.515  -0.551  -15.734 1.00 23.02 ? 172 TYR A CD1 1 
ATOM   1248 C CD2 . TYR A 1 172 ? -2.655  0.709   -13.704 1.00 23.63 ? 172 TYR A CD2 1 
ATOM   1249 C CE1 . TYR A 1 172 ? -1.570  0.344   -16.231 1.00 23.75 ? 172 TYR A CE1 1 
ATOM   1250 C CE2 . TYR A 1 172 ? -1.712  1.609   -14.188 1.00 24.91 ? 172 TYR A CE2 1 
ATOM   1251 C CZ  . TYR A 1 172 ? -1.174  1.421   -15.452 1.00 25.64 ? 172 TYR A CZ  1 
ATOM   1252 O OH  . TYR A 1 172 ? -0.238  2.310   -15.929 1.00 27.22 ? 172 TYR A OH  1 
ATOM   1253 N N   . ARG A 1 173 ? -5.110  -2.808  -11.483 1.00 18.20 ? 173 ARG A N   1 
ATOM   1254 C CA  . ARG A 1 173 ? -6.257  -3.293  -10.731 1.00 18.32 ? 173 ARG A CA  1 
ATOM   1255 C C   . ARG A 1 173 ? -6.768  -2.038  -10.047 1.00 16.85 ? 173 ARG A C   1 
ATOM   1256 O O   . ARG A 1 173 ? -5.976  -1.149  -9.718  1.00 16.31 ? 173 ARG A O   1 
ATOM   1257 C CB  . ARG A 1 173 ? -5.845  -4.324  -9.675  1.00 20.00 ? 173 ARG A CB  1 
ATOM   1258 C CG  . ARG A 1 173 ? -5.133  -5.552  -10.227 1.00 24.67 ? 173 ARG A CG  1 
ATOM   1259 C CD  . ARG A 1 173 ? -4.820  -6.542  -9.114  1.00 27.97 ? 173 ARG A CD  1 
ATOM   1260 N NE  . ARG A 1 173 ? -5.973  -7.377  -8.795  1.00 32.58 ? 173 ARG A NE  1 
ATOM   1261 C CZ  . ARG A 1 173 ? -6.289  -8.495  -9.443  1.00 33.36 ? 173 ARG A CZ  1 
ATOM   1262 N NH1 . ARG A 1 173 ? -5.533  -8.921  -10.445 1.00 35.38 ? 173 ARG A NH1 1 
ATOM   1263 N NH2 . ARG A 1 173 ? -7.369  -9.184  -9.097  1.00 31.06 ? 173 ARG A NH2 1 
ATOM   1264 N N   . CYS A 1 174 ? -8.078  -1.925  -9.862  1.00 14.90 ? 174 CYS A N   1 
ATOM   1265 C CA  . CYS A 1 174 ? -8.601  -0.754  -9.179  1.00 14.97 ? 174 CYS A CA  1 
ATOM   1266 C C   . CYS A 1 174 ? -9.450  -1.182  -8.002  1.00 14.55 ? 174 CYS A C   1 
ATOM   1267 O O   . CYS A 1 174 ? -9.892  -2.331  -7.928  1.00 13.11 ? 174 CYS A O   1 
ATOM   1268 C CB  . CYS A 1 174 ? -9.395  0.155   -10.132 1.00 17.20 ? 174 CYS A CB  1 
ATOM   1269 S SG  . CYS A 1 174 ? -11.036 -0.403  -10.708 1.00 21.84 ? 174 CYS A SG  1 
ATOM   1270 N N   . TYR A 1 175 ? -9.647  -0.255  -7.073  1.00 13.98 ? 175 TYR A N   1 
ATOM   1271 C CA  . TYR A 1 175 ? -10.429 -0.508  -5.876  1.00 13.95 ? 175 TYR A CA  1 
ATOM   1272 C C   . TYR A 1 175 ? -11.380 0.646   -5.622  1.00 14.80 ? 175 TYR A C   1 
ATOM   1273 O O   . TYR A 1 175 ? -11.187 1.753   -6.123  1.00 15.15 ? 175 TYR A O   1 
ATOM   1274 C CB  . TYR A 1 175 ? -9.526  -0.628  -4.641  1.00 14.58 ? 175 TYR A CB  1 
ATOM   1275 C CG  . TYR A 1 175 ? -8.482  -1.716  -4.683  1.00 14.40 ? 175 TYR A CG  1 
ATOM   1276 C CD1 . TYR A 1 175 ? -7.322  -1.576  -5.445  1.00 15.46 ? 175 TYR A CD1 1 
ATOM   1277 C CD2 . TYR A 1 175 ? -8.643  -2.878  -3.934  1.00 13.52 ? 175 TYR A CD2 1 
ATOM   1278 C CE1 . TYR A 1 175 ? -6.346  -2.571  -5.456  1.00 15.34 ? 175 TYR A CE1 1 
ATOM   1279 C CE2 . TYR A 1 175 ? -7.683  -3.873  -3.939  1.00 15.72 ? 175 TYR A CE2 1 
ATOM   1280 C CZ  . TYR A 1 175 ? -6.538  -3.714  -4.699  1.00 14.92 ? 175 TYR A CZ  1 
ATOM   1281 O OH  . TYR A 1 175 ? -5.591  -4.703  -4.684  1.00 17.19 ? 175 TYR A OH  1 
ATOM   1282 N N   . ALA A 1 176 ? -12.407 0.371   -4.829  1.00 14.37 ? 176 ALA A N   1 
ATOM   1283 C CA  . ALA A 1 176 ? -13.372 1.384   -4.440  1.00 13.68 ? 176 ALA A CA  1 
ATOM   1284 C C   . ALA A 1 176 ? -13.225 1.481   -2.925  1.00 15.31 ? 176 ALA A C   1 
ATOM   1285 O O   . ALA A 1 176 ? -12.902 0.489   -2.271  1.00 14.76 ? 176 ALA A O   1 
ATOM   1286 C CB  . ALA A 1 176 ? -14.790 0.939   -4.807  1.00 14.59 ? 176 ALA A CB  1 
ATOM   1287 N N   . TYR A 1 177 ? -13.428 2.668   -2.363  1.00 14.98 ? 177 TYR A N   1 
ATOM   1288 C CA  . TYR A 1 177 ? -13.336 2.814   -0.918  1.00 15.65 ? 177 TYR A CA  1 
ATOM   1289 C C   . TYR A 1 177 ? -14.221 3.951   -0.418  1.00 16.39 ? 177 TYR A C   1 
ATOM   1290 O O   . TYR A 1 177 ? -14.710 4.764   -1.203  1.00 15.38 ? 177 TYR A O   1 
ATOM   1291 C CB  . TYR A 1 177 ? -11.875 3.034   -0.490  1.00 16.85 ? 177 TYR A CB  1 
ATOM   1292 C CG  . TYR A 1 177 ? -11.325 4.416   -0.760  1.00 19.57 ? 177 TYR A CG  1 
ATOM   1293 C CD1 . TYR A 1 177 ? -11.462 5.438   0.181   1.00 20.90 ? 177 TYR A CD1 1 
ATOM   1294 C CD2 . TYR A 1 177 ? -10.676 4.708   -1.959  1.00 20.83 ? 177 TYR A CD2 1 
ATOM   1295 C CE1 . TYR A 1 177 ? -10.965 6.717   -0.066  1.00 20.94 ? 177 TYR A CE1 1 
ATOM   1296 C CE2 . TYR A 1 177 ? -10.178 5.987   -2.217  1.00 20.89 ? 177 TYR A CE2 1 
ATOM   1297 C CZ  . TYR A 1 177 ? -10.328 6.984   -1.267  1.00 21.78 ? 177 TYR A CZ  1 
ATOM   1298 O OH  . TYR A 1 177 ? -9.849  8.250   -1.522  1.00 22.98 ? 177 TYR A OH  1 
ATOM   1299 N N   . ASP A 1 178 ? -14.435 3.989   0.892   1.00 16.05 ? 178 ASP A N   1 
ATOM   1300 C CA  . ASP A 1 178 ? -15.254 5.022   1.515   1.00 17.73 ? 178 ASP A CA  1 
ATOM   1301 C C   . ASP A 1 178 ? -14.310 5.978   2.248   1.00 18.85 ? 178 ASP A C   1 
ATOM   1302 O O   . ASP A 1 178 ? -13.539 5.551   3.101   1.00 17.42 ? 178 ASP A O   1 
ATOM   1303 C CB  . ASP A 1 178 ? -16.226 4.373   2.502   1.00 18.38 ? 178 ASP A CB  1 
ATOM   1304 C CG  . ASP A 1 178 ? -17.286 5.336   2.999   1.00 20.43 ? 178 ASP A CG  1 
ATOM   1305 O OD1 . ASP A 1 178 ? -16.926 6.391   3.562   1.00 22.02 ? 178 ASP A OD1 1 
ATOM   1306 O OD2 . ASP A 1 178 ? -18.481 5.033   2.829   1.00 23.23 ? 178 ASP A OD2 1 
ATOM   1307 N N   . SER A 1 179 ? -14.375 7.266   1.916   1.00 21.71 ? 179 SER A N   1 
ATOM   1308 C CA  . SER A 1 179 ? -13.500 8.264   2.533   1.00 23.55 ? 179 SER A CA  1 
ATOM   1309 C C   . SER A 1 179 ? -13.563 8.307   4.059   1.00 25.00 ? 179 SER A C   1 
ATOM   1310 O O   . SER A 1 179 ? -12.668 8.855   4.700   1.00 25.90 ? 179 SER A O   1 
ATOM   1311 C CB  . SER A 1 179 ? -13.803 9.661   1.971   1.00 22.60 ? 179 SER A CB  1 
ATOM   1312 O OG  . SER A 1 179 ? -15.104 10.093  2.330   1.00 24.32 ? 179 SER A OG  1 
ATOM   1313 N N   . ASN A 1 180 ? -14.608 7.729   4.645   1.00 25.22 ? 180 ASN A N   1 
ATOM   1314 C CA  . ASN A 1 180 ? -14.731 7.720   6.099   1.00 26.85 ? 180 ASN A CA  1 
ATOM   1315 C C   . ASN A 1 180 ? -13.784 6.697   6.723   1.00 25.44 ? 180 ASN A C   1 
ATOM   1316 O O   . ASN A 1 180 ? -13.528 6.725   7.925   1.00 26.62 ? 180 ASN A O   1 
ATOM   1317 C CB  . ASN A 1 180 ? -16.175 7.417   6.513   1.00 29.71 ? 180 ASN A CB  1 
ATOM   1318 C CG  . ASN A 1 180 ? -16.371 7.454   8.021   1.00 34.34 ? 180 ASN A CG  1 
ATOM   1319 O OD1 . ASN A 1 180 ? -16.056 6.493   8.727   1.00 36.66 ? 180 ASN A OD1 1 
ATOM   1320 N ND2 . ASN A 1 180 ? -16.884 8.573   8.525   1.00 36.07 ? 180 ASN A ND2 1 
ATOM   1321 N N   . SER A 1 181 ? -13.263 5.798   5.896   1.00 23.27 ? 181 SER A N   1 
ATOM   1322 C CA  . SER A 1 181 ? -12.338 4.760   6.349   1.00 23.38 ? 181 SER A CA  1 
ATOM   1323 C C   . SER A 1 181 ? -11.467 4.444   5.140   1.00 20.66 ? 181 SER A C   1 
ATOM   1324 O O   . SER A 1 181 ? -11.568 3.371   4.549   1.00 19.21 ? 181 SER A O   1 
ATOM   1325 C CB  . SER A 1 181 ? -13.114 3.516   6.782   1.00 25.99 ? 181 SER A CB  1 
ATOM   1326 O OG  . SER A 1 181 ? -12.277 2.605   7.474   1.00 34.08 ? 181 SER A OG  1 
ATOM   1327 N N   . PRO A 1 182 ? -10.592 5.390   4.763   1.00 19.43 ? 182 PRO A N   1 
ATOM   1328 C CA  . PRO A 1 182 ? -9.676  5.301   3.624   1.00 17.19 ? 182 PRO A CA  1 
ATOM   1329 C C   . PRO A 1 182 ? -8.668  4.162   3.532   1.00 15.09 ? 182 PRO A C   1 
ATOM   1330 O O   . PRO A 1 182 ? -8.141  3.917   2.451   1.00 14.02 ? 182 PRO A O   1 
ATOM   1331 C CB  . PRO A 1 182 ? -9.000  6.676   3.624   1.00 19.54 ? 182 PRO A CB  1 
ATOM   1332 C CG  . PRO A 1 182 ? -8.965  7.028   5.064   1.00 20.22 ? 182 PRO A CG  1 
ATOM   1333 C CD  . PRO A 1 182 ? -10.350 6.631   5.524   1.00 21.16 ? 182 PRO A CD  1 
ATOM   1334 N N   . TYR A 1 183 ? -8.391  3.460   4.630   1.00 12.78 ? 183 TYR A N   1 
ATOM   1335 C CA  . TYR A 1 183 ? -7.419  2.368   4.568   1.00 12.47 ? 183 TYR A CA  1 
ATOM   1336 C C   . TYR A 1 183 ? -8.020  0.975   4.382   1.00 12.36 ? 183 TYR A C   1 
ATOM   1337 O O   . TYR A 1 183 ? -7.304  -0.024  4.448   1.00 10.92 ? 183 TYR A O   1 
ATOM   1338 C CB  . TYR A 1 183 ? -6.522  2.372   5.807   1.00 15.67 ? 183 TYR A CB  1 
ATOM   1339 C CG  . TYR A 1 183 ? -5.712  3.638   5.947   1.00 19.55 ? 183 TYR A CG  1 
ATOM   1340 C CD1 . TYR A 1 183 ? -6.267  4.780   6.514   1.00 24.87 ? 183 TYR A CD1 1 
ATOM   1341 C CD2 . TYR A 1 183 ? -4.398  3.702   5.491   1.00 24.72 ? 183 TYR A CD2 1 
ATOM   1342 C CE1 . TYR A 1 183 ? -5.535  5.962   6.627   1.00 27.09 ? 183 TYR A CE1 1 
ATOM   1343 C CE2 . TYR A 1 183 ? -3.654  4.882   5.595   1.00 27.40 ? 183 TYR A CE2 1 
ATOM   1344 C CZ  . TYR A 1 183 ? -4.233  6.005   6.165   1.00 27.52 ? 183 TYR A CZ  1 
ATOM   1345 O OH  . TYR A 1 183 ? -3.515  7.173   6.278   1.00 30.88 ? 183 TYR A OH  1 
ATOM   1346 N N   . GLU A 1 184 ? -9.333  0.913   4.171   1.00 12.36 ? 184 GLU A N   1 
ATOM   1347 C CA  . GLU A 1 184 ? -10.017 -0.359  3.943   1.00 14.16 ? 184 GLU A CA  1 
ATOM   1348 C C   . GLU A 1 184 ? -10.570 -0.264  2.529   1.00 12.74 ? 184 GLU A C   1 
ATOM   1349 O O   . GLU A 1 184 ? -11.399 0.602   2.245   1.00 12.29 ? 184 GLU A O   1 
ATOM   1350 C CB  . GLU A 1 184 ? -11.188 -0.559  4.911   1.00 17.89 ? 184 GLU A CB  1 
ATOM   1351 C CG  . GLU A 1 184 ? -11.230 0.375   6.112   1.00 27.37 ? 184 GLU A CG  1 
ATOM   1352 C CD  . GLU A 1 184 ? -10.128 0.107   7.101   1.00 29.25 ? 184 GLU A CD  1 
ATOM   1353 O OE1 . GLU A 1 184 ? -9.894  -1.080  7.414   1.00 34.67 ? 184 GLU A OE1 1 
ATOM   1354 O OE2 . GLU A 1 184 ? -9.505  1.077   7.574   1.00 28.88 ? 184 GLU A OE2 1 
ATOM   1355 N N   . TRP A 1 185 ? -10.115 -1.146  1.647   1.00 11.34 ? 185 TRP A N   1 
ATOM   1356 C CA  . TRP A 1 185 ? -10.562 -1.120  0.265   1.00 11.57 ? 185 TRP A CA  1 
ATOM   1357 C C   . TRP A 1 185 ? -11.444 -2.308  -0.090  1.00 12.33 ? 185 TRP A C   1 
ATOM   1358 O O   . TRP A 1 185 ? -11.546 -3.276  0.656   1.00 11.72 ? 185 TRP A O   1 
ATOM   1359 C CB  . TRP A 1 185 ? -9.364  -1.105  -0.685  1.00 12.61 ? 185 TRP A CB  1 
ATOM   1360 C CG  . TRP A 1 185 ? -8.426  0.055   -0.504  1.00 15.11 ? 185 TRP A CG  1 
ATOM   1361 C CD1 . TRP A 1 185 ? -8.624  1.169   0.259   1.00 13.36 ? 185 TRP A CD1 1 
ATOM   1362 C CD2 . TRP A 1 185 ? -7.145  0.213   -1.123  1.00 13.39 ? 185 TRP A CD2 1 
ATOM   1363 N NE1 . TRP A 1 185 ? -7.540  2.012   0.155   1.00 15.87 ? 185 TRP A NE1 1 
ATOM   1364 C CE2 . TRP A 1 185 ? -6.618  1.447   -0.688  1.00 14.57 ? 185 TRP A CE2 1 
ATOM   1365 C CE3 . TRP A 1 185 ? -6.389  -0.571  -2.004  1.00 14.86 ? 185 TRP A CE3 1 
ATOM   1366 C CZ2 . TRP A 1 185 ? -5.365  1.919   -1.104  1.00 14.70 ? 185 TRP A CZ2 1 
ATOM   1367 C CZ3 . TRP A 1 185 ? -5.139  -0.101  -2.419  1.00 15.72 ? 185 TRP A CZ3 1 
ATOM   1368 C CH2 . TRP A 1 185 ? -4.644  1.133   -1.966  1.00 15.38 ? 185 TRP A CH2 1 
ATOM   1369 N N   . SER A 1 186 ? -12.079 -2.220  -1.249  1.00 11.86 ? 186 SER A N   1 
ATOM   1370 C CA  . SER A 1 186 ? -12.945 -3.283  -1.732  1.00 12.32 ? 186 SER A CA  1 
ATOM   1371 C C   . SER A 1 186 ? -12.082 -4.426  -2.234  1.00 12.13 ? 186 SER A C   1 
ATOM   1372 O O   . SER A 1 186 ? -10.854 -4.376  -2.163  1.00 13.22 ? 186 SER A O   1 
ATOM   1373 C CB  . SER A 1 186 ? -13.761 -2.773  -2.911  1.00 14.07 ? 186 SER A CB  1 
ATOM   1374 O OG  . SER A 1 186 ? -12.882 -2.452  -3.977  1.00 13.07 ? 186 SER A OG  1 
ATOM   1375 N N   . LEU A 1 187 ? -12.732 -5.465  -2.738  1.00 12.64 ? 187 LEU A N   1 
ATOM   1376 C CA  . LEU A 1 187 ? -12.009 -6.571  -3.338  1.00 11.62 ? 187 LEU A CA  1 
ATOM   1377 C C   . LEU A 1 187 ? -11.390 -5.906  -4.567  1.00 11.53 ? 187 LEU A C   1 
ATOM   1378 O O   . LEU A 1 187 ? -11.946 -4.944  -5.102  1.00 11.21 ? 187 LEU A O   1 
ATOM   1379 C CB  . LEU A 1 187 ? -12.981 -7.664  -3.786  1.00 11.86 ? 187 LEU A CB  1 
ATOM   1380 C CG  . LEU A 1 187 ? -13.592 -8.562  -2.716  1.00 12.74 ? 187 LEU A CG  1 
ATOM   1381 C CD1 . LEU A 1 187 ? -14.789 -9.313  -3.292  1.00 14.30 ? 187 LEU A CD1 1 
ATOM   1382 C CD2 . LEU A 1 187 ? -12.529 -9.527  -2.214  1.00 12.85 ? 187 LEU A CD2 1 
ATOM   1383 N N   . PRO A 1 188 ? -10.239 -6.397  -5.031  1.00 12.35 ? 188 PRO A N   1 
ATOM   1384 C CA  . PRO A 1 188 ? -9.625  -5.777  -6.208  1.00 14.27 ? 188 PRO A CA  1 
ATOM   1385 C C   . PRO A 1 188 ? -10.376 -6.131  -7.488  1.00 14.40 ? 188 PRO A C   1 
ATOM   1386 O O   . PRO A 1 188 ? -10.991 -7.188  -7.580  1.00 15.32 ? 188 PRO A O   1 
ATOM   1387 C CB  . PRO A 1 188 ? -8.220  -6.360  -6.202  1.00 13.17 ? 188 PRO A CB  1 
ATOM   1388 C CG  . PRO A 1 188 ? -8.459  -7.752  -5.688  1.00 13.18 ? 188 PRO A CG  1 
ATOM   1389 C CD  . PRO A 1 188 ? -9.431  -7.529  -4.545  1.00 13.79 ? 188 PRO A CD  1 
ATOM   1390 N N   . SER A 1 189 ? -10.332 -5.243  -8.472  1.00 15.49 ? 189 SER A N   1 
ATOM   1391 C CA  . SER A 1 189 ? -10.986 -5.517  -9.745  1.00 15.77 ? 189 SER A CA  1 
ATOM   1392 C C   . SER A 1 189 ? -10.136 -6.587  -10.413 1.00 16.42 ? 189 SER A C   1 
ATOM   1393 O O   . SER A 1 189 ? -9.020  -6.871  -9.960  1.00 14.73 ? 189 SER A O   1 
ATOM   1394 C CB  . SER A 1 189 ? -10.983 -4.270  -10.632 1.00 16.48 ? 189 SER A CB  1 
ATOM   1395 O OG  . SER A 1 189 ? -9.656  -3.946  -11.020 1.00 16.57 ? 189 SER A OG  1 
ATOM   1396 N N   . ASP A 1 190 ? -10.656 -7.187  -11.478 1.00 18.09 ? 190 ASP A N   1 
ATOM   1397 C CA  . ASP A 1 190 ? -9.889  -8.183  -12.201 1.00 19.42 ? 190 ASP A CA  1 
ATOM   1398 C C   . ASP A 1 190 ? -8.679  -7.441  -12.765 1.00 19.51 ? 190 ASP A C   1 
ATOM   1399 O O   . ASP A 1 190 ? -8.740  -6.236  -13.019 1.00 16.74 ? 190 ASP A O   1 
ATOM   1400 C CB  . ASP A 1 190 ? -10.710 -8.795  -13.349 1.00 22.44 ? 190 ASP A CB  1 
ATOM   1401 C CG  . ASP A 1 190 ? -11.840 -9.698  -12.858 1.00 24.38 ? 190 ASP A CG  1 
ATOM   1402 O OD1 . ASP A 1 190 ? -11.677 -10.349 -11.807 1.00 25.90 ? 190 ASP A OD1 1 
ATOM   1403 O OD2 . ASP A 1 190 ? -12.886 -9.774  -13.535 1.00 28.26 ? 190 ASP A OD2 1 
ATOM   1404 N N   . LEU A 1 191 ? -7.579  -8.158  -12.946 1.00 20.46 ? 191 LEU A N   1 
ATOM   1405 C CA  . LEU A 1 191 ? -6.360  -7.565  -13.474 1.00 21.49 ? 191 LEU A CA  1 
ATOM   1406 C C   . LEU A 1 191 ? -6.544  -7.153  -14.931 1.00 20.65 ? 191 LEU A C   1 
ATOM   1407 O O   . LEU A 1 191 ? -7.059  -7.922  -15.742 1.00 20.12 ? 191 LEU A O   1 
ATOM   1408 C CB  . LEU A 1 191 ? -5.204  -8.565  -13.365 1.00 23.55 ? 191 LEU A CB  1 
ATOM   1409 C CG  . LEU A 1 191 ? -3.821  -8.092  -13.820 1.00 26.48 ? 191 LEU A CG  1 
ATOM   1410 C CD1 . LEU A 1 191 ? -3.307  -7.021  -12.870 1.00 28.56 ? 191 LEU A CD1 1 
ATOM   1411 C CD2 . LEU A 1 191 ? -2.860  -9.272  -13.850 1.00 28.85 ? 191 LEU A CD2 1 
ATOM   1412 N N   . LEU A 1 192 ? -6.137  -5.929  -15.254 1.00 20.56 ? 192 LEU A N   1 
ATOM   1413 C CA  . LEU A 1 192 ? -6.236  -5.432  -16.623 1.00 21.73 ? 192 LEU A CA  1 
ATOM   1414 C C   . LEU A 1 192 ? -4.830  -5.264  -17.182 1.00 21.90 ? 192 LEU A C   1 
ATOM   1415 O O   . LEU A 1 192 ? -4.003  -4.555  -16.611 1.00 20.79 ? 192 LEU A O   1 
ATOM   1416 C CB  . LEU A 1 192 ? -6.962  -4.085  -16.675 1.00 23.26 ? 192 LEU A CB  1 
ATOM   1417 C CG  . LEU A 1 192 ? -6.990  -3.441  -18.070 1.00 25.27 ? 192 LEU A CG  1 
ATOM   1418 C CD1 . LEU A 1 192 ? -7.709  -4.362  -19.043 1.00 25.28 ? 192 LEU A CD1 1 
ATOM   1419 C CD2 . LEU A 1 192 ? -7.674  -2.087  -18.013 1.00 27.25 ? 192 LEU A CD2 1 
ATOM   1420 N N   . GLU A 1 193 ? -4.563  -5.923  -18.299 1.00 21.31 ? 193 GLU A N   1 
ATOM   1421 C CA  . GLU A 1 193 ? -3.257  -5.844  -18.932 1.00 23.30 ? 193 GLU A CA  1 
ATOM   1422 C C   . GLU A 1 193 ? -3.328  -4.999  -20.195 1.00 22.55 ? 193 GLU A C   1 
ATOM   1423 O O   . GLU A 1 193 ? -4.154  -5.249  -21.070 1.00 22.15 ? 193 GLU A O   1 
ATOM   1424 C CB  . GLU A 1 193 ? -2.769  -7.251  -19.281 1.00 26.74 ? 193 GLU A CB  1 
ATOM   1425 C CG  . GLU A 1 193 ? -1.467  -7.295  -20.064 1.00 32.98 ? 193 GLU A CG  1 
ATOM   1426 C CD  . GLU A 1 193 ? -1.046  -8.715  -20.405 1.00 36.26 ? 193 GLU A CD  1 
ATOM   1427 O OE1 . GLU A 1 193 ? -0.772  -9.498  -19.472 1.00 40.56 ? 193 GLU A OE1 1 
ATOM   1428 O OE2 . GLU A 1 193 ? -0.993  -9.051  -21.606 1.00 40.36 ? 193 GLU A OE2 1 
ATOM   1429 N N   . LEU A 1 194 ? -2.481  -3.981  -20.281 1.00 20.72 ? 194 LEU A N   1 
ATOM   1430 C CA  . LEU A 1 194 ? -2.454  -3.144  -21.470 1.00 20.41 ? 194 LEU A CA  1 
ATOM   1431 C C   . LEU A 1 194 ? -1.445  -3.763  -22.430 1.00 20.87 ? 194 LEU A C   1 
ATOM   1432 O O   . LEU A 1 194 ? -0.362  -4.172  -22.017 1.00 22.42 ? 194 LEU A O   1 
ATOM   1433 C CB  . LEU A 1 194 ? -2.029  -1.714  -21.128 1.00 21.91 ? 194 LEU A CB  1 
ATOM   1434 C CG  . LEU A 1 194 ? -2.935  -0.908  -20.199 1.00 21.42 ? 194 LEU A CG  1 
ATOM   1435 C CD1 . LEU A 1 194 ? -2.390  0.511   -20.066 1.00 23.34 ? 194 LEU A CD1 1 
ATOM   1436 C CD2 . LEU A 1 194 ? -4.354  -0.882  -20.752 1.00 25.24 ? 194 LEU A CD2 1 
ATOM   1437 N N   . LEU A 1 195 ? -1.810  -3.851  -23.702 1.00 20.26 ? 195 LEU A N   1 
ATOM   1438 C CA  . LEU A 1 195 ? -0.920  -4.415  -24.710 1.00 20.21 ? 195 LEU A CA  1 
ATOM   1439 C C   . LEU A 1 195 ? -0.398  -3.258  -25.551 1.00 18.76 ? 195 LEU A C   1 
ATOM   1440 O O   . LEU A 1 195 ? -1.152  -2.614  -26.274 1.00 19.91 ? 195 LEU A O   1 
ATOM   1441 C CB  . LEU A 1 195 ? -1.674  -5.418  -25.590 1.00 21.78 ? 195 LEU A CB  1 
ATOM   1442 C CG  . LEU A 1 195 ? -2.307  -6.624  -24.888 1.00 24.69 ? 195 LEU A CG  1 
ATOM   1443 C CD1 . LEU A 1 195 ? -3.486  -6.171  -24.043 1.00 28.48 ? 195 LEU A CD1 1 
ATOM   1444 C CD2 . LEU A 1 195 ? -2.779  -7.634  -25.924 1.00 25.20 ? 195 LEU A CD2 1 
ATOM   1445 N N   . VAL A 1 196 ? 0.898   -3.001  -25.449 1.00 17.37 ? 196 VAL A N   1 
ATOM   1446 C CA  . VAL A 1 196 ? 1.507   -1.899  -26.172 1.00 18.37 ? 196 VAL A CA  1 
ATOM   1447 C C   . VAL A 1 196 ? 2.140   -2.369  -27.469 1.00 18.59 ? 196 VAL A C   1 
ATOM   1448 O O   . VAL A 1 196 ? 3.081   -3.159  -27.456 1.00 16.64 ? 196 VAL A O   1 
ATOM   1449 C CB  . VAL A 1 196 ? 2.572   -1.210  -25.299 1.00 18.36 ? 196 VAL A CB  1 
ATOM   1450 C CG1 . VAL A 1 196 ? 3.056   0.066   -25.967 1.00 17.84 ? 196 VAL A CG1 1 
ATOM   1451 C CG2 . VAL A 1 196 ? 1.984   -0.910  -23.924 1.00 19.22 ? 196 VAL A CG2 1 
ATOM   1452 N N   . LEU A 1 197 ? 1.620   -1.882  -28.590 1.00 20.24 ? 197 LEU A N   1 
ATOM   1453 C CA  . LEU A 1 197 ? 2.156   -2.281  -29.880 1.00 25.83 ? 197 LEU A CA  1 
ATOM   1454 C C   . LEU A 1 197 ? 3.579   -1.770  -30.011 1.00 30.65 ? 197 LEU A C   1 
ATOM   1455 O O   . LEU A 1 197 ? 3.810   -0.581  -30.238 1.00 30.56 ? 197 LEU A O   1 
ATOM   1456 C CB  . LEU A 1 197 ? 1.296   -1.746  -31.028 1.00 23.16 ? 197 LEU A CB  1 
ATOM   1457 C CG  . LEU A 1 197 ? 1.780   -2.145  -32.429 1.00 23.61 ? 197 LEU A CG  1 
ATOM   1458 C CD1 . LEU A 1 197 ? 2.055   -3.647  -32.481 1.00 22.59 ? 197 LEU A CD1 1 
ATOM   1459 C CD2 . LEU A 1 197 ? 0.733   -1.754  -33.467 1.00 21.97 ? 197 LEU A CD2 1 
ATOM   1460 N N   . GLY A 1 198 ? 4.519   -2.696  -29.854 1.00 35.38 ? 198 GLY A N   1 
ATOM   1461 C CA  . GLY A 1 198 ? 5.933   -2.387  -29.934 1.00 40.84 ? 198 GLY A CA  1 
ATOM   1462 C C   . GLY A 1 198 ? 6.742   -3.667  -29.834 1.00 43.76 ? 198 GLY A C   1 
ATOM   1463 O O   . GLY A 1 198 ? 6.433   -4.618  -30.583 1.00 46.21 ? 198 GLY A O   1 
ATOM   1464 O OXT . GLY A 1 198 ? 7.684   -3.728  -29.013 1.00 45.91 ? 198 GLY A OXT 1 
HETATM 1465 O O   . HOH B 2 .   ? 19.734  -4.102  12.158  1.00 15.78 ? 199 HOH A O   1 
HETATM 1466 O O   . HOH B 2 .   ? 1.577   2.887   17.727  1.00 11.35 ? 200 HOH A O   1 
HETATM 1467 O O   . HOH B 2 .   ? 18.342  11.870  18.894  1.00 14.05 ? 201 HOH A O   1 
HETATM 1468 O O   . HOH B 2 .   ? -2.821  6.008   10.865  1.00 13.75 ? 202 HOH A O   1 
HETATM 1469 O O   . HOH B 2 .   ? 6.868   -12.900 9.919   1.00 16.50 ? 203 HOH A O   1 
HETATM 1470 O O   . HOH B 2 .   ? 18.249  10.409  10.936  1.00 20.21 ? 204 HOH A O   1 
HETATM 1471 O O   . HOH B 2 .   ? 30.720  -0.682  13.128  1.00 16.60 ? 205 HOH A O   1 
HETATM 1472 O O   . HOH B 2 .   ? -9.386  -8.646  -1.085  1.00 14.87 ? 206 HOH A O   1 
HETATM 1473 O O   . HOH B 2 .   ? 1.412   5.562   17.786  1.00 14.23 ? 207 HOH A O   1 
HETATM 1474 O O   . HOH B 2 .   ? -13.368 2.229   2.962   1.00 11.64 ? 208 HOH A O   1 
HETATM 1475 O O   . HOH B 2 .   ? 0.630   -8.415  17.399  1.00 15.85 ? 209 HOH A O   1 
HETATM 1476 O O   . HOH B 2 .   ? 12.436  5.759   4.872   1.00 15.28 ? 210 HOH A O   1 
HETATM 1477 O O   . HOH B 2 .   ? 2.042   -10.535 16.213  1.00 17.87 ? 211 HOH A O   1 
HETATM 1478 O O   . HOH B 2 .   ? 8.815   10.129  15.589  1.00 15.74 ? 212 HOH A O   1 
HETATM 1479 O O   . HOH B 2 .   ? 20.387  -0.195  18.231  1.00 14.93 ? 213 HOH A O   1 
HETATM 1480 O O   . HOH B 2 .   ? -7.300  0.788   11.617  1.00 16.64 ? 214 HOH A O   1 
HETATM 1481 O O   . HOH B 2 .   ? 6.883   -4.678  21.045  1.00 21.41 ? 215 HOH A O   1 
HETATM 1482 O O   . HOH B 2 .   ? 28.133  -5.659  16.501  1.00 25.52 ? 216 HOH A O   1 
HETATM 1483 O O   . HOH B 2 .   ? -13.490 -6.654  -11.950 1.00 15.08 ? 217 HOH A O   1 
HETATM 1484 O O   . HOH B 2 .   ? -17.581 -8.655  -5.811  1.00 19.64 ? 218 HOH A O   1 
HETATM 1485 O O   . HOH B 2 .   ? 13.270  -1.199  20.598  1.00 14.88 ? 219 HOH A O   1 
HETATM 1486 O O   . HOH B 2 .   ? -3.263  -4.062  -5.770  1.00 25.56 ? 220 HOH A O   1 
HETATM 1487 O O   . HOH B 2 .   ? 14.544  7.662   26.012  1.00 19.52 ? 221 HOH A O   1 
HETATM 1488 O O   . HOH B 2 .   ? -3.785  -3.120  17.444  1.00 19.96 ? 222 HOH A O   1 
HETATM 1489 O O   . HOH B 2 .   ? -12.390 -5.541  -14.411 1.00 28.57 ? 223 HOH A O   1 
HETATM 1490 O O   . HOH B 2 .   ? -5.404  2.606   20.271  1.00 25.95 ? 224 HOH A O   1 
HETATM 1491 O O   . HOH B 2 .   ? 7.858   -0.077  18.957  1.00 25.72 ? 225 HOH A O   1 
HETATM 1492 O O   . HOH B 2 .   ? 2.019   6.942   -30.018 1.00 23.62 ? 226 HOH A O   1 
HETATM 1493 O O   . HOH B 2 .   ? 18.496  12.495  21.534  1.00 15.34 ? 227 HOH A O   1 
HETATM 1494 O O   . HOH B 2 .   ? 3.868   1.798   18.761  1.00 23.14 ? 228 HOH A O   1 
HETATM 1495 O O   . HOH B 2 .   ? 15.467  -9.293  10.051  1.00 20.36 ? 229 HOH A O   1 
HETATM 1496 O O   . HOH B 2 .   ? 11.099  3.560   3.776   1.00 17.69 ? 230 HOH A O   1 
HETATM 1497 O O   . HOH B 2 .   ? 3.828   11.641  11.648  1.00 25.84 ? 231 HOH A O   1 
HETATM 1498 O O   . HOH B 2 .   ? 8.042   3.342   4.062   1.00 18.84 ? 232 HOH A O   1 
HETATM 1499 O O   . HOH B 2 .   ? 11.371  12.150  12.332  1.00 18.45 ? 233 HOH A O   1 
HETATM 1500 O O   . HOH B 2 .   ? -3.512  -15.765 8.507   1.00 15.69 ? 234 HOH A O   1 
HETATM 1501 O O   . HOH B 2 .   ? 12.142  11.593  26.572  1.00 28.25 ? 235 HOH A O   1 
HETATM 1502 O O   . HOH B 2 .   ? 6.031   -2.229  1.459   1.00 24.94 ? 236 HOH A O   1 
HETATM 1503 O O   . HOH B 2 .   ? -22.952 2.544   -1.550  1.00 23.74 ? 237 HOH A O   1 
HETATM 1504 O O   . HOH B 2 .   ? 0.084   1.337   0.519   1.00 25.82 ? 238 HOH A O   1 
HETATM 1505 O O   . HOH B 2 .   ? 13.926  -6.113  9.236   1.00 29.45 ? 239 HOH A O   1 
HETATM 1506 O O   . HOH B 2 .   ? 3.932   4.010   -31.695 1.00 21.38 ? 240 HOH A O   1 
HETATM 1507 O O   . HOH B 2 .   ? 8.556   -12.332 12.024  1.00 20.71 ? 241 HOH A O   1 
HETATM 1508 O O   . HOH B 2 .   ? 3.868   -4.192  -22.665 1.00 41.54 ? 242 HOH A O   1 
HETATM 1509 O O   . HOH B 2 .   ? 2.769   1.701   -32.601 1.00 20.61 ? 243 HOH A O   1 
HETATM 1510 O O   . HOH B 2 .   ? -10.706 -2.698  -21.352 1.00 21.25 ? 244 HOH A O   1 
HETATM 1511 O O   . HOH B 2 .   ? -1.589  10.418  9.507   1.00 26.58 ? 245 HOH A O   1 
HETATM 1512 O O   . HOH B 2 .   ? 3.233   0.401   -35.015 1.00 23.70 ? 246 HOH A O   1 
HETATM 1513 O O   . HOH B 2 .   ? 2.697   2.932   1.637   1.00 22.48 ? 247 HOH A O   1 
HETATM 1514 O O   . HOH B 2 .   ? -13.411 -0.396  -23.196 1.00 44.27 ? 248 HOH A O   1 
HETATM 1515 O O   . HOH B 2 .   ? -6.655  -8.172  -19.243 1.00 31.59 ? 249 HOH A O   1 
HETATM 1516 O O   . HOH B 2 .   ? -3.849  6.933   20.248  1.00 23.11 ? 250 HOH A O   1 
HETATM 1517 O O   . HOH B 2 .   ? 12.625  7.545   23.414  1.00 24.68 ? 251 HOH A O   1 
HETATM 1518 O O   . HOH B 2 .   ? -3.825  8.017   9.581   1.00 27.94 ? 252 HOH A O   1 
HETATM 1519 O O   . HOH B 2 .   ? -11.310 -9.652  -6.717  1.00 31.67 ? 253 HOH A O   1 
HETATM 1520 O O   . HOH B 2 .   ? -10.632 -7.702  10.249  1.00 31.52 ? 254 HOH A O   1 
HETATM 1521 O O   . HOH B 2 .   ? -7.588  -10.862 -12.291 1.00 27.99 ? 255 HOH A O   1 
HETATM 1522 O O   . HOH B 2 .   ? 2.748   -5.243  -24.860 1.00 39.91 ? 256 HOH A O   1 
HETATM 1523 O O   . HOH B 2 .   ? 16.095  -5.072  10.056  1.00 38.88 ? 257 HOH A O   1 
HETATM 1524 O O   . HOH B 2 .   ? -7.884  1.369   14.089  1.00 35.28 ? 258 HOH A O   1 
HETATM 1525 O O   . HOH B 2 .   ? -0.335  -11.988 2.873   1.00 21.87 ? 259 HOH A O   1 
HETATM 1526 O O   . HOH B 2 .   ? 5.227   -11.915 5.946   1.00 29.77 ? 260 HOH A O   1 
HETATM 1527 O O   . HOH B 2 .   ? 16.886  -11.251 17.977  1.00 28.34 ? 261 HOH A O   1 
HETATM 1528 O O   . HOH B 2 .   ? -5.759  -6.910  -2.719  1.00 26.77 ? 262 HOH A O   1 
HETATM 1529 O O   . HOH B 2 .   ? 12.183  -15.439 20.578  1.00 42.53 ? 263 HOH A O   1 
HETATM 1530 O O   . HOH B 2 .   ? -5.204  10.081  -13.458 1.00 31.32 ? 264 HOH A O   1 
HETATM 1531 O O   . HOH B 2 .   ? -17.852 -4.975  -10.769 1.00 32.71 ? 265 HOH A O   1 
HETATM 1532 O O   . HOH B 2 .   ? -5.237  10.469  -21.159 1.00 43.75 ? 266 HOH A O   1 
HETATM 1533 O O   . HOH B 2 .   ? 25.060  0.160   12.395  1.00 19.35 ? 267 HOH A O   1 
HETATM 1534 O O   . HOH B 2 .   ? -19.029 -2.355  -11.708 1.00 33.12 ? 268 HOH A O   1 
HETATM 1535 O O   . HOH B 2 .   ? -9.643  -11.983 2.614   1.00 28.43 ? 269 HOH A O   1 
HETATM 1536 O O   . HOH B 2 .   ? 0.670   -6.140  -1.493  1.00 29.65 ? 270 HOH A O   1 
HETATM 1537 O O   . HOH B 2 .   ? -3.101  -10.808 16.244  1.00 35.70 ? 271 HOH A O   1 
HETATM 1538 O O   . HOH B 2 .   ? 10.022  -11.297 7.188   1.00 45.23 ? 272 HOH A O   1 
HETATM 1539 O O   . HOH B 2 .   ? 19.119  9.936   6.902   1.00 32.35 ? 273 HOH A O   1 
HETATM 1540 O O   . HOH B 2 .   ? -16.973 -1.777  -6.236  1.00 24.02 ? 274 HOH A O   1 
HETATM 1541 O O   . HOH B 2 .   ? 9.935   -10.135 24.476  1.00 29.30 ? 275 HOH A O   1 
HETATM 1542 O O   . HOH B 2 .   ? 1.341   6.446   -16.161 1.00 28.50 ? 276 HOH A O   1 
HETATM 1543 O O   . HOH B 2 .   ? 19.726  2.775   21.315  1.00 30.34 ? 277 HOH A O   1 
HETATM 1544 O O   . HOH B 2 .   ? 19.582  -6.907  14.959  1.00 28.38 ? 278 HOH A O   1 
HETATM 1545 O O   . HOH B 2 .   ? 13.245  -9.951  4.245   1.00 29.86 ? 279 HOH A O   1 
HETATM 1546 O O   . HOH B 2 .   ? 1.127   11.760  13.129  1.00 26.25 ? 280 HOH A O   1 
HETATM 1547 O O   . HOH B 2 .   ? -1.202  -2.491  24.701  1.00 30.80 ? 281 HOH A O   1 
HETATM 1548 O O   . HOH B 2 .   ? -3.254  -7.777  -1.951  1.00 29.18 ? 282 HOH A O   1 
HETATM 1549 O O   . HOH B 2 .   ? -5.920  -6.896  -22.120 1.00 35.36 ? 283 HOH A O   1 
HETATM 1550 O O   . HOH B 2 .   ? -12.874 -1.207  -27.085 1.00 31.28 ? 284 HOH A O   1 
HETATM 1551 O O   . HOH B 2 .   ? -2.501  11.819  17.636  1.00 34.80 ? 285 HOH A O   1 
HETATM 1552 O O   . HOH B 2 .   ? 11.705  8.966   20.987  1.00 30.19 ? 286 HOH A O   1 
HETATM 1553 O O   . HOH B 2 .   ? 6.429   6.491   1.560   1.00 34.61 ? 287 HOH A O   1 
HETATM 1554 O O   . HOH B 2 .   ? 13.443  12.470  5.573   1.00 48.56 ? 288 HOH A O   1 
HETATM 1555 O O   . HOH B 2 .   ? 14.722  -13.843 10.674  1.00 27.02 ? 289 HOH A O   1 
HETATM 1556 O O   . HOH B 2 .   ? 16.163  5.754   4.291   1.00 45.98 ? 290 HOH A O   1 
HETATM 1557 O O   . HOH B 2 .   ? 1.751   -4.601  -20.428 1.00 28.43 ? 291 HOH A O   1 
HETATM 1558 O O   . HOH B 2 .   ? -11.546 10.922  -1.235  1.00 42.59 ? 292 HOH A O   1 
HETATM 1559 O O   . HOH B 2 .   ? -2.072  -8.800  17.738  1.00 28.79 ? 293 HOH A O   1 
HETATM 1560 O O   . HOH B 2 .   ? -3.882  9.474   5.126   1.00 33.06 ? 294 HOH A O   1 
HETATM 1561 O O   . HOH B 2 .   ? 11.552  -14.333 12.009  1.00 36.04 ? 295 HOH A O   1 
HETATM 1562 O O   . HOH B 2 .   ? -8.261  -10.492 -15.807 1.00 42.12 ? 296 HOH A O   1 
HETATM 1563 O O   . HOH B 2 .   ? -10.514 1.064   14.345  1.00 41.08 ? 297 HOH A O   1 
HETATM 1564 O O   . HOH B 2 .   ? 17.020  -5.971  8.017   1.00 39.21 ? 298 HOH A O   1 
HETATM 1565 O O   . HOH B 2 .   ? 6.212   -9.621  -2.453  1.00 40.35 ? 299 HOH A O   1 
HETATM 1566 O O   . HOH B 2 .   ? -18.551 8.599   2.882   1.00 34.84 ? 300 HOH A O   1 
HETATM 1567 O O   . HOH B 2 .   ? 10.949  11.431  8.041   1.00 38.42 ? 301 HOH A O   1 
HETATM 1568 O O   . HOH B 2 .   ? 6.692   -5.239  23.979  1.00 40.00 ? 302 HOH A O   1 
HETATM 1569 O O   . HOH B 2 .   ? 14.447  -11.772 5.957   1.00 51.85 ? 303 HOH A O   1 
HETATM 1570 O O   . HOH B 2 .   ? -14.990 -0.174  -16.129 1.00 26.21 ? 304 HOH A O   1 
HETATM 1571 O O   . HOH B 2 .   ? 1.190   3.748   -3.747  1.00 38.35 ? 305 HOH A O   1 
HETATM 1572 O O   . HOH B 2 .   ? -3.009  -11.518 13.772  1.00 33.97 ? 306 HOH A O   1 
HETATM 1573 O O   . HOH B 2 .   ? 8.826   -6.498  23.095  1.00 29.74 ? 307 HOH A O   1 
HETATM 1574 O O   . HOH B 2 .   ? 18.205  3.416   23.771  1.00 32.99 ? 308 HOH A O   1 
HETATM 1575 O O   . HOH B 2 .   ? -10.666 -10.117 -9.422  1.00 36.46 ? 309 HOH A O   1 
HETATM 1576 O O   . HOH B 2 .   ? -6.183  1.915   -28.114 1.00 37.18 ? 310 HOH A O   1 
HETATM 1577 O O   . HOH B 2 .   ? -13.092 -10.138 1.969   1.00 27.39 ? 311 HOH A O   1 
HETATM 1578 O O   . HOH B 2 .   ? -12.884 -9.974  5.385   1.00 40.03 ? 312 HOH A O   1 
HETATM 1579 O O   . HOH B 2 .   ? 13.060  -15.689 14.128  1.00 46.14 ? 313 HOH A O   1 
HETATM 1580 O O   . HOH B 2 .   ? -19.258 -3.197  -8.396  1.00 30.88 ? 314 HOH A O   1 
HETATM 1581 O O   . HOH B 2 .   ? -7.093  -14.146 3.892   1.00 40.87 ? 315 HOH A O   1 
HETATM 1582 O O   . HOH B 2 .   ? -5.736  5.277   0.407   1.00 40.05 ? 316 HOH A O   1 
HETATM 1583 O O   . HOH B 2 .   ? -10.439 -5.252  13.476  1.00 20.70 ? 317 HOH A O   1 
HETATM 1584 O O   . HOH B 2 .   ? 0.738   4.270   -14.383 1.00 37.04 ? 318 HOH A O   1 
HETATM 1585 O O   . HOH B 2 .   ? -4.597  7.155   1.769   1.00 40.84 ? 319 HOH A O   1 
HETATM 1586 O O   . HOH B 2 .   ? 27.663  -0.368  11.496  1.00 28.80 ? 320 HOH A O   1 
HETATM 1587 O O   . HOH B 2 .   ? -7.754  -15.453 10.617  1.00 37.47 ? 321 HOH A O   1 
HETATM 1588 O O   . HOH B 2 .   ? 1.896   11.350  -22.832 1.00 50.50 ? 322 HOH A O   1 
HETATM 1589 O O   . HOH B 2 .   ? -9.218  10.954  -11.569 1.00 35.20 ? 323 HOH A O   1 
HETATM 1590 O O   . HOH B 2 .   ? -10.113 -11.234 -5.067  1.00 26.58 ? 324 HOH A O   1 
HETATM 1591 O O   . HOH B 2 .   ? 9.413   12.257  14.279  1.00 25.36 ? 325 HOH A O   1 
HETATM 1592 O O   . HOH B 2 .   ? -2.615  -10.507 0.776   1.00 25.32 ? 326 HOH A O   1 
HETATM 1593 O O   . HOH B 2 .   ? -8.679  -10.484 -2.872  1.00 29.76 ? 327 HOH A O   1 
HETATM 1594 O O   . HOH B 2 .   ? 13.743  10.204  28.110  1.00 33.80 ? 328 HOH A O   1 
HETATM 1595 O O   . HOH B 2 .   ? 14.958  -3.447  21.047  1.00 30.99 ? 329 HOH A O   1 
HETATM 1596 O O   . HOH B 2 .   ? -10.692 -10.580 0.635   1.00 24.74 ? 330 HOH A O   1 
HETATM 1597 O O   . HOH B 2 .   ? 11.972  -18.533 20.033  1.00 33.34 ? 331 HOH A O   1 
HETATM 1598 O O   . HOH B 2 .   ? 31.195  1.725   11.966  1.00 31.89 ? 332 HOH A O   1 
HETATM 1599 O O   . HOH B 2 .   ? 6.288   4.943   -32.634 1.00 40.26 ? 333 HOH A O   1 
HETATM 1600 O O   . HOH B 2 .   ? -12.709 10.821  -12.155 1.00 34.28 ? 334 HOH A O   1 
HETATM 1601 O O   . HOH B 2 .   ? 6.170   -12.176 1.829   1.00 34.87 ? 335 HOH A O   1 
HETATM 1602 O O   . HOH B 2 .   ? -13.661 -11.117 -6.735  1.00 36.79 ? 336 HOH A O   1 
HETATM 1603 O O   . HOH B 2 .   ? -11.513 -1.512  -29.454 1.00 34.51 ? 337 HOH A O   1 
HETATM 1604 O O   . HOH B 2 .   ? -5.578  -9.696  -4.037  1.00 36.66 ? 338 HOH A O   1 
HETATM 1605 O O   . HOH B 2 .   ? -4.481  -5.513  19.779  1.00 44.13 ? 339 HOH A O   1 
HETATM 1606 O O   . HOH B 2 .   ? -18.708 6.200   0.106   1.00 35.73 ? 340 HOH A O   1 
HETATM 1607 O O   . HOH B 2 .   ? -0.394  10.339  -17.984 1.00 46.63 ? 341 HOH A O   1 
HETATM 1608 O O   . HOH B 2 .   ? 7.067   5.820   -22.661 1.00 50.49 ? 342 HOH A O   1 
HETATM 1609 O O   . HOH B 2 .   ? 21.350  11.358  9.862   1.00 48.09 ? 343 HOH A O   1 
HETATM 1610 O O   . HOH B 2 .   ? -5.774  4.875   11.928  1.00 43.36 ? 344 HOH A O   1 
HETATM 1611 O O   . HOH B 2 .   ? -10.009 -5.504  -15.545 1.00 31.35 ? 345 HOH A O   1 
HETATM 1612 O O   . HOH B 2 .   ? -3.984  10.685  7.910   1.00 35.45 ? 346 HOH A O   1 
HETATM 1613 O O   . HOH B 2 .   ? -3.031  5.446   -2.415  1.00 45.79 ? 347 HOH A O   1 
HETATM 1614 O O   . HOH B 2 .   ? -11.525 11.616  -6.395  1.00 50.73 ? 348 HOH A O   1 
HETATM 1615 O O   . HOH B 2 .   ? 2.703   9.542   1.698   1.00 49.25 ? 349 HOH A O   1 
HETATM 1616 O O   . HOH B 2 .   ? -14.099 2.471   -24.994 1.00 46.11 ? 350 HOH A O   1 
HETATM 1617 O O   . HOH B 2 .   ? -6.731  0.561   19.515  1.00 42.76 ? 351 HOH A O   1 
HETATM 1618 O O   . HOH B 2 .   ? 20.184  2.620   25.398  1.00 42.84 ? 352 HOH A O   1 
HETATM 1619 O O   . HOH B 2 .   ? -16.425 -12.027 -11.705 1.00 48.53 ? 353 HOH A O   1 
HETATM 1620 O O   . HOH B 2 .   ? 1.008   12.492  -20.609 1.00 30.97 ? 354 HOH A O   1 
HETATM 1621 O O   . HOH B 2 .   ? -11.014 0.282   17.397  1.00 42.93 ? 355 HOH A O   1 
HETATM 1622 O O   . HOH B 2 .   ? 7.026   10.950  2.978   1.00 49.17 ? 356 HOH A O   1 
HETATM 1623 O O   . HOH B 2 .   ? 10.666  3.348   -23.170 1.00 42.32 ? 357 HOH A O   1 
HETATM 1624 O O   . HOH B 2 .   ? 7.763   -12.083 4.978   1.00 40.88 ? 358 HOH A O   1 
HETATM 1625 O O   . HOH B 2 .   ? 10.957  -2.280  22.364  1.00 32.23 ? 359 HOH A O   1 
HETATM 1626 O O   . HOH B 2 .   ? -2.081  11.428  20.196  1.00 38.15 ? 360 HOH A O   1 
HETATM 1627 O O   . HOH B 2 .   ? 5.653   -12.408 -2.033  1.00 44.46 ? 361 HOH A O   1 
HETATM 1628 O O   . HOH B 2 .   ? -16.224 -10.989 -6.434  1.00 40.21 ? 362 HOH A O   1 
HETATM 1629 O O   . HOH B 2 .   ? 5.055   3.423   -10.821 1.00 45.77 ? 363 HOH A O   1 
HETATM 1630 O O   . HOH B 2 .   ? -19.273 5.656   5.938   1.00 38.59 ? 364 HOH A O   1 
HETATM 1631 O O   . HOH B 2 .   ? -10.468 -11.914 10.746  1.00 67.08 ? 365 HOH A O   1 
HETATM 1632 O O   . HOH B 2 .   ? 26.343  6.020   10.272  1.00 32.60 ? 366 HOH A O   1 
HETATM 1633 O O   . HOH B 2 .   ? 21.240  11.226  13.031  1.00 32.57 ? 367 HOH A O   1 
HETATM 1634 O O   . HOH B 2 .   ? 23.099  -0.041  13.451  1.00 91.62 ? 368 HOH A O   1 
HETATM 1635 O O   . HOH B 2 .   ? 15.957  5.586   28.649  1.00 44.72 ? 369 HOH A O   1 
HETATM 1636 O O   . HOH B 2 .   ? 22.305  2.763   23.944  1.00 32.87 ? 370 HOH A O   1 
HETATM 1637 O O   . HOH B 2 .   ? 15.966  1.669   23.355  1.00 32.31 ? 371 HOH A O   1 
HETATM 1638 O O   . HOH B 2 .   ? 20.920  4.751   19.429  1.00 22.18 ? 372 HOH A O   1 
HETATM 1639 O O   . HOH B 2 .   ? -9.662  -7.490  -17.380 1.00 37.85 ? 373 HOH A O   1 
# 
